data_2KFT
#
_entry.id   2KFT
#
loop_
_entity.id
_entity.type
_entity.pdbx_description
1 polymer 'Autoimmune regulator'
2 polymer 'Histone H3'
3 non-polymer 'ZINC ION'
#
loop_
_entity_poly.entity_id
_entity_poly.type
_entity_poly.pdbx_seq_one_letter_code
_entity_poly.pdbx_strand_id
1 'polypeptide(L)' GSKNEDECAVCRDGGELICCDGCPRAFHLACLSPPLREIPSGTWRCSSCLQATVQE A
2 'polypeptide(L)' ARTKQTARKSTGGKAPRKQLC B
#
loop_
_chem_comp.id
_chem_comp.type
_chem_comp.name
_chem_comp.formula
ZN non-polymer 'ZINC ION' 'Zn 2'
#
# COMPACT_ATOMS: atom_id res chain seq x y z
N GLY A 1 -6.28 -14.48 1.74
CA GLY A 1 -5.84 -13.26 1.00
C GLY A 1 -6.88 -12.15 1.06
N SER A 2 -6.57 -11.10 1.79
CA SER A 2 -7.47 -9.96 1.93
C SER A 2 -6.69 -8.68 2.23
N LYS A 3 -7.12 -7.58 1.63
CA LYS A 3 -6.47 -6.28 1.82
C LYS A 3 -4.99 -6.37 1.48
N ASN A 4 -4.70 -6.77 0.24
CA ASN A 4 -3.33 -6.91 -0.25
C ASN A 4 -2.43 -7.60 0.77
N GLU A 5 -1.12 -7.42 0.64
CA GLU A 5 -0.17 -8.04 1.56
C GLU A 5 -0.12 -7.29 2.89
N ASP A 6 -1.03 -6.33 3.04
CA ASP A 6 -1.11 -5.51 4.26
C ASP A 6 0.25 -4.97 4.66
N GLU A 7 0.95 -4.38 3.70
CA GLU A 7 2.28 -3.81 3.96
C GLU A 7 2.64 -2.75 2.92
N CYS A 8 3.21 -1.64 3.39
CA CYS A 8 3.61 -0.55 2.50
C CYS A 8 4.72 -1.01 1.57
N ALA A 9 4.50 -0.83 0.26
CA ALA A 9 5.49 -1.25 -0.72
C ALA A 9 6.74 -0.35 -0.68
N VAL A 10 6.78 0.56 0.28
CA VAL A 10 7.93 1.46 0.40
C VAL A 10 8.61 1.35 1.78
N CYS A 11 7.90 0.80 2.76
CA CYS A 11 8.45 0.65 4.12
C CYS A 11 8.55 -0.81 4.52
N ARG A 12 7.69 -1.64 3.95
CA ARG A 12 7.63 -3.06 4.26
C ARG A 12 7.08 -3.26 5.66
N ASP A 13 6.55 -2.17 6.23
CA ASP A 13 5.97 -2.19 7.57
C ASP A 13 4.45 -2.08 7.50
N GLY A 14 3.84 -1.49 8.53
CA GLY A 14 2.40 -1.36 8.56
C GLY A 14 1.92 0.08 8.53
N GLY A 15 0.82 0.35 9.23
CA GLY A 15 0.24 1.69 9.26
C GLY A 15 -0.92 1.78 8.28
N GLU A 16 -1.44 2.99 8.05
CA GLU A 16 -2.55 3.14 7.13
C GLU A 16 -2.01 3.14 5.70
N LEU A 17 -2.36 2.11 4.95
CA LEU A 17 -1.90 1.99 3.57
C LEU A 17 -3.06 1.79 2.62
N ILE A 18 -2.87 2.21 1.37
CA ILE A 18 -3.87 2.10 0.33
C ILE A 18 -3.58 0.92 -0.58
N CYS A 19 -4.54 0.00 -0.67
CA CYS A 19 -4.39 -1.17 -1.51
C CYS A 19 -4.60 -0.84 -2.98
N CYS A 20 -3.72 -1.42 -3.80
CA CYS A 20 -3.77 -1.23 -5.24
C CYS A 20 -4.67 -2.27 -5.90
N ASP A 21 -5.44 -1.83 -6.88
CA ASP A 21 -6.34 -2.72 -7.61
C ASP A 21 -5.61 -3.47 -8.72
N GLY A 22 -4.44 -2.95 -9.08
CA GLY A 22 -3.64 -3.58 -10.12
C GLY A 22 -2.68 -4.61 -9.57
N CYS A 23 -2.44 -4.57 -8.27
CA CYS A 23 -1.53 -5.52 -7.63
C CYS A 23 -1.72 -5.54 -6.11
N PRO A 24 -1.25 -6.62 -5.45
CA PRO A 24 -1.35 -6.80 -3.99
C PRO A 24 -0.42 -5.88 -3.19
N ARG A 25 -0.38 -4.60 -3.52
CA ARG A 25 0.49 -3.67 -2.81
C ARG A 25 -0.29 -2.54 -2.14
N ALA A 26 0.22 -2.09 -1.00
CA ALA A 26 -0.39 -1.00 -0.24
C ALA A 26 0.62 0.14 -0.08
N PHE A 27 0.14 1.38 0.08
CA PHE A 27 1.06 2.53 0.22
C PHE A 27 0.62 3.50 1.32
N HIS A 28 1.60 4.14 1.95
CA HIS A 28 1.35 5.10 3.02
C HIS A 28 0.89 6.45 2.49
N LEU A 29 0.13 6.44 1.39
CA LEU A 29 -0.36 7.69 0.81
C LEU A 29 0.79 8.56 0.31
N ALA A 30 1.43 9.25 1.24
CA ALA A 30 2.56 10.10 0.91
C ALA A 30 3.77 9.27 0.51
N CYS A 31 3.72 7.97 0.80
CA CYS A 31 4.83 7.08 0.45
C CYS A 31 4.83 6.81 -1.04
N LEU A 32 3.79 7.27 -1.71
CA LEU A 32 3.65 7.11 -3.14
C LEU A 32 4.47 8.15 -3.88
N SER A 33 4.88 7.84 -5.11
CA SER A 33 5.63 8.83 -5.88
C SER A 33 4.85 10.14 -5.81
N PRO A 34 3.54 10.10 -6.18
CA PRO A 34 2.66 11.22 -6.05
C PRO A 34 1.76 10.98 -4.83
N PRO A 35 1.73 11.88 -3.86
CA PRO A 35 0.97 11.68 -2.65
C PRO A 35 -0.51 11.94 -2.81
N LEU A 36 -1.28 11.02 -2.25
CA LEU A 36 -2.72 11.05 -2.31
C LEU A 36 -3.30 12.18 -1.47
N ARG A 37 -2.91 12.25 -0.20
CA ARG A 37 -3.44 13.26 0.73
C ARG A 37 -4.89 12.96 1.04
N GLU A 38 -5.67 12.74 -0.01
CA GLU A 38 -7.06 12.38 0.11
C GLU A 38 -7.33 11.21 -0.83
N ILE A 39 -7.44 10.05 -0.22
CA ILE A 39 -7.63 8.79 -0.93
C ILE A 39 -8.54 8.88 -2.14
N PRO A 40 -8.10 8.23 -3.25
CA PRO A 40 -8.81 8.18 -4.54
C PRO A 40 -10.32 7.97 -4.40
N SER A 41 -11.02 8.20 -5.50
CA SER A 41 -12.47 8.04 -5.54
C SER A 41 -12.87 6.71 -6.16
N GLY A 42 -13.02 5.69 -5.31
CA GLY A 42 -13.39 4.37 -5.81
C GLY A 42 -12.18 3.47 -5.91
N THR A 43 -11.79 3.14 -7.15
CA THR A 43 -10.63 2.28 -7.39
C THR A 43 -9.36 3.11 -7.47
N TRP A 44 -8.21 2.42 -7.54
CA TRP A 44 -6.92 3.11 -7.61
C TRP A 44 -5.79 2.14 -7.91
N ARG A 45 -4.79 2.65 -8.64
CA ARG A 45 -3.63 1.85 -8.99
C ARG A 45 -2.36 2.54 -8.50
N CYS A 46 -1.33 1.75 -8.26
CA CYS A 46 -0.06 2.28 -7.79
C CYS A 46 0.75 2.81 -8.97
N SER A 47 1.80 3.56 -8.69
CA SER A 47 2.64 4.15 -9.74
C SER A 47 2.86 3.18 -10.91
N SER A 48 3.31 1.97 -10.61
CA SER A 48 3.58 0.97 -11.64
C SER A 48 2.35 0.66 -12.50
N CYS A 49 1.31 0.13 -11.85
CA CYS A 49 0.09 -0.22 -12.55
C CYS A 49 -0.47 1.01 -13.24
N LEU A 50 -0.03 2.16 -12.76
CA LEU A 50 -0.45 3.44 -13.31
C LEU A 50 0.30 3.74 -14.58
N GLN A 51 1.57 3.34 -14.63
CA GLN A 51 2.39 3.55 -15.81
C GLN A 51 1.75 2.83 -16.98
N ALA A 52 1.05 1.75 -16.68
CA ALA A 52 0.36 0.97 -17.70
C ALA A 52 -0.67 1.83 -18.45
N THR A 53 -0.90 3.03 -17.92
CA THR A 53 -1.84 3.98 -18.53
C THR A 53 -3.29 3.51 -18.41
N VAL A 54 -3.69 3.11 -17.20
CA VAL A 54 -5.04 2.65 -16.96
C VAL A 54 -5.77 3.52 -15.94
N GLN A 55 -5.19 3.63 -14.74
CA GLN A 55 -5.77 4.42 -13.65
C GLN A 55 -7.12 3.84 -13.21
N GLU A 56 -7.37 3.91 -11.90
CA GLU A 56 -8.60 3.39 -11.33
C GLU A 56 -8.78 1.92 -11.66
N ALA B 1 -10.35 4.63 -2.74
CA ALA B 1 -9.57 3.36 -2.74
C ALA B 1 -9.63 2.66 -1.39
N ARG B 2 -9.31 1.37 -1.38
CA ARG B 2 -9.34 0.57 -0.16
C ARG B 2 -8.07 0.74 0.64
N THR B 3 -8.05 1.72 1.55
CA THR B 3 -6.88 1.96 2.38
C THR B 3 -7.12 1.48 3.81
N LYS B 4 -6.52 0.33 4.14
CA LYS B 4 -6.68 -0.27 5.46
C LYS B 4 -5.64 0.28 6.44
N GLN B 5 -5.83 -0.03 7.72
CA GLN B 5 -4.91 0.41 8.77
C GLN B 5 -4.22 -0.79 9.41
N THR B 6 -3.25 -1.35 8.70
CA THR B 6 -2.50 -2.51 9.17
C THR B 6 -1.51 -2.12 10.26
N ALA B 7 -0.83 -3.13 10.81
CA ALA B 7 0.17 -2.90 11.86
C ALA B 7 1.11 -4.09 11.96
N ARG B 8 1.93 -4.28 10.93
CA ARG B 8 2.88 -5.39 10.88
C ARG B 8 4.04 -5.16 11.84
N LYS B 9 5.01 -6.07 11.82
CA LYS B 9 6.18 -5.98 12.68
C LYS B 9 7.35 -5.33 11.94
N SER B 10 8.50 -5.29 12.60
CA SER B 10 9.70 -4.71 12.00
C SER B 10 10.92 -5.60 12.23
N THR B 11 11.05 -6.63 11.40
CA THR B 11 12.17 -7.56 11.51
C THR B 11 12.43 -8.27 10.17
N GLY B 12 11.45 -8.19 9.28
CA GLY B 12 11.60 -8.82 7.98
C GLY B 12 10.35 -9.57 7.56
N GLY B 13 10.34 -10.06 6.32
CA GLY B 13 9.18 -10.77 5.81
C GLY B 13 9.57 -11.90 4.86
N LYS B 14 9.50 -11.61 3.57
CA LYS B 14 9.84 -12.59 2.55
C LYS B 14 10.84 -12.02 1.54
N ALA B 15 11.69 -12.88 1.00
CA ALA B 15 12.69 -12.46 0.03
C ALA B 15 12.72 -13.40 -1.17
N PRO B 16 11.70 -13.32 -2.04
CA PRO B 16 11.61 -14.17 -3.24
C PRO B 16 12.77 -13.94 -4.20
N ARG B 17 12.85 -12.74 -4.77
CA ARG B 17 13.90 -12.39 -5.70
C ARG B 17 15.05 -11.69 -4.99
N LYS B 18 16.03 -11.25 -5.76
CA LYS B 18 17.19 -10.56 -5.21
C LYS B 18 16.99 -9.04 -5.23
N GLN B 19 18.08 -8.30 -5.04
CA GLN B 19 18.02 -6.84 -5.04
C GLN B 19 17.50 -6.31 -6.37
N LEU B 20 16.81 -5.18 -6.32
CA LEU B 20 16.27 -4.56 -7.52
C LEU B 20 17.19 -3.45 -8.03
N CYS B 21 17.49 -3.49 -9.32
CA CYS B 21 18.36 -2.50 -9.94
C CYS B 21 17.73 -1.10 -9.86
ZN ZN C . 5.52 3.67 3.82
ZN ZN D . -0.17 -1.78 -8.40
N GLY A 1 -10.27 -12.16 5.34
CA GLY A 1 -9.97 -10.70 5.28
C GLY A 1 -10.20 -10.11 3.90
N SER A 2 -9.81 -10.86 2.87
CA SER A 2 -9.98 -10.42 1.49
C SER A 2 -9.30 -9.06 1.27
N LYS A 3 -7.99 -9.02 1.48
CA LYS A 3 -7.22 -7.79 1.31
C LYS A 3 -5.84 -8.09 0.74
N ASN A 4 -5.26 -7.10 0.07
CA ASN A 4 -3.93 -7.24 -0.52
C ASN A 4 -2.89 -7.51 0.57
N GLU A 5 -1.64 -7.66 0.18
CA GLU A 5 -0.57 -7.93 1.15
C GLU A 5 -0.49 -6.77 2.14
N ASP A 6 -0.97 -7.00 3.36
CA ASP A 6 -0.95 -5.98 4.41
C ASP A 6 0.48 -5.53 4.70
N GLU A 7 0.97 -4.61 3.88
CA GLU A 7 2.31 -4.07 4.03
C GLU A 7 2.57 -3.00 2.98
N CYS A 8 3.34 -1.98 3.35
CA CYS A 8 3.65 -0.89 2.43
C CYS A 8 4.83 -1.26 1.54
N ALA A 9 4.53 -1.46 0.26
CA ALA A 9 5.53 -1.84 -0.73
C ALA A 9 6.59 -0.77 -0.96
N VAL A 10 6.61 0.29 -0.16
CA VAL A 10 7.60 1.35 -0.33
C VAL A 10 8.58 1.43 0.84
N CYS A 11 8.13 1.14 2.06
CA CYS A 11 9.02 1.24 3.22
C CYS A 11 8.87 0.06 4.18
N ARG A 12 8.14 -0.96 3.72
CA ARG A 12 7.93 -2.18 4.51
C ARG A 12 7.48 -1.89 5.95
N ASP A 13 6.58 -0.93 6.11
CA ASP A 13 6.08 -0.59 7.44
C ASP A 13 4.57 -0.80 7.53
N GLY A 14 4.00 -0.56 8.71
CA GLY A 14 2.58 -0.75 8.90
C GLY A 14 1.83 0.54 9.14
N GLY A 15 0.51 0.45 9.14
CA GLY A 15 -0.34 1.61 9.34
C GLY A 15 -1.45 1.63 8.30
N GLU A 16 -1.98 2.82 8.01
CA GLU A 16 -3.05 2.91 7.02
C GLU A 16 -2.44 2.93 5.62
N LEU A 17 -2.70 1.88 4.85
CA LEU A 17 -2.16 1.77 3.51
C LEU A 17 -3.28 1.68 2.47
N ILE A 18 -2.97 2.12 1.26
CA ILE A 18 -3.93 2.10 0.16
C ILE A 18 -3.57 0.98 -0.81
N CYS A 19 -4.22 -0.16 -0.64
CA CYS A 19 -3.97 -1.32 -1.48
C CYS A 19 -4.23 -0.99 -2.95
N CYS A 20 -3.43 -1.61 -3.82
CA CYS A 20 -3.53 -1.41 -5.25
C CYS A 20 -4.47 -2.43 -5.89
N ASP A 21 -5.29 -1.97 -6.83
CA ASP A 21 -6.23 -2.85 -7.53
C ASP A 21 -5.51 -3.61 -8.63
N GLY A 22 -4.35 -3.11 -9.04
CA GLY A 22 -3.57 -3.76 -10.09
C GLY A 22 -2.70 -4.87 -9.55
N CYS A 23 -2.16 -4.67 -8.35
CA CYS A 23 -1.30 -5.67 -7.72
C CYS A 23 -1.58 -5.77 -6.21
N PRO A 24 -1.20 -6.90 -5.59
CA PRO A 24 -1.41 -7.15 -4.15
C PRO A 24 -0.50 -6.32 -3.24
N ARG A 25 -0.59 -5.00 -3.34
CA ARG A 25 0.24 -4.13 -2.52
C ARG A 25 -0.60 -3.12 -1.73
N ALA A 26 0.09 -2.13 -1.18
CA ALA A 26 -0.54 -1.08 -0.38
C ALA A 26 0.46 0.06 -0.14
N PHE A 27 0.01 1.31 -0.11
CA PHE A 27 0.94 2.44 0.09
C PHE A 27 0.53 3.37 1.25
N HIS A 28 1.52 3.97 1.90
CA HIS A 28 1.29 4.88 3.03
C HIS A 28 0.85 6.26 2.57
N LEU A 29 0.08 6.34 1.50
CA LEU A 29 -0.39 7.63 0.99
C LEU A 29 0.78 8.48 0.53
N ALA A 30 1.49 9.08 1.48
CA ALA A 30 2.64 9.91 1.18
C ALA A 30 3.82 9.07 0.73
N CYS A 31 3.72 7.76 0.97
CA CYS A 31 4.79 6.83 0.57
C CYS A 31 4.74 6.60 -0.93
N LEU A 32 3.73 7.18 -1.56
CA LEU A 32 3.53 7.06 -3.00
C LEU A 32 4.38 8.09 -3.73
N SER A 33 4.63 7.87 -5.03
CA SER A 33 5.39 8.86 -5.78
C SER A 33 4.68 10.19 -5.56
N PRO A 34 3.36 10.25 -5.83
CA PRO A 34 2.55 11.41 -5.54
C PRO A 34 1.75 11.13 -4.27
N PRO A 35 1.82 11.99 -3.26
CA PRO A 35 1.15 11.74 -2.00
C PRO A 35 -0.33 12.04 -2.03
N LEU A 36 -1.09 11.13 -1.43
CA LEU A 36 -2.54 11.24 -1.37
C LEU A 36 -2.99 12.13 -0.23
N ARG A 37 -2.94 13.44 -0.44
CA ARG A 37 -3.39 14.40 0.56
C ARG A 37 -4.78 14.00 1.03
N GLU A 38 -5.44 13.23 0.16
CA GLU A 38 -6.78 12.72 0.41
C GLU A 38 -7.03 11.53 -0.49
N ILE A 39 -7.22 10.37 0.13
CA ILE A 39 -7.42 9.12 -0.60
C ILE A 39 -8.33 9.27 -1.83
N PRO A 40 -7.86 8.70 -2.96
CA PRO A 40 -8.58 8.72 -4.25
C PRO A 40 -10.02 8.22 -4.12
N SER A 41 -10.75 8.28 -5.22
CA SER A 41 -12.15 7.84 -5.25
C SER A 41 -12.32 6.57 -6.07
N GLY A 42 -13.19 5.68 -5.60
CA GLY A 42 -13.43 4.43 -6.30
C GLY A 42 -12.20 3.55 -6.37
N THR A 43 -11.91 3.05 -7.58
CA THR A 43 -10.74 2.20 -7.78
C THR A 43 -9.45 2.98 -7.61
N TRP A 44 -8.32 2.29 -7.76
CA TRP A 44 -7.01 2.93 -7.62
C TRP A 44 -5.88 2.00 -8.02
N ARG A 45 -4.83 2.56 -8.61
CA ARG A 45 -3.67 1.80 -9.03
C ARG A 45 -2.39 2.45 -8.54
N CYS A 46 -1.34 1.64 -8.41
CA CYS A 46 -0.06 2.15 -7.95
C CYS A 46 0.76 2.63 -9.15
N SER A 47 1.81 3.40 -8.88
CA SER A 47 2.66 3.94 -9.96
C SER A 47 2.97 2.92 -11.06
N SER A 48 3.34 1.71 -10.68
CA SER A 48 3.68 0.68 -11.67
C SER A 48 2.48 0.33 -12.54
N CYS A 49 1.39 -0.12 -11.92
CA CYS A 49 0.19 -0.50 -12.64
C CYS A 49 -0.42 0.73 -13.33
N LEU A 50 0.06 1.90 -12.92
CA LEU A 50 -0.41 3.16 -13.47
C LEU A 50 0.23 3.45 -14.82
N GLN A 51 1.55 3.45 -14.85
CA GLN A 51 2.28 3.70 -16.08
C GLN A 51 1.99 2.61 -17.10
N ALA A 52 1.55 1.46 -16.61
CA ALA A 52 1.22 0.32 -17.47
C ALA A 52 -0.25 0.37 -17.89
N THR A 53 -1.11 0.90 -17.02
CA THR A 53 -2.53 1.00 -17.31
C THR A 53 -3.15 2.20 -16.61
N VAL A 54 -4.03 2.91 -17.33
CA VAL A 54 -4.69 4.08 -16.79
C VAL A 54 -5.59 3.72 -15.60
N GLN A 55 -5.84 4.71 -14.74
CA GLN A 55 -6.67 4.51 -13.56
C GLN A 55 -7.30 5.82 -13.10
N GLU A 56 -8.47 5.73 -12.48
CA GLU A 56 -9.17 6.91 -11.98
C GLU A 56 -10.37 6.51 -11.14
N ALA B 1 -10.50 4.44 -2.77
CA ALA B 1 -9.25 3.93 -3.40
C ALA B 1 -8.77 2.66 -2.72
N ARG B 2 -9.64 2.09 -1.87
CA ARG B 2 -9.33 0.86 -1.15
C ARG B 2 -8.07 1.02 -0.30
N THR B 3 -8.23 1.60 0.89
CA THR B 3 -7.11 1.79 1.81
C THR B 3 -7.39 1.14 3.15
N LYS B 4 -6.77 -0.03 3.37
CA LYS B 4 -6.95 -0.78 4.61
C LYS B 4 -5.92 -0.36 5.65
N GLN B 5 -6.32 -0.39 6.93
CA GLN B 5 -5.43 -0.03 8.01
C GLN B 5 -4.88 -1.27 8.71
N THR B 6 -3.62 -1.59 8.42
CA THR B 6 -2.96 -2.76 9.00
C THR B 6 -2.21 -2.39 10.27
N ALA B 7 -2.17 -3.32 11.22
CA ALA B 7 -1.47 -3.10 12.48
C ALA B 7 -0.20 -3.95 12.56
N ARG B 8 0.71 -3.73 11.62
CA ARG B 8 1.96 -4.48 11.58
C ARG B 8 2.85 -4.11 12.76
N LYS B 9 3.11 -5.10 13.62
CA LYS B 9 3.95 -4.90 14.79
C LYS B 9 3.40 -3.79 15.68
N SER B 10 2.08 -3.71 15.77
CA SER B 10 1.41 -2.69 16.58
C SER B 10 0.22 -3.28 17.32
N THR B 11 0.09 -2.93 18.60
CA THR B 11 -1.00 -3.43 19.42
C THR B 11 -2.14 -2.42 19.47
N GLY B 12 -3.14 -2.62 18.62
CA GLY B 12 -4.28 -1.71 18.59
C GLY B 12 -5.35 -2.08 19.59
N GLY B 13 -5.59 -1.19 20.55
CA GLY B 13 -6.59 -1.45 21.57
C GLY B 13 -7.99 -1.10 21.11
N LYS B 14 -8.89 -2.08 21.15
CA LYS B 14 -10.27 -1.89 20.73
C LYS B 14 -10.36 -1.41 19.29
N ALA B 15 -11.57 -1.12 18.83
CA ALA B 15 -11.80 -0.65 17.47
C ALA B 15 -13.18 -0.02 17.34
N PRO B 16 -13.35 0.93 16.40
CA PRO B 16 -14.64 1.60 16.18
C PRO B 16 -15.67 0.68 15.51
N ARG B 17 -15.31 -0.59 15.37
CA ARG B 17 -16.20 -1.57 14.76
C ARG B 17 -16.56 -1.18 13.34
N LYS B 18 -17.55 -1.85 12.76
CA LYS B 18 -17.99 -1.57 11.41
C LYS B 18 -18.90 -0.34 11.39
N GLN B 19 -20.02 -0.42 12.08
CA GLN B 19 -20.97 0.68 12.15
C GLN B 19 -20.63 1.64 13.29
N LEU B 20 -21.54 2.58 13.55
CA LEU B 20 -21.33 3.56 14.61
C LEU B 20 -21.56 2.95 15.98
N CYS B 21 -22.83 2.68 16.30
CA CYS B 21 -23.18 2.08 17.59
C CYS B 21 -23.23 0.56 17.49
ZN ZN C . 5.47 3.28 3.82
ZN ZN D . -0.04 -1.98 -8.49
N GLY A 1 -5.63 -12.59 0.84
CA GLY A 1 -6.32 -13.19 -0.34
C GLY A 1 -7.58 -12.44 -0.72
N SER A 2 -7.77 -11.27 -0.11
CA SER A 2 -8.95 -10.45 -0.40
C SER A 2 -8.73 -9.01 0.08
N LYS A 3 -7.54 -8.74 0.59
CA LYS A 3 -7.20 -7.40 1.07
C LYS A 3 -5.74 -7.07 0.79
N ASN A 4 -5.14 -7.84 -0.11
CA ASN A 4 -3.74 -7.64 -0.48
C ASN A 4 -2.81 -7.84 0.71
N GLU A 5 -1.51 -7.77 0.47
CA GLU A 5 -0.52 -7.95 1.52
C GLU A 5 -0.43 -6.70 2.39
N ASP A 6 -0.81 -6.84 3.66
CA ASP A 6 -0.78 -5.72 4.59
C ASP A 6 0.66 -5.28 4.85
N GLU A 7 1.18 -4.44 3.97
CA GLU A 7 2.55 -3.95 4.09
C GLU A 7 2.86 -2.89 3.03
N CYS A 8 3.33 -1.73 3.47
CA CYS A 8 3.67 -0.64 2.56
C CYS A 8 4.78 -1.06 1.61
N ALA A 9 4.53 -0.93 0.32
CA ALA A 9 5.50 -1.31 -0.70
C ALA A 9 6.74 -0.43 -0.65
N VAL A 10 6.78 0.53 0.28
CA VAL A 10 7.94 1.43 0.40
C VAL A 10 8.65 1.30 1.75
N CYS A 11 7.93 0.82 2.78
CA CYS A 11 8.53 0.68 4.12
C CYS A 11 8.68 -0.76 4.55
N ARG A 12 7.85 -1.63 3.98
CA ARG A 12 7.86 -3.05 4.32
C ARG A 12 7.28 -3.24 5.73
N ASP A 13 6.73 -2.16 6.26
CA ASP A 13 6.13 -2.16 7.60
C ASP A 13 4.60 -2.07 7.52
N GLY A 14 3.98 -1.48 8.52
CA GLY A 14 2.54 -1.34 8.54
C GLY A 14 2.06 0.10 8.60
N GLY A 15 0.84 0.29 9.10
CA GLY A 15 0.27 1.63 9.20
C GLY A 15 -0.88 1.81 8.23
N GLU A 16 -1.31 3.06 8.01
CA GLU A 16 -2.39 3.31 7.08
C GLU A 16 -1.88 3.18 5.65
N LEU A 17 -2.37 2.17 4.94
CA LEU A 17 -1.94 1.94 3.57
C LEU A 17 -3.13 1.84 2.63
N ILE A 18 -2.88 2.08 1.35
CA ILE A 18 -3.91 2.02 0.32
C ILE A 18 -3.68 0.86 -0.63
N CYS A 19 -4.63 -0.06 -0.66
CA CYS A 19 -4.55 -1.23 -1.52
C CYS A 19 -4.64 -0.86 -2.99
N CYS A 20 -3.84 -1.54 -3.81
CA CYS A 20 -3.82 -1.29 -5.24
C CYS A 20 -4.76 -2.26 -5.97
N ASP A 21 -5.56 -1.71 -6.89
CA ASP A 21 -6.51 -2.51 -7.65
C ASP A 21 -5.79 -3.25 -8.79
N GLY A 22 -4.48 -3.06 -8.88
CA GLY A 22 -3.71 -3.70 -9.92
C GLY A 22 -2.78 -4.77 -9.39
N CYS A 23 -2.30 -4.60 -8.16
CA CYS A 23 -1.39 -5.57 -7.55
C CYS A 23 -1.63 -5.68 -6.04
N PRO A 24 -1.13 -6.77 -5.42
CA PRO A 24 -1.26 -7.02 -3.98
C PRO A 24 -0.39 -6.10 -3.11
N ARG A 25 -0.36 -4.81 -3.44
CA ARG A 25 0.45 -3.86 -2.68
C ARG A 25 -0.41 -2.85 -1.92
N ALA A 26 0.27 -2.08 -1.07
CA ALA A 26 -0.38 -1.05 -0.26
C ALA A 26 0.62 0.10 -0.04
N PHE A 27 0.14 1.34 -0.07
CA PHE A 27 1.04 2.49 0.12
C PHE A 27 0.59 3.43 1.24
N HIS A 28 1.58 4.05 1.88
CA HIS A 28 1.33 4.98 2.98
C HIS A 28 0.84 6.33 2.47
N LEU A 29 0.08 6.33 1.38
CA LEU A 29 -0.45 7.57 0.82
C LEU A 29 0.69 8.45 0.32
N ALA A 30 1.36 9.11 1.25
CA ALA A 30 2.48 9.98 0.94
C ALA A 30 3.69 9.17 0.50
N CYS A 31 3.66 7.86 0.78
CA CYS A 31 4.79 6.98 0.40
C CYS A 31 4.76 6.75 -1.11
N LEU A 32 3.76 7.32 -1.74
CA LEU A 32 3.58 7.21 -3.18
C LEU A 32 4.35 8.31 -3.90
N SER A 33 4.73 8.08 -5.17
CA SER A 33 5.41 9.13 -5.92
C SER A 33 4.58 10.40 -5.77
N PRO A 34 3.26 10.32 -6.08
CA PRO A 34 2.35 11.41 -5.88
C PRO A 34 1.54 11.10 -4.62
N PRO A 35 1.55 11.98 -3.62
CA PRO A 35 0.87 11.71 -2.36
C PRO A 35 -0.62 11.94 -2.42
N LEU A 36 -1.33 11.00 -1.81
CA LEU A 36 -2.77 11.04 -1.75
C LEU A 36 -3.26 11.93 -0.62
N ARG A 37 -3.24 13.24 -0.86
CA ARG A 37 -3.72 14.20 0.13
C ARG A 37 -5.09 13.77 0.62
N GLU A 38 -5.73 12.97 -0.22
CA GLU A 38 -7.05 12.42 0.07
C GLU A 38 -7.28 11.20 -0.80
N ILE A 39 -7.43 10.06 -0.15
CA ILE A 39 -7.62 8.78 -0.83
C ILE A 39 -8.52 8.87 -2.06
N PRO A 40 -8.07 8.22 -3.16
CA PRO A 40 -8.78 8.17 -4.44
C PRO A 40 -10.28 7.91 -4.29
N SER A 41 -11.04 8.27 -5.32
CA SER A 41 -12.48 8.06 -5.32
C SER A 41 -12.83 6.75 -6.00
N GLY A 42 -13.04 5.70 -5.20
CA GLY A 42 -13.37 4.40 -5.74
C GLY A 42 -12.14 3.53 -5.92
N THR A 43 -11.79 3.27 -7.18
CA THR A 43 -10.62 2.44 -7.48
C THR A 43 -9.34 3.28 -7.42
N TRP A 44 -8.20 2.65 -7.74
CA TRP A 44 -6.91 3.34 -7.70
C TRP A 44 -5.78 2.44 -8.19
N ARG A 45 -4.77 3.06 -8.79
CA ARG A 45 -3.61 2.33 -9.29
C ARG A 45 -2.33 2.86 -8.67
N CYS A 46 -1.33 2.00 -8.56
CA CYS A 46 -0.05 2.40 -8.00
C CYS A 46 0.88 2.82 -9.12
N SER A 47 1.93 3.55 -8.80
CA SER A 47 2.88 4.03 -9.82
C SER A 47 3.17 2.97 -10.88
N SER A 48 3.40 1.74 -10.45
CA SER A 48 3.70 0.64 -11.36
C SER A 48 2.55 0.32 -12.30
N CYS A 49 1.43 -0.13 -11.72
CA CYS A 49 0.27 -0.50 -12.50
C CYS A 49 -0.22 0.69 -13.31
N LEU A 50 0.22 1.87 -12.88
CA LEU A 50 -0.14 3.10 -13.56
C LEU A 50 0.55 3.19 -14.91
N GLN A 51 1.84 2.94 -14.91
CA GLN A 51 2.61 2.97 -16.15
C GLN A 51 2.00 1.99 -17.13
N ALA A 52 1.45 0.89 -16.60
CA ALA A 52 0.81 -0.12 -17.42
C ALA A 52 -0.58 0.31 -17.84
N THR A 53 -1.25 1.04 -16.95
CA THR A 53 -2.60 1.55 -17.21
C THR A 53 -2.80 2.91 -16.56
N VAL A 54 -3.00 3.93 -17.39
CA VAL A 54 -3.18 5.29 -16.91
C VAL A 54 -4.35 5.39 -15.93
N GLN A 55 -4.07 5.83 -14.70
CA GLN A 55 -5.07 5.98 -13.66
C GLN A 55 -5.80 4.67 -13.38
N GLU A 56 -6.70 4.70 -12.40
CA GLU A 56 -7.48 3.52 -12.02
C GLU A 56 -8.01 2.78 -13.26
N ALA B 1 -10.19 4.40 -2.66
CA ALA B 1 -9.45 3.13 -2.81
C ALA B 1 -9.65 2.23 -1.58
N ARG B 2 -9.07 1.04 -1.64
CA ARG B 2 -9.19 0.07 -0.56
C ARG B 2 -8.09 0.28 0.49
N THR B 3 -8.01 1.48 1.05
CA THR B 3 -7.00 1.77 2.06
C THR B 3 -7.45 1.26 3.42
N LYS B 4 -6.67 0.32 3.96
CA LYS B 4 -6.98 -0.26 5.27
C LYS B 4 -5.83 -0.06 6.25
N GLN B 5 -6.14 -0.11 7.53
CA GLN B 5 -5.14 0.07 8.57
C GLN B 5 -4.56 -1.28 9.02
N THR B 6 -3.24 -1.38 9.02
CA THR B 6 -2.57 -2.61 9.41
C THR B 6 -1.63 -2.37 10.60
N ALA B 7 -1.29 -3.44 11.30
CA ALA B 7 -0.40 -3.35 12.46
C ALA B 7 0.72 -4.37 12.37
N ARG B 8 1.72 -4.08 11.55
CA ARG B 8 2.86 -4.98 11.39
C ARG B 8 3.86 -4.82 12.52
N LYS B 9 3.59 -5.49 13.64
CA LYS B 9 4.46 -5.41 14.80
C LYS B 9 4.85 -6.80 15.29
N SER B 10 6.06 -6.93 15.83
CA SER B 10 6.55 -8.20 16.34
C SER B 10 6.50 -9.28 15.26
N THR B 11 6.83 -8.89 14.03
CA THR B 11 6.83 -9.81 12.91
C THR B 11 7.99 -9.53 11.96
N GLY B 12 8.54 -10.59 11.36
CA GLY B 12 9.65 -10.43 10.45
C GLY B 12 10.18 -11.77 9.95
N GLY B 13 10.90 -11.73 8.84
CA GLY B 13 11.46 -12.95 8.29
C GLY B 13 11.78 -12.83 6.80
N LYS B 14 12.70 -13.66 6.32
CA LYS B 14 13.10 -13.64 4.92
C LYS B 14 13.57 -12.25 4.50
N ALA B 15 14.29 -11.59 5.39
CA ALA B 15 14.81 -10.25 5.12
C ALA B 15 15.99 -9.92 6.02
N PRO B 16 17.16 -10.54 5.78
CA PRO B 16 18.37 -10.31 6.59
C PRO B 16 18.79 -8.85 6.57
N ARG B 17 18.96 -8.30 5.37
CA ARG B 17 19.36 -6.91 5.22
C ARG B 17 19.12 -6.43 3.78
N LYS B 18 20.15 -6.56 2.94
CA LYS B 18 20.05 -6.15 1.54
C LYS B 18 19.47 -4.75 1.41
N GLN B 19 19.77 -3.89 2.38
CA GLN B 19 19.29 -2.51 2.36
C GLN B 19 20.07 -1.66 1.37
N LEU B 20 21.33 -1.40 1.70
CA LEU B 20 22.19 -0.59 0.84
C LEU B 20 22.87 -1.46 -0.22
N CYS B 21 22.96 -2.76 0.04
CA CYS B 21 23.58 -3.69 -0.88
C CYS B 21 22.71 -3.88 -2.12
ZN ZN C . 5.56 3.63 3.79
ZN ZN D . -0.20 -1.81 -8.36
N GLY A 1 -13.12 -11.03 -0.17
CA GLY A 1 -12.57 -10.85 1.20
C GLY A 1 -11.06 -10.97 1.24
N SER A 2 -10.45 -11.13 0.07
CA SER A 2 -9.00 -11.26 -0.02
C SER A 2 -8.33 -9.89 0.11
N LYS A 3 -7.78 -9.63 1.29
CA LYS A 3 -7.10 -8.36 1.54
C LYS A 3 -5.66 -8.40 1.04
N ASN A 4 -5.06 -7.23 0.87
CA ASN A 4 -3.68 -7.13 0.39
C ASN A 4 -2.70 -7.78 1.37
N GLU A 5 -1.41 -7.62 1.10
CA GLU A 5 -0.37 -8.18 1.95
C GLU A 5 -0.21 -7.38 3.24
N ASP A 6 -1.12 -6.44 3.46
CA ASP A 6 -1.12 -5.61 4.66
C ASP A 6 0.28 -5.07 4.97
N GLU A 7 1.04 -4.77 3.93
CA GLU A 7 2.39 -4.24 4.11
C GLU A 7 2.73 -3.22 3.04
N CYS A 8 3.27 -2.08 3.47
CA CYS A 8 3.65 -1.01 2.55
C CYS A 8 4.86 -1.43 1.71
N ALA A 9 4.60 -1.69 0.44
CA ALA A 9 5.65 -2.13 -0.48
C ALA A 9 6.72 -1.05 -0.72
N VAL A 10 6.65 0.07 0.00
CA VAL A 10 7.64 1.13 -0.19
C VAL A 10 8.61 1.22 1.00
N CYS A 11 8.13 0.98 2.22
CA CYS A 11 8.99 1.10 3.40
C CYS A 11 8.77 -0.04 4.38
N ARG A 12 8.12 -1.10 3.91
CA ARG A 12 7.86 -2.29 4.71
C ARG A 12 7.36 -1.97 6.13
N ASP A 13 6.61 -0.88 6.27
CA ASP A 13 6.07 -0.49 7.58
C ASP A 13 4.56 -0.70 7.63
N GLY A 14 3.98 -0.52 8.81
CA GLY A 14 2.55 -0.70 8.96
C GLY A 14 1.80 0.60 9.17
N GLY A 15 0.47 0.52 9.17
CA GLY A 15 -0.36 1.68 9.34
C GLY A 15 -1.47 1.73 8.30
N GLU A 16 -1.91 2.92 7.93
CA GLU A 16 -2.94 3.04 6.91
C GLU A 16 -2.31 2.94 5.53
N LEU A 17 -2.63 1.87 4.81
CA LEU A 17 -2.07 1.66 3.47
C LEU A 17 -3.18 1.53 2.43
N ILE A 18 -2.83 1.86 1.20
CA ILE A 18 -3.75 1.78 0.07
C ILE A 18 -3.28 0.72 -0.92
N CYS A 19 -4.05 -0.35 -1.03
CA CYS A 19 -3.70 -1.45 -1.93
C CYS A 19 -4.10 -1.15 -3.37
N CYS A 20 -3.28 -1.62 -4.31
CA CYS A 20 -3.55 -1.43 -5.74
C CYS A 20 -4.63 -2.40 -6.21
N ASP A 21 -5.63 -1.87 -6.93
CA ASP A 21 -6.71 -2.69 -7.43
C ASP A 21 -6.20 -3.72 -8.44
N GLY A 22 -4.90 -3.65 -8.73
CA GLY A 22 -4.31 -4.58 -9.67
C GLY A 22 -3.08 -5.27 -9.12
N CYS A 23 -2.70 -4.94 -7.88
CA CYS A 23 -1.52 -5.55 -7.26
C CYS A 23 -1.72 -5.78 -5.76
N PRO A 24 -0.99 -6.77 -5.20
CA PRO A 24 -1.07 -7.12 -3.78
C PRO A 24 -0.29 -6.16 -2.90
N ARG A 25 0.08 -5.02 -3.45
CA ARG A 25 0.86 -4.03 -2.72
C ARG A 25 -0.04 -3.03 -1.98
N ALA A 26 0.57 -2.31 -1.04
CA ALA A 26 -0.11 -1.30 -0.25
C ALA A 26 0.82 -0.10 -0.08
N PHE A 27 0.27 1.11 -0.01
CA PHE A 27 1.10 2.30 0.11
C PHE A 27 0.64 3.23 1.24
N HIS A 28 1.60 3.88 1.90
CA HIS A 28 1.32 4.80 3.00
C HIS A 28 0.87 6.16 2.48
N LEU A 29 0.14 6.20 1.38
CA LEU A 29 -0.34 7.45 0.81
C LEU A 29 0.83 8.30 0.35
N ALA A 30 1.49 8.95 1.30
CA ALA A 30 2.64 9.79 1.00
C ALA A 30 3.84 8.94 0.60
N CYS A 31 3.76 7.65 0.91
CA CYS A 31 4.84 6.73 0.55
C CYS A 31 4.83 6.48 -0.95
N LEU A 32 3.85 7.07 -1.62
CA LEU A 32 3.68 6.96 -3.06
C LEU A 32 4.48 8.03 -3.78
N SER A 33 4.75 7.82 -5.08
CA SER A 33 5.45 8.85 -5.84
C SER A 33 4.60 10.12 -5.72
N PRO A 34 3.29 10.03 -6.04
CA PRO A 34 2.36 11.12 -5.86
C PRO A 34 1.53 10.83 -4.61
N PRO A 35 1.54 11.73 -3.63
CA PRO A 35 0.84 11.49 -2.37
C PRO A 35 -0.64 11.74 -2.42
N LEU A 36 -1.36 10.84 -1.78
CA LEU A 36 -2.80 10.88 -1.71
C LEU A 36 -3.27 11.75 -0.55
N ARG A 37 -3.24 13.07 -0.75
CA ARG A 37 -3.70 14.00 0.27
C ARG A 37 -5.06 13.57 0.78
N GLU A 38 -5.73 12.79 -0.05
CA GLU A 38 -7.04 12.26 0.24
C GLU A 38 -7.29 11.04 -0.63
N ILE A 39 -7.44 9.88 0.00
CA ILE A 39 -7.65 8.63 -0.70
C ILE A 39 -8.58 8.77 -1.91
N PRO A 40 -8.19 8.15 -3.04
CA PRO A 40 -8.96 8.19 -4.29
C PRO A 40 -10.45 7.99 -4.05
N SER A 41 -11.27 8.75 -4.79
CA SER A 41 -12.72 8.68 -4.66
C SER A 41 -13.27 7.36 -5.16
N GLY A 42 -12.57 6.75 -6.12
CA GLY A 42 -13.00 5.48 -6.67
C GLY A 42 -11.85 4.49 -6.78
N THR A 43 -11.67 3.94 -7.98
CA THR A 43 -10.60 2.97 -8.22
C THR A 43 -9.24 3.63 -8.07
N TRP A 44 -8.20 2.81 -7.94
CA TRP A 44 -6.85 3.33 -7.79
C TRP A 44 -5.81 2.31 -8.28
N ARG A 45 -4.72 2.83 -8.82
CA ARG A 45 -3.64 2.01 -9.32
C ARG A 45 -2.32 2.44 -8.71
N CYS A 46 -1.35 1.52 -8.69
CA CYS A 46 -0.04 1.83 -8.13
C CYS A 46 0.83 2.49 -9.19
N SER A 47 1.91 3.15 -8.76
CA SER A 47 2.80 3.86 -9.68
C SER A 47 2.97 3.12 -11.01
N SER A 48 3.42 1.87 -10.97
CA SER A 48 3.62 1.10 -12.19
C SER A 48 2.35 1.06 -13.05
N CYS A 49 1.22 0.77 -12.42
CA CYS A 49 -0.06 0.72 -13.10
C CYS A 49 -0.47 2.10 -13.57
N LEU A 50 0.17 3.10 -12.99
CA LEU A 50 -0.09 4.49 -13.30
C LEU A 50 0.73 4.95 -14.49
N GLN A 51 1.84 4.27 -14.73
CA GLN A 51 2.70 4.59 -15.86
C GLN A 51 2.07 4.06 -17.13
N ALA A 52 1.56 2.83 -17.07
CA ALA A 52 0.91 2.20 -18.21
C ALA A 52 -0.34 2.99 -18.61
N THR A 53 -1.31 3.04 -17.71
CA THR A 53 -2.54 3.78 -17.94
C THR A 53 -2.44 5.18 -17.35
N VAL A 54 -3.59 5.83 -17.13
CA VAL A 54 -3.59 7.17 -16.56
C VAL A 54 -4.62 7.29 -15.44
N GLN A 55 -4.21 6.92 -14.23
CA GLN A 55 -5.09 6.99 -13.05
C GLN A 55 -6.27 6.04 -13.19
N GLU A 56 -6.82 5.62 -12.05
CA GLU A 56 -7.96 4.72 -12.03
C GLU A 56 -7.63 3.40 -12.74
N ALA B 1 -10.37 4.48 -2.88
CA ALA B 1 -9.47 3.32 -3.13
C ALA B 1 -9.45 2.36 -1.95
N ARG B 2 -9.12 1.10 -2.22
CA ARG B 2 -9.05 0.07 -1.20
C ARG B 2 -7.87 0.29 -0.26
N THR B 3 -8.07 1.07 0.79
CA THR B 3 -7.00 1.33 1.74
C THR B 3 -7.33 0.75 3.11
N LYS B 4 -6.59 -0.29 3.49
CA LYS B 4 -6.80 -0.95 4.78
C LYS B 4 -5.99 -0.27 5.87
N GLN B 5 -6.34 -0.55 7.13
CA GLN B 5 -5.63 0.02 8.26
C GLN B 5 -4.91 -1.06 9.06
N THR B 6 -3.78 -1.53 8.52
CA THR B 6 -3.00 -2.57 9.18
C THR B 6 -2.23 -2.01 10.37
N ALA B 7 -2.02 -2.84 11.38
CA ALA B 7 -1.30 -2.42 12.57
C ALA B 7 -0.12 -3.34 12.86
N ARG B 8 0.42 -3.95 11.80
CA ARG B 8 1.54 -4.86 11.93
C ARG B 8 2.87 -4.10 11.90
N LYS B 9 3.85 -4.60 12.65
CA LYS B 9 5.17 -3.98 12.71
C LYS B 9 6.20 -4.78 11.93
N SER B 10 6.08 -6.10 11.99
CA SER B 10 7.01 -6.98 11.29
C SER B 10 8.46 -6.65 11.67
N THR B 11 8.87 -7.10 12.85
CA THR B 11 10.23 -6.85 13.33
C THR B 11 10.95 -8.15 13.61
N GLY B 12 10.18 -9.23 13.79
CA GLY B 12 10.78 -10.53 14.06
C GLY B 12 9.84 -11.44 14.83
N GLY B 13 10.09 -12.74 14.75
CA GLY B 13 9.26 -13.70 15.45
C GLY B 13 8.68 -14.75 14.52
N LYS B 14 8.81 -16.03 14.91
CA LYS B 14 8.30 -17.13 14.11
C LYS B 14 8.95 -17.15 12.73
N ALA B 15 8.49 -18.06 11.88
CA ALA B 15 9.03 -18.18 10.53
C ALA B 15 7.93 -18.49 9.51
N PRO B 16 7.29 -17.45 8.96
CA PRO B 16 6.21 -17.62 7.97
C PRO B 16 6.69 -18.34 6.71
N ARG B 17 5.79 -18.52 5.75
CA ARG B 17 6.11 -19.21 4.51
C ARG B 17 6.55 -20.65 4.75
N LYS B 18 6.72 -21.41 3.68
CA LYS B 18 7.15 -22.80 3.77
C LYS B 18 8.65 -22.92 3.66
N GLN B 19 9.31 -23.17 4.79
CA GLN B 19 10.77 -23.31 4.82
C GLN B 19 11.17 -24.76 5.08
N LEU B 20 10.40 -25.44 5.93
CA LEU B 20 10.67 -26.83 6.26
C LEU B 20 9.47 -27.71 5.93
N CYS B 21 9.53 -28.97 6.35
CA CYS B 21 8.44 -29.91 6.11
C CYS B 21 8.35 -30.94 7.24
ZN ZN C . 5.45 3.21 3.86
ZN ZN D . -0.58 -1.96 -9.55
N GLY A 1 -11.43 -11.53 1.54
CA GLY A 1 -10.21 -11.16 0.76
C GLY A 1 -9.20 -10.41 1.60
N SER A 2 -9.65 -9.82 2.70
CA SER A 2 -8.78 -9.07 3.60
C SER A 2 -7.88 -8.10 2.83
N LYS A 3 -8.48 -7.43 1.84
CA LYS A 3 -7.75 -6.47 1.01
C LYS A 3 -6.47 -7.09 0.47
N ASN A 4 -5.57 -6.24 -0.02
CA ASN A 4 -4.30 -6.71 -0.56
C ASN A 4 -3.35 -7.09 0.57
N GLU A 5 -2.10 -7.38 0.23
CA GLU A 5 -1.11 -7.75 1.24
C GLU A 5 -0.89 -6.58 2.19
N ASP A 6 -1.39 -6.71 3.42
CA ASP A 6 -1.25 -5.66 4.42
C ASP A 6 0.22 -5.36 4.69
N GLU A 7 0.80 -4.49 3.87
CA GLU A 7 2.19 -4.10 4.00
C GLU A 7 2.55 -3.07 2.94
N CYS A 8 3.20 -1.99 3.36
CA CYS A 8 3.58 -0.92 2.46
C CYS A 8 4.77 -1.33 1.60
N ALA A 9 4.50 -1.61 0.32
CA ALA A 9 5.52 -2.05 -0.61
C ALA A 9 6.58 -0.98 -0.90
N VAL A 10 6.55 0.14 -0.16
CA VAL A 10 7.54 1.20 -0.39
C VAL A 10 8.55 1.28 0.75
N CYS A 11 8.13 1.03 1.99
CA CYS A 11 9.04 1.12 3.12
C CYS A 11 8.89 -0.06 4.08
N ARG A 12 8.17 -1.08 3.63
CA ARG A 12 7.95 -2.30 4.42
C ARG A 12 7.51 -2.01 5.86
N ASP A 13 6.71 -0.96 6.05
CA ASP A 13 6.22 -0.61 7.38
C ASP A 13 4.70 -0.76 7.44
N GLY A 14 4.16 -0.74 8.67
CA GLY A 14 2.73 -0.88 8.84
C GLY A 14 2.03 0.44 9.14
N GLY A 15 0.71 0.39 9.18
CA GLY A 15 -0.08 1.58 9.45
C GLY A 15 -1.18 1.76 8.43
N GLU A 16 -1.54 3.01 8.12
CA GLU A 16 -2.58 3.28 7.16
C GLU A 16 -2.02 3.14 5.74
N LEU A 17 -2.50 2.13 5.02
CA LEU A 17 -2.05 1.90 3.66
C LEU A 17 -3.21 1.87 2.68
N ILE A 18 -2.92 2.09 1.42
CA ILE A 18 -3.91 2.09 0.36
C ILE A 18 -3.63 0.97 -0.64
N CYS A 19 -4.55 0.03 -0.71
CA CYS A 19 -4.40 -1.11 -1.60
C CYS A 19 -4.55 -0.71 -3.06
N CYS A 20 -3.77 -1.38 -3.91
CA CYS A 20 -3.79 -1.11 -5.36
C CYS A 20 -4.69 -2.11 -6.08
N ASP A 21 -5.54 -1.60 -6.98
CA ASP A 21 -6.45 -2.44 -7.73
C ASP A 21 -5.74 -3.14 -8.88
N GLY A 22 -4.43 -2.94 -8.97
CA GLY A 22 -3.65 -3.57 -10.03
C GLY A 22 -2.74 -4.65 -9.50
N CYS A 23 -2.37 -4.56 -8.23
CA CYS A 23 -1.49 -5.55 -7.62
C CYS A 23 -1.76 -5.68 -6.11
N PRO A 24 -1.30 -6.78 -5.50
CA PRO A 24 -1.48 -7.05 -4.06
C PRO A 24 -0.62 -6.17 -3.16
N ARG A 25 -0.54 -4.87 -3.47
CA ARG A 25 0.28 -3.96 -2.67
C ARG A 25 -0.58 -2.93 -1.92
N ALA A 26 0.11 -2.13 -1.14
CA ALA A 26 -0.51 -1.07 -0.34
C ALA A 26 0.50 0.06 -0.12
N PHE A 27 0.06 1.31 -0.08
CA PHE A 27 0.98 2.44 0.10
C PHE A 27 0.58 3.35 1.27
N HIS A 28 1.58 3.94 1.93
CA HIS A 28 1.34 4.82 3.08
C HIS A 28 0.87 6.21 2.64
N LEU A 29 0.09 6.27 1.57
CA LEU A 29 -0.42 7.55 1.07
C LEU A 29 0.73 8.44 0.60
N ALA A 30 1.43 9.03 1.56
CA ALA A 30 2.56 9.89 1.25
C ALA A 30 3.76 9.07 0.80
N CYS A 31 3.71 7.76 1.05
CA CYS A 31 4.80 6.87 0.64
C CYS A 31 4.79 6.70 -0.88
N LEU A 32 3.77 7.29 -1.49
CA LEU A 32 3.60 7.23 -2.93
C LEU A 32 4.39 8.33 -3.62
N SER A 33 4.71 8.14 -4.90
CA SER A 33 5.41 9.19 -5.64
C SER A 33 4.61 10.47 -5.44
N PRO A 34 3.29 10.44 -5.76
CA PRO A 34 2.40 11.53 -5.50
C PRO A 34 1.59 11.20 -4.25
N PRO A 35 1.62 12.05 -3.22
CA PRO A 35 0.95 11.76 -1.97
C PRO A 35 -0.55 12.01 -2.02
N LEU A 36 -1.28 11.06 -1.46
CA LEU A 36 -2.72 11.12 -1.41
C LEU A 36 -3.20 11.99 -0.27
N ARG A 37 -3.16 13.31 -0.46
CA ARG A 37 -3.64 14.24 0.55
C ARG A 37 -5.02 13.78 1.01
N GLU A 38 -5.66 13.05 0.10
CA GLU A 38 -6.99 12.49 0.33
C GLU A 38 -7.16 11.25 -0.54
N ILE A 39 -7.42 10.13 0.11
CA ILE A 39 -7.58 8.86 -0.58
C ILE A 39 -8.48 8.94 -1.81
N PRO A 40 -8.03 8.28 -2.91
CA PRO A 40 -8.76 8.23 -4.19
C PRO A 40 -10.22 7.84 -4.03
N SER A 41 -11.01 8.10 -5.07
CA SER A 41 -12.43 7.78 -5.05
C SER A 41 -12.71 6.56 -5.92
N GLY A 42 -12.83 5.40 -5.30
CA GLY A 42 -13.09 4.17 -6.03
C GLY A 42 -11.82 3.40 -6.31
N THR A 43 -11.63 2.99 -7.57
CA THR A 43 -10.44 2.24 -7.96
C THR A 43 -9.20 3.13 -7.93
N TRP A 44 -8.04 2.51 -7.73
CA TRP A 44 -6.79 3.25 -7.67
C TRP A 44 -5.60 2.32 -7.90
N ARG A 45 -4.74 2.69 -8.85
CA ARG A 45 -3.56 1.91 -9.15
C ARG A 45 -2.33 2.52 -8.50
N CYS A 46 -1.19 1.86 -8.68
CA CYS A 46 0.07 2.34 -8.13
C CYS A 46 1.00 2.75 -9.26
N SER A 47 2.05 3.49 -8.93
CA SER A 47 2.99 3.97 -9.94
C SER A 47 3.27 2.92 -11.03
N SER A 48 3.49 1.66 -10.61
CA SER A 48 3.78 0.59 -11.56
C SER A 48 2.58 0.28 -12.47
N CYS A 49 1.49 -0.19 -11.87
CA CYS A 49 0.29 -0.55 -12.62
C CYS A 49 -0.20 0.65 -13.41
N LEU A 50 0.29 1.82 -13.01
CA LEU A 50 -0.06 3.07 -13.66
C LEU A 50 0.61 3.18 -15.02
N GLN A 51 1.90 2.88 -15.07
CA GLN A 51 2.64 2.92 -16.32
C GLN A 51 2.01 1.96 -17.32
N ALA A 52 1.55 0.82 -16.82
CA ALA A 52 0.91 -0.19 -17.66
C ALA A 52 -0.51 0.25 -18.02
N THR A 53 -1.14 1.00 -17.14
CA THR A 53 -2.51 1.48 -17.35
C THR A 53 -2.85 2.60 -16.37
N VAL A 54 -3.25 3.76 -16.91
CA VAL A 54 -3.59 4.90 -16.07
C VAL A 54 -4.99 4.77 -15.46
N GLN A 55 -5.16 5.30 -14.26
CA GLN A 55 -6.44 5.25 -13.57
C GLN A 55 -6.58 6.42 -12.59
N GLU A 56 -6.16 6.20 -11.34
CA GLU A 56 -6.23 7.23 -10.31
C GLU A 56 -7.64 7.82 -10.21
N ALA B 1 -10.30 4.36 -2.69
CA ALA B 1 -9.41 3.17 -2.78
C ALA B 1 -9.47 2.33 -1.51
N ARG B 2 -9.06 1.07 -1.62
CA ARG B 2 -9.08 0.13 -0.49
C ARG B 2 -7.97 0.43 0.50
N THR B 3 -8.09 1.52 1.25
CA THR B 3 -7.09 1.88 2.23
C THR B 3 -7.56 1.55 3.64
N LYS B 4 -6.79 0.71 4.33
CA LYS B 4 -7.11 0.31 5.70
C LYS B 4 -5.86 0.20 6.56
N GLN B 5 -6.02 0.41 7.86
CA GLN B 5 -4.90 0.35 8.79
C GLN B 5 -4.48 -1.09 9.05
N THR B 6 -3.18 -1.30 9.24
CA THR B 6 -2.63 -2.62 9.50
C THR B 6 -1.60 -2.60 10.61
N ALA B 7 -1.48 -3.70 11.34
CA ALA B 7 -0.51 -3.80 12.42
C ALA B 7 0.63 -4.73 12.05
N ARG B 8 1.46 -4.28 11.11
CA ARG B 8 2.60 -5.07 10.64
C ARG B 8 3.90 -4.30 10.83
N LYS B 9 3.92 -3.37 11.77
CA LYS B 9 5.10 -2.56 12.04
C LYS B 9 6.15 -3.37 12.82
N SER B 10 5.70 -4.42 13.48
CA SER B 10 6.60 -5.26 14.26
C SER B 10 7.30 -6.29 13.37
N THR B 11 8.25 -5.82 12.57
CA THR B 11 9.00 -6.67 11.65
C THR B 11 8.08 -7.34 10.64
N GLY B 12 7.49 -8.47 11.02
CA GLY B 12 6.59 -9.17 10.12
C GLY B 12 7.32 -9.83 8.96
N GLY B 13 6.57 -10.24 7.94
CA GLY B 13 7.17 -10.88 6.79
C GLY B 13 7.17 -12.39 6.92
N LYS B 14 6.06 -13.01 6.55
CA LYS B 14 5.93 -14.47 6.64
C LYS B 14 5.42 -15.05 5.31
N ALA B 15 5.27 -16.37 5.28
CA ALA B 15 4.78 -17.06 4.09
C ALA B 15 5.68 -16.79 2.89
N PRO B 16 6.87 -17.41 2.85
CA PRO B 16 7.82 -17.23 1.75
C PRO B 16 7.43 -18.06 0.53
N ARG B 17 7.47 -17.44 -0.65
CA ARG B 17 7.11 -18.13 -1.89
C ARG B 17 8.36 -18.46 -2.71
N LYS B 18 9.49 -18.59 -2.02
CA LYS B 18 10.76 -18.89 -2.68
C LYS B 18 11.10 -17.85 -3.74
N GLN B 19 11.78 -16.79 -3.32
CA GLN B 19 12.17 -15.72 -4.23
C GLN B 19 13.07 -16.25 -5.35
N LEU B 20 13.87 -17.26 -5.03
CA LEU B 20 14.78 -17.86 -6.00
C LEU B 20 14.16 -19.09 -6.64
N CYS B 21 13.42 -18.89 -7.72
CA CYS B 21 12.78 -20.00 -8.43
C CYS B 21 13.70 -20.58 -9.49
ZN ZN C . 5.51 3.23 3.79
ZN ZN D . -0.16 -1.81 -8.41
N GLY A 1 -11.85 -13.52 0.42
CA GLY A 1 -11.24 -14.50 1.38
C GLY A 1 -10.10 -13.90 2.17
N SER A 2 -9.08 -13.40 1.46
CA SER A 2 -7.92 -12.80 2.10
C SER A 2 -7.66 -11.40 1.55
N LYS A 3 -7.27 -10.49 2.43
CA LYS A 3 -6.99 -9.12 2.02
C LYS A 3 -5.57 -9.00 1.48
N ASN A 4 -5.26 -7.86 0.87
CA ASN A 4 -3.94 -7.64 0.29
C ASN A 4 -2.84 -7.84 1.34
N GLU A 5 -1.62 -8.05 0.86
CA GLU A 5 -0.47 -8.26 1.74
C GLU A 5 -0.19 -7.03 2.59
N ASP A 6 -0.40 -7.15 3.90
CA ASP A 6 -0.17 -6.04 4.82
C ASP A 6 1.32 -5.71 4.90
N GLU A 7 1.76 -4.81 4.02
CA GLU A 7 3.15 -4.39 3.98
C GLU A 7 3.35 -3.31 2.91
N CYS A 8 3.55 -2.08 3.36
CA CYS A 8 3.77 -0.96 2.44
C CYS A 8 4.93 -1.24 1.49
N ALA A 9 4.62 -1.33 0.21
CA ALA A 9 5.60 -1.64 -0.82
C ALA A 9 6.69 -0.58 -0.97
N VAL A 10 6.73 0.42 -0.08
CA VAL A 10 7.74 1.47 -0.18
C VAL A 10 8.65 1.51 1.05
N CYS A 11 8.14 1.14 2.22
CA CYS A 11 8.95 1.19 3.43
C CYS A 11 8.69 0.02 4.37
N ARG A 12 8.01 -1.00 3.85
CA ARG A 12 7.70 -2.23 4.61
C ARG A 12 7.18 -1.94 6.02
N ASP A 13 6.58 -0.78 6.23
CA ASP A 13 6.05 -0.45 7.55
C ASP A 13 4.55 -0.69 7.61
N GLY A 14 3.98 -0.54 8.79
CA GLY A 14 2.55 -0.75 8.96
C GLY A 14 1.77 0.52 9.18
N GLY A 15 0.45 0.42 9.12
CA GLY A 15 -0.42 1.57 9.30
C GLY A 15 -1.52 1.59 8.26
N GLU A 16 -2.01 2.79 7.93
CA GLU A 16 -3.05 2.90 6.92
C GLU A 16 -2.41 2.84 5.54
N LEU A 17 -2.70 1.77 4.80
CA LEU A 17 -2.13 1.59 3.47
C LEU A 17 -3.21 1.45 2.41
N ILE A 18 -2.92 1.95 1.21
CA ILE A 18 -3.84 1.88 0.08
C ILE A 18 -3.39 0.79 -0.88
N CYS A 19 -4.20 -0.24 -1.01
CA CYS A 19 -3.86 -1.36 -1.87
C CYS A 19 -4.21 -1.09 -3.33
N CYS A 20 -3.45 -1.68 -4.24
CA CYS A 20 -3.67 -1.52 -5.67
C CYS A 20 -4.80 -2.43 -6.15
N ASP A 21 -5.61 -1.93 -7.07
CA ASP A 21 -6.73 -2.69 -7.61
C ASP A 21 -6.25 -3.83 -8.49
N GLY A 22 -4.96 -3.85 -8.80
CA GLY A 22 -4.40 -4.89 -9.65
C GLY A 22 -3.18 -5.55 -9.06
N CYS A 23 -2.83 -5.18 -7.83
CA CYS A 23 -1.67 -5.77 -7.17
C CYS A 23 -1.92 -6.00 -5.68
N PRO A 24 -1.18 -6.96 -5.08
CA PRO A 24 -1.30 -7.31 -3.66
C PRO A 24 -0.53 -6.35 -2.77
N ARG A 25 -0.25 -5.17 -3.28
CA ARG A 25 0.52 -4.17 -2.54
C ARG A 25 -0.38 -3.15 -1.85
N ALA A 26 0.26 -2.31 -1.04
CA ALA A 26 -0.41 -1.25 -0.30
C ALA A 26 0.58 -0.09 -0.10
N PHE A 27 0.08 1.15 0.00
CA PHE A 27 0.97 2.31 0.17
C PHE A 27 0.53 3.25 1.29
N HIS A 28 1.50 3.89 1.93
CA HIS A 28 1.24 4.83 3.02
C HIS A 28 0.80 6.20 2.53
N LEU A 29 0.04 6.22 1.43
CA LEU A 29 -0.44 7.48 0.87
C LEU A 29 0.73 8.32 0.39
N ALA A 30 1.37 9.00 1.33
CA ALA A 30 2.51 9.84 1.03
C ALA A 30 3.74 9.01 0.66
N CYS A 31 3.65 7.71 0.92
CA CYS A 31 4.74 6.80 0.59
C CYS A 31 4.75 6.53 -0.90
N LEU A 32 3.78 7.12 -1.58
CA LEU A 32 3.62 6.97 -3.02
C LEU A 32 4.42 8.02 -3.78
N SER A 33 4.66 7.79 -5.07
CA SER A 33 5.36 8.78 -5.86
C SER A 33 4.58 10.08 -5.75
N PRO A 34 3.26 10.05 -6.08
CA PRO A 34 2.39 11.19 -5.93
C PRO A 34 1.46 10.96 -4.73
N PRO A 35 1.81 11.57 -3.60
CA PRO A 35 1.06 11.41 -2.36
C PRO A 35 -0.42 11.66 -2.47
N LEU A 36 -1.15 10.85 -1.74
CA LEU A 36 -2.60 10.93 -1.71
C LEU A 36 -3.08 11.85 -0.61
N ARG A 37 -3.08 13.15 -0.88
CA ARG A 37 -3.54 14.15 0.08
C ARG A 37 -4.91 13.73 0.60
N GLU A 38 -5.58 12.93 -0.22
CA GLU A 38 -6.90 12.41 0.09
C GLU A 38 -7.18 11.20 -0.78
N ILE A 39 -7.26 10.04 -0.15
CA ILE A 39 -7.48 8.78 -0.84
C ILE A 39 -8.41 8.92 -2.06
N PRO A 40 -7.97 8.33 -3.18
CA PRO A 40 -8.70 8.35 -4.46
C PRO A 40 -10.21 8.21 -4.31
N SER A 41 -10.95 8.78 -5.25
CA SER A 41 -12.42 8.72 -5.22
C SER A 41 -12.91 7.55 -6.07
N GLY A 42 -12.72 6.34 -5.57
CA GLY A 42 -13.15 5.15 -6.29
C GLY A 42 -12.03 4.15 -6.48
N THR A 43 -11.73 3.84 -7.73
CA THR A 43 -10.66 2.90 -8.05
C THR A 43 -9.29 3.54 -7.84
N TRP A 44 -8.23 2.77 -8.06
CA TRP A 44 -6.87 3.27 -7.89
C TRP A 44 -5.85 2.26 -8.38
N ARG A 45 -4.71 2.78 -8.86
CA ARG A 45 -3.63 1.94 -9.35
C ARG A 45 -2.32 2.33 -8.69
N CYS A 46 -1.39 1.39 -8.63
CA CYS A 46 -0.09 1.66 -8.01
C CYS A 46 0.83 2.32 -9.04
N SER A 47 1.82 3.07 -8.56
CA SER A 47 2.75 3.78 -9.43
C SER A 47 2.97 3.06 -10.77
N SER A 48 3.29 1.77 -10.70
CA SER A 48 3.52 0.98 -11.91
C SER A 48 2.29 0.97 -12.81
N CYS A 49 1.15 0.56 -12.24
CA CYS A 49 -0.11 0.49 -12.97
C CYS A 49 -0.51 1.88 -13.46
N LEU A 50 0.06 2.89 -12.82
CA LEU A 50 -0.22 4.27 -13.14
C LEU A 50 0.51 4.70 -14.40
N GLN A 51 1.82 4.45 -14.42
CA GLN A 51 2.63 4.80 -15.58
C GLN A 51 2.12 4.06 -16.82
N ALA A 52 1.46 2.93 -16.60
CA ALA A 52 0.91 2.13 -17.69
C ALA A 52 -0.35 2.77 -18.29
N THR A 53 -1.41 2.83 -17.49
CA THR A 53 -2.68 3.40 -17.95
C THR A 53 -2.99 4.71 -17.24
N VAL A 54 -2.04 5.64 -17.26
CA VAL A 54 -2.21 6.95 -16.64
C VAL A 54 -2.69 6.83 -15.19
N GLN A 55 -4.00 6.73 -15.00
CA GLN A 55 -4.58 6.62 -13.66
C GLN A 55 -5.95 5.95 -13.72
N GLU A 56 -6.32 5.31 -12.61
CA GLU A 56 -7.61 4.61 -12.52
C GLU A 56 -7.72 3.53 -13.59
N ALA B 1 -10.32 4.58 -3.08
CA ALA B 1 -9.46 3.38 -3.22
C ALA B 1 -9.54 2.49 -1.97
N ARG B 2 -9.26 1.20 -2.15
CA ARG B 2 -9.31 0.25 -1.04
C ARG B 2 -8.07 0.38 -0.16
N THR B 3 -8.13 1.29 0.80
CA THR B 3 -7.02 1.49 1.71
C THR B 3 -7.30 0.81 3.05
N LYS B 4 -6.70 -0.36 3.24
CA LYS B 4 -6.90 -1.14 4.45
C LYS B 4 -6.17 -0.53 5.65
N GLN B 5 -6.67 -0.83 6.84
CA GLN B 5 -6.07 -0.32 8.08
C GLN B 5 -5.09 -1.35 8.63
N THR B 6 -3.95 -1.49 7.96
CA THR B 6 -2.92 -2.43 8.37
C THR B 6 -2.40 -2.11 9.76
N ALA B 7 -2.83 -2.91 10.75
CA ALA B 7 -2.42 -2.72 12.13
C ALA B 7 -1.31 -3.69 12.51
N ARG B 8 -0.45 -4.01 11.55
CA ARG B 8 0.65 -4.93 11.77
C ARG B 8 1.68 -4.32 12.72
N LYS B 9 1.88 -4.98 13.86
CA LYS B 9 2.83 -4.51 14.86
C LYS B 9 3.37 -5.68 15.68
N SER B 10 2.46 -6.47 16.24
CA SER B 10 2.84 -7.62 17.06
C SER B 10 2.29 -8.91 16.47
N THR B 11 3.19 -9.81 16.09
CA THR B 11 2.78 -11.09 15.50
C THR B 11 3.42 -12.26 16.25
N GLY B 12 2.59 -13.24 16.61
CA GLY B 12 3.09 -14.40 17.33
C GLY B 12 2.09 -14.91 18.36
N GLY B 13 1.48 -16.05 18.07
CA GLY B 13 0.52 -16.63 18.99
C GLY B 13 -0.73 -17.12 18.28
N LYS B 14 -1.84 -16.40 18.47
CA LYS B 14 -3.11 -16.77 17.85
C LYS B 14 -3.70 -15.59 17.08
N ALA B 15 -4.74 -15.86 16.31
CA ALA B 15 -5.40 -14.82 15.52
C ALA B 15 -6.92 -14.89 15.69
N PRO B 16 -7.43 -14.44 16.86
CA PRO B 16 -8.87 -14.45 17.13
C PRO B 16 -9.69 -13.83 16.00
N ARG B 17 -10.77 -14.49 15.62
CA ARG B 17 -11.64 -14.00 14.55
C ARG B 17 -12.72 -13.07 15.08
N LYS B 18 -12.31 -12.14 15.94
CA LYS B 18 -13.26 -11.19 16.53
C LYS B 18 -13.82 -10.26 15.46
N GLN B 19 -13.10 -10.14 14.35
CA GLN B 19 -13.54 -9.29 13.25
C GLN B 19 -14.46 -10.05 12.30
N LEU B 20 -15.59 -9.42 11.98
CA LEU B 20 -16.58 -10.03 11.08
C LEU B 20 -17.04 -11.39 11.61
N CYS B 21 -18.12 -11.38 12.39
CA CYS B 21 -18.66 -12.61 12.95
C CYS B 21 -19.31 -13.47 11.88
ZN ZN C . 5.42 3.28 3.87
ZN ZN D . -0.67 -2.16 -9.44
N GLY A 1 -6.90 -13.55 4.88
CA GLY A 1 -6.31 -12.66 3.83
C GLY A 1 -7.36 -12.15 2.86
N SER A 2 -8.33 -11.40 3.38
CA SER A 2 -9.38 -10.84 2.55
C SER A 2 -8.90 -9.60 1.82
N LYS A 3 -7.84 -8.99 2.35
CA LYS A 3 -7.26 -7.79 1.74
C LYS A 3 -5.89 -8.09 1.14
N ASN A 4 -5.15 -7.03 0.82
CA ASN A 4 -3.82 -7.16 0.23
C ASN A 4 -2.84 -7.79 1.22
N GLU A 5 -1.56 -7.69 0.91
CA GLU A 5 -0.52 -8.24 1.78
C GLU A 5 -0.44 -7.46 3.09
N ASP A 6 -1.13 -6.32 3.13
CA ASP A 6 -1.15 -5.46 4.31
C ASP A 6 0.26 -5.00 4.68
N GLU A 7 1.10 -4.82 3.66
CA GLU A 7 2.47 -4.38 3.88
C GLU A 7 2.86 -3.31 2.86
N CYS A 8 3.23 -2.13 3.35
CA CYS A 8 3.63 -1.03 2.49
C CYS A 8 4.87 -1.40 1.67
N ALA A 9 4.66 -1.64 0.37
CA ALA A 9 5.73 -2.03 -0.52
C ALA A 9 6.80 -0.94 -0.71
N VAL A 10 6.72 0.15 0.05
CA VAL A 10 7.70 1.23 -0.07
C VAL A 10 8.62 1.31 1.14
N CYS A 11 8.11 1.03 2.33
CA CYS A 11 8.92 1.12 3.54
C CYS A 11 8.69 -0.06 4.49
N ARG A 12 8.09 -1.12 3.95
CA ARG A 12 7.82 -2.35 4.70
C ARG A 12 7.28 -2.07 6.11
N ASP A 13 6.48 -1.03 6.26
CA ASP A 13 5.91 -0.70 7.56
C ASP A 13 4.40 -0.88 7.56
N GLY A 14 3.78 -0.79 8.74
CA GLY A 14 2.35 -0.95 8.84
C GLY A 14 1.63 0.36 9.08
N GLY A 15 0.31 0.31 9.03
CA GLY A 15 -0.50 1.50 9.23
C GLY A 15 -1.52 1.66 8.12
N GLU A 16 -1.86 2.90 7.79
CA GLU A 16 -2.82 3.16 6.73
C GLU A 16 -2.17 2.97 5.36
N LEU A 17 -2.62 1.95 4.64
CA LEU A 17 -2.08 1.68 3.31
C LEU A 17 -3.21 1.57 2.28
N ILE A 18 -2.89 1.90 1.03
CA ILE A 18 -3.86 1.85 -0.06
C ILE A 18 -3.51 0.75 -1.07
N CYS A 19 -4.48 -0.13 -1.31
CA CYS A 19 -4.31 -1.25 -2.24
C CYS A 19 -4.45 -0.81 -3.70
N CYS A 20 -3.63 -1.39 -4.57
CA CYS A 20 -3.72 -1.08 -6.00
C CYS A 20 -4.82 -1.92 -6.64
N ASP A 21 -5.42 -1.38 -7.70
CA ASP A 21 -6.49 -2.08 -8.41
C ASP A 21 -5.91 -3.11 -9.36
N GLY A 22 -5.23 -4.11 -8.80
CA GLY A 22 -4.63 -5.15 -9.61
C GLY A 22 -3.42 -5.76 -8.96
N CYS A 23 -2.74 -4.99 -8.11
CA CYS A 23 -1.54 -5.48 -7.43
C CYS A 23 -1.82 -5.73 -5.94
N PRO A 24 -1.06 -6.67 -5.34
CA PRO A 24 -1.19 -7.04 -3.94
C PRO A 24 -0.43 -6.09 -3.03
N ARG A 25 -0.13 -4.90 -3.55
CA ARG A 25 0.63 -3.92 -2.78
C ARG A 25 -0.27 -2.86 -2.15
N ALA A 26 0.30 -2.20 -1.14
CA ALA A 26 -0.38 -1.15 -0.41
C ALA A 26 0.61 -0.01 -0.13
N PHE A 27 0.15 1.23 -0.19
CA PHE A 27 1.04 2.37 0.03
C PHE A 27 0.56 3.29 1.16
N HIS A 28 1.51 3.87 1.88
CA HIS A 28 1.22 4.77 3.00
C HIS A 28 0.79 6.16 2.53
N LEU A 29 0.09 6.22 1.41
CA LEU A 29 -0.37 7.51 0.88
C LEU A 29 0.81 8.36 0.46
N ALA A 30 1.46 8.98 1.45
CA ALA A 30 2.61 9.83 1.20
C ALA A 30 3.82 8.99 0.82
N CYS A 31 3.73 7.69 1.08
CA CYS A 31 4.84 6.78 0.74
C CYS A 31 4.89 6.57 -0.77
N LEU A 32 3.90 7.14 -1.45
CA LEU A 32 3.80 7.05 -2.90
C LEU A 32 4.63 8.12 -3.58
N SER A 33 4.96 7.93 -4.86
CA SER A 33 5.70 8.95 -5.58
C SER A 33 4.88 10.24 -5.45
N PRO A 34 3.58 10.18 -5.82
CA PRO A 34 2.67 11.28 -5.63
C PRO A 34 1.81 10.98 -4.41
N PRO A 35 1.81 11.85 -3.41
CA PRO A 35 1.08 11.59 -2.17
C PRO A 35 -0.41 11.86 -2.26
N LEU A 36 -1.16 10.94 -1.69
CA LEU A 36 -2.60 10.99 -1.67
C LEU A 36 -3.11 11.85 -0.52
N ARG A 37 -3.04 13.17 -0.70
CA ARG A 37 -3.53 14.11 0.32
C ARG A 37 -4.91 13.68 0.76
N GLU A 38 -5.57 12.96 -0.13
CA GLU A 38 -6.90 12.44 0.09
C GLU A 38 -7.13 11.22 -0.80
N ILE A 39 -7.29 10.08 -0.15
CA ILE A 39 -7.48 8.82 -0.83
C ILE A 39 -8.40 8.92 -2.06
N PRO A 40 -7.95 8.28 -3.17
CA PRO A 40 -8.68 8.25 -4.45
C PRO A 40 -10.16 7.90 -4.29
N SER A 41 -10.94 8.24 -5.32
CA SER A 41 -12.37 7.97 -5.30
C SER A 41 -12.68 6.64 -5.96
N GLY A 42 -13.08 5.65 -5.16
CA GLY A 42 -13.41 4.34 -5.69
C GLY A 42 -12.18 3.48 -5.91
N THR A 43 -11.66 3.48 -7.13
CA THR A 43 -10.50 2.68 -7.47
C THR A 43 -9.22 3.51 -7.44
N TRP A 44 -8.10 2.87 -7.78
CA TRP A 44 -6.80 3.53 -7.80
C TRP A 44 -5.72 2.54 -8.23
N ARG A 45 -4.65 3.05 -8.80
CA ARG A 45 -3.56 2.22 -9.27
C ARG A 45 -2.21 2.67 -8.71
N CYS A 46 -1.32 1.69 -8.53
CA CYS A 46 0.00 1.97 -8.01
C CYS A 46 0.85 2.68 -9.08
N SER A 47 1.83 3.45 -8.64
CA SER A 47 2.70 4.20 -9.55
C SER A 47 2.97 3.44 -10.86
N SER A 48 3.45 2.21 -10.74
CA SER A 48 3.75 1.40 -11.92
C SER A 48 2.56 1.35 -12.88
N CYS A 49 1.40 0.97 -12.36
CA CYS A 49 0.20 0.88 -13.15
C CYS A 49 -0.15 2.25 -13.71
N LEU A 50 0.13 3.26 -12.90
CA LEU A 50 -0.12 4.64 -13.27
C LEU A 50 0.72 5.04 -14.48
N GLN A 51 1.93 4.48 -14.56
CA GLN A 51 2.81 4.75 -15.68
C GLN A 51 2.22 4.18 -16.95
N ALA A 52 1.50 3.07 -16.80
CA ALA A 52 0.85 2.42 -17.93
C ALA A 52 -0.27 3.28 -18.50
N THR A 53 -0.48 4.45 -17.89
CA THR A 53 -1.50 5.40 -18.32
C THR A 53 -2.89 4.76 -18.42
N VAL A 54 -3.29 4.06 -17.36
CA VAL A 54 -4.59 3.40 -17.32
C VAL A 54 -5.58 4.17 -16.45
N GLN A 55 -5.35 4.16 -15.14
CA GLN A 55 -6.22 4.86 -14.20
C GLN A 55 -5.48 6.00 -13.50
N GLU A 56 -5.85 6.30 -12.26
CA GLU A 56 -5.22 7.38 -11.52
C GLU A 56 -5.31 7.14 -10.02
N ALA B 1 -10.43 3.96 -2.42
CA ALA B 1 -9.29 3.37 -3.18
C ALA B 1 -8.75 2.11 -2.51
N ARG B 2 -9.60 1.46 -1.71
CA ARG B 2 -9.24 0.22 -1.01
C ARG B 2 -8.04 0.41 -0.09
N THR B 3 -8.13 1.37 0.82
CA THR B 3 -7.03 1.62 1.76
C THR B 3 -7.33 1.01 3.13
N LYS B 4 -6.66 -0.10 3.42
CA LYS B 4 -6.86 -0.81 4.69
C LYS B 4 -5.93 -0.26 5.77
N GLN B 5 -6.29 -0.51 7.04
CA GLN B 5 -5.50 -0.05 8.17
C GLN B 5 -4.85 -1.24 8.88
N THR B 6 -3.67 -1.64 8.42
CA THR B 6 -2.96 -2.77 9.01
C THR B 6 -2.15 -2.34 10.22
N ALA B 7 -1.79 -3.31 11.05
CA ALA B 7 -1.00 -3.04 12.26
C ALA B 7 0.43 -3.49 12.06
N ARG B 8 0.60 -4.72 11.57
CA ARG B 8 1.92 -5.29 11.32
C ARG B 8 2.81 -5.23 12.56
N LYS B 9 3.56 -4.13 12.71
CA LYS B 9 4.45 -3.97 13.84
C LYS B 9 4.55 -2.50 14.24
N SER B 10 4.46 -1.61 13.26
CA SER B 10 4.53 -0.17 13.50
C SER B 10 3.23 0.35 14.09
N THR B 11 3.35 1.12 15.17
CA THR B 11 2.18 1.69 15.83
C THR B 11 2.15 3.21 15.70
N GLY B 12 2.88 3.73 14.73
CA GLY B 12 2.94 5.16 14.52
C GLY B 12 3.97 5.85 15.39
N GLY B 13 5.24 5.59 15.11
CA GLY B 13 6.31 6.19 15.88
C GLY B 13 7.43 5.22 16.18
N LYS B 14 8.44 5.68 16.92
CA LYS B 14 9.58 4.84 17.27
C LYS B 14 9.71 4.70 18.79
N ALA B 15 9.61 3.47 19.28
CA ALA B 15 9.72 3.20 20.70
C ALA B 15 10.02 1.73 20.98
N PRO B 16 9.22 0.79 20.41
CA PRO B 16 9.44 -0.65 20.62
C PRO B 16 10.76 -1.13 20.02
N ARG B 17 11.26 -0.35 19.06
CA ARG B 17 12.52 -0.68 18.39
C ARG B 17 13.71 -0.46 19.31
N LYS B 18 14.91 -0.66 18.78
CA LYS B 18 16.13 -0.48 19.55
C LYS B 18 17.30 -0.10 18.64
N GLN B 19 17.00 0.75 17.64
CA GLN B 19 18.01 1.18 16.69
C GLN B 19 18.84 2.33 17.26
N LEU B 20 20.09 2.42 16.83
CA LEU B 20 21.00 3.47 17.30
C LEU B 20 21.01 4.65 16.33
N CYS B 21 20.10 4.62 15.37
CA CYS B 21 20.02 5.69 14.37
C CYS B 21 21.34 5.86 13.63
ZN ZN C . 5.34 3.17 3.97
ZN ZN D . -0.54 -1.75 -9.63
N GLY A 1 -10.98 -14.23 3.40
CA GLY A 1 -11.06 -12.74 3.38
C GLY A 1 -9.73 -12.09 3.70
N SER A 2 -8.84 -12.07 2.73
CA SER A 2 -7.52 -11.47 2.91
C SER A 2 -7.22 -10.46 1.81
N LYS A 3 -6.98 -9.22 2.20
CA LYS A 3 -6.69 -8.14 1.26
C LYS A 3 -5.30 -8.31 0.65
N ASN A 4 -4.85 -7.29 -0.06
CA ASN A 4 -3.53 -7.29 -0.68
C ASN A 4 -2.45 -7.36 0.40
N GLU A 5 -1.19 -7.27 -0.01
CA GLU A 5 -0.09 -7.31 0.94
C GLU A 5 -0.28 -6.24 2.01
N ASP A 6 -0.51 -6.68 3.25
CA ASP A 6 -0.71 -5.75 4.36
C ASP A 6 0.61 -5.09 4.77
N GLU A 7 1.50 -4.94 3.81
CA GLU A 7 2.80 -4.32 4.06
C GLU A 7 3.09 -3.27 2.98
N CYS A 8 3.35 -2.04 3.43
CA CYS A 8 3.63 -0.95 2.51
C CYS A 8 4.79 -1.28 1.58
N ALA A 9 4.47 -1.38 0.29
CA ALA A 9 5.45 -1.73 -0.74
C ALA A 9 6.53 -0.67 -0.94
N VAL A 10 6.61 0.34 -0.07
CA VAL A 10 7.62 1.37 -0.22
C VAL A 10 8.58 1.46 0.97
N CYS A 11 8.11 1.09 2.17
CA CYS A 11 8.97 1.17 3.35
C CYS A 11 8.74 0.00 4.30
N ARG A 12 8.04 -1.02 3.82
CA ARG A 12 7.76 -2.23 4.60
C ARG A 12 7.29 -1.93 6.03
N ASP A 13 6.53 -0.84 6.21
CA ASP A 13 6.02 -0.49 7.53
C ASP A 13 4.52 -0.69 7.60
N GLY A 14 3.95 -0.51 8.80
CA GLY A 14 2.52 -0.69 8.98
C GLY A 14 1.77 0.61 9.19
N GLY A 15 0.46 0.52 9.18
CA GLY A 15 -0.39 1.69 9.35
C GLY A 15 -1.50 1.71 8.32
N GLU A 16 -2.05 2.89 8.02
CA GLU A 16 -3.10 2.97 7.02
C GLU A 16 -2.48 2.96 5.64
N LEU A 17 -2.73 1.89 4.89
CA LEU A 17 -2.20 1.76 3.54
C LEU A 17 -3.31 1.67 2.51
N ILE A 18 -2.99 2.04 1.28
CA ILE A 18 -3.93 2.00 0.18
C ILE A 18 -3.56 0.87 -0.79
N CYS A 19 -4.29 -0.22 -0.70
CA CYS A 19 -4.04 -1.37 -1.55
C CYS A 19 -4.29 -1.06 -3.02
N CYS A 20 -3.37 -1.53 -3.85
CA CYS A 20 -3.45 -1.32 -5.30
C CYS A 20 -4.43 -2.30 -5.94
N ASP A 21 -5.28 -1.79 -6.83
CA ASP A 21 -6.27 -2.61 -7.50
C ASP A 21 -5.62 -3.41 -8.64
N GLY A 22 -4.41 -3.02 -9.02
CA GLY A 22 -3.71 -3.71 -10.08
C GLY A 22 -2.85 -4.86 -9.57
N CYS A 23 -2.16 -4.61 -8.46
CA CYS A 23 -1.30 -5.65 -7.88
C CYS A 23 -1.52 -5.75 -6.36
N PRO A 24 -1.16 -6.90 -5.77
CA PRO A 24 -1.32 -7.16 -4.33
C PRO A 24 -0.38 -6.31 -3.46
N ARG A 25 -0.65 -5.01 -3.37
CA ARG A 25 0.18 -4.12 -2.57
C ARG A 25 -0.65 -3.14 -1.76
N ALA A 26 0.03 -2.17 -1.16
CA ALA A 26 -0.59 -1.14 -0.34
C ALA A 26 0.43 -0.02 -0.08
N PHE A 27 -0.02 1.24 -0.07
CA PHE A 27 0.92 2.36 0.13
C PHE A 27 0.50 3.29 1.28
N HIS A 28 1.51 3.91 1.91
CA HIS A 28 1.27 4.83 3.02
C HIS A 28 0.84 6.21 2.54
N LEU A 29 0.09 6.26 1.46
CA LEU A 29 -0.37 7.54 0.93
C LEU A 29 0.81 8.38 0.45
N ALA A 30 1.48 9.00 1.42
CA ALA A 30 2.64 9.83 1.14
C ALA A 30 3.83 8.97 0.71
N CYS A 31 3.73 7.66 0.96
CA CYS A 31 4.80 6.75 0.56
C CYS A 31 4.76 6.52 -0.94
N LEU A 32 3.82 7.20 -1.58
CA LEU A 32 3.64 7.11 -3.02
C LEU A 32 4.41 8.19 -3.75
N SER A 33 4.59 8.03 -5.06
CA SER A 33 5.28 9.06 -5.83
C SER A 33 4.52 10.37 -5.61
N PRO A 34 3.21 10.42 -5.93
CA PRO A 34 2.37 11.56 -5.68
C PRO A 34 1.48 11.27 -4.48
N PRO A 35 1.86 11.79 -3.32
CA PRO A 35 1.15 11.57 -2.07
C PRO A 35 -0.34 11.83 -2.13
N LEU A 36 -1.07 10.95 -1.48
CA LEU A 36 -2.51 11.04 -1.42
C LEU A 36 -2.98 11.87 -0.23
N ARG A 37 -2.91 13.19 -0.35
CA ARG A 37 -3.38 14.06 0.72
C ARG A 37 -4.78 13.64 1.10
N GLU A 38 -5.44 13.01 0.14
CA GLU A 38 -6.80 12.51 0.30
C GLU A 38 -6.99 11.30 -0.61
N ILE A 39 -7.31 10.17 0.00
CA ILE A 39 -7.49 8.92 -0.71
C ILE A 39 -8.30 9.07 -2.00
N PRO A 40 -7.80 8.44 -3.09
CA PRO A 40 -8.44 8.45 -4.41
C PRO A 40 -9.93 8.11 -4.34
N SER A 41 -10.66 8.44 -5.40
CA SER A 41 -12.10 8.17 -5.46
C SER A 41 -12.38 6.89 -6.23
N GLY A 42 -13.01 5.92 -5.56
CA GLY A 42 -13.33 4.67 -6.20
C GLY A 42 -12.15 3.72 -6.23
N THR A 43 -11.72 3.36 -7.45
CA THR A 43 -10.59 2.46 -7.62
C THR A 43 -9.28 3.23 -7.56
N TRP A 44 -8.16 2.51 -7.74
CA TRP A 44 -6.84 3.13 -7.70
C TRP A 44 -5.73 2.13 -7.99
N ARG A 45 -4.67 2.60 -8.62
CA ARG A 45 -3.53 1.78 -8.95
C ARG A 45 -2.23 2.43 -8.49
N CYS A 46 -1.18 1.63 -8.34
CA CYS A 46 0.11 2.15 -7.90
C CYS A 46 0.86 2.71 -9.10
N SER A 47 1.83 3.58 -8.84
CA SER A 47 2.60 4.20 -9.92
C SER A 47 2.94 3.19 -11.03
N SER A 48 3.24 1.96 -10.64
CA SER A 48 3.59 0.91 -11.60
C SER A 48 2.41 0.54 -12.50
N CYS A 49 1.33 0.05 -11.90
CA CYS A 49 0.16 -0.37 -12.65
C CYS A 49 -0.46 0.84 -13.33
N LEU A 50 -0.06 2.02 -12.88
CA LEU A 50 -0.56 3.27 -13.42
C LEU A 50 0.09 3.57 -14.77
N GLN A 51 1.38 3.35 -14.86
CA GLN A 51 2.11 3.57 -16.09
C GLN A 51 1.93 2.40 -17.04
N ALA A 52 1.36 1.31 -16.52
CA ALA A 52 1.13 0.12 -17.31
C ALA A 52 -0.36 -0.12 -17.59
N THR A 53 -1.22 0.73 -17.04
CA THR A 53 -2.66 0.57 -17.24
C THR A 53 -3.42 1.90 -17.09
N VAL A 54 -2.90 2.78 -16.23
CA VAL A 54 -3.52 4.08 -15.99
C VAL A 54 -4.93 3.92 -15.41
N GLN A 55 -5.08 4.22 -14.13
CA GLN A 55 -6.38 4.14 -13.45
C GLN A 55 -6.90 5.53 -13.09
N GLU A 56 -6.55 6.00 -11.90
CA GLU A 56 -6.98 7.31 -11.43
C GLU A 56 -6.22 7.72 -10.17
N ALA B 1 -10.52 4.21 -2.59
CA ALA B 1 -9.32 3.65 -3.27
C ALA B 1 -8.82 2.37 -2.59
N ARG B 2 -9.70 1.77 -1.79
CA ARG B 2 -9.37 0.54 -1.08
C ARG B 2 -8.16 0.72 -0.18
N THR B 3 -8.35 1.41 0.96
CA THR B 3 -7.25 1.64 1.89
C THR B 3 -7.61 1.13 3.28
N LYS B 4 -6.93 0.09 3.73
CA LYS B 4 -7.18 -0.50 5.04
C LYS B 4 -6.03 -0.18 6.00
N GLN B 5 -6.17 -0.64 7.24
CA GLN B 5 -5.15 -0.40 8.27
C GLN B 5 -4.48 -1.70 8.67
N THR B 6 -3.20 -1.61 9.03
CA THR B 6 -2.43 -2.79 9.43
C THR B 6 -1.42 -2.44 10.53
N ALA B 7 -0.76 -3.46 11.06
CA ALA B 7 0.23 -3.27 12.10
C ALA B 7 1.35 -4.30 12.02
N ARG B 8 2.25 -4.11 11.06
CA ARG B 8 3.36 -5.04 10.87
C ARG B 8 4.47 -4.75 11.87
N LYS B 9 5.11 -5.81 12.36
CA LYS B 9 6.19 -5.66 13.33
C LYS B 9 7.32 -6.66 13.06
N SER B 10 6.97 -7.95 13.05
CA SER B 10 7.97 -8.99 12.80
C SER B 10 7.36 -10.15 12.01
N THR B 11 6.10 -10.46 12.29
CA THR B 11 5.41 -11.56 11.62
C THR B 11 5.43 -11.37 10.11
N GLY B 12 5.63 -12.47 9.39
CA GLY B 12 5.67 -12.42 7.94
C GLY B 12 5.90 -13.78 7.31
N GLY B 13 5.23 -14.02 6.19
CA GLY B 13 5.37 -15.31 5.51
C GLY B 13 4.89 -15.25 4.08
N LYS B 14 4.17 -16.29 3.66
CA LYS B 14 3.64 -16.36 2.30
C LYS B 14 2.23 -16.94 2.28
N ALA B 15 1.25 -16.08 2.54
CA ALA B 15 -0.15 -16.49 2.57
C ALA B 15 -0.76 -16.50 1.15
N PRO B 16 -0.61 -15.39 0.40
CA PRO B 16 -1.17 -15.30 -0.96
C PRO B 16 -0.43 -16.19 -1.94
N ARG B 17 -0.86 -16.17 -3.20
CA ARG B 17 -0.25 -16.98 -4.23
C ARG B 17 0.52 -16.11 -5.22
N LYS B 18 1.21 -16.75 -6.17
CA LYS B 18 1.99 -16.03 -7.17
C LYS B 18 1.13 -15.00 -7.89
N GLN B 19 0.00 -15.44 -8.44
CA GLN B 19 -0.90 -14.55 -9.15
C GLN B 19 -0.16 -13.81 -10.27
N LEU B 20 0.22 -14.55 -11.30
CA LEU B 20 0.92 -13.97 -12.44
C LEU B 20 -0.04 -13.57 -13.55
N CYS B 21 -1.26 -13.21 -13.15
CA CYS B 21 -2.29 -12.80 -14.11
C CYS B 21 -1.84 -11.58 -14.90
ZN ZN C . 5.46 3.23 3.86
ZN ZN D . 0.02 -1.95 -8.58
N GLY A 1 -4.69 -13.05 1.53
CA GLY A 1 -4.90 -13.67 0.19
C GLY A 1 -5.82 -12.86 -0.69
N SER A 2 -6.71 -12.08 -0.07
CA SER A 2 -7.64 -11.24 -0.81
C SER A 2 -7.54 -9.80 -0.36
N LYS A 3 -7.24 -9.60 0.92
CA LYS A 3 -7.11 -8.25 1.48
C LYS A 3 -5.67 -7.76 1.36
N ASN A 4 -5.12 -7.85 0.16
CA ASN A 4 -3.74 -7.43 -0.11
C ASN A 4 -2.77 -7.95 0.95
N GLU A 5 -1.52 -7.52 0.86
CA GLU A 5 -0.51 -7.93 1.80
C GLU A 5 -0.23 -6.80 2.80
N ASP A 6 -0.70 -6.99 4.03
CA ASP A 6 -0.52 -5.99 5.08
C ASP A 6 0.95 -5.59 5.22
N GLU A 7 1.38 -4.67 4.36
CA GLU A 7 2.75 -4.19 4.35
C GLU A 7 2.94 -3.16 3.23
N CYS A 8 3.57 -2.04 3.57
CA CYS A 8 3.81 -0.98 2.60
C CYS A 8 5.02 -1.31 1.72
N ALA A 9 4.77 -1.51 0.44
CA ALA A 9 5.80 -1.87 -0.53
C ALA A 9 6.87 -0.78 -0.73
N VAL A 10 6.82 0.29 0.07
CA VAL A 10 7.81 1.36 -0.08
C VAL A 10 8.75 1.47 1.13
N CYS A 11 8.25 1.18 2.33
CA CYS A 11 9.08 1.31 3.52
C CYS A 11 8.88 0.15 4.49
N ARG A 12 8.23 -0.91 4.01
CA ARG A 12 8.00 -2.12 4.80
C ARG A 12 7.47 -1.82 6.21
N ASP A 13 6.77 -0.69 6.37
CA ASP A 13 6.23 -0.33 7.67
C ASP A 13 4.73 -0.60 7.72
N GLY A 14 4.11 -0.34 8.87
CA GLY A 14 2.68 -0.57 9.02
C GLY A 14 1.89 0.70 9.18
N GLY A 15 0.57 0.58 9.12
CA GLY A 15 -0.33 1.72 9.23
C GLY A 15 -1.39 1.70 8.15
N GLU A 16 -2.03 2.83 7.90
CA GLU A 16 -3.07 2.87 6.87
C GLU A 16 -2.42 2.78 5.49
N LEU A 17 -2.69 1.68 4.79
CA LEU A 17 -2.11 1.48 3.46
C LEU A 17 -3.21 1.35 2.40
N ILE A 18 -2.88 1.78 1.19
CA ILE A 18 -3.81 1.72 0.07
C ILE A 18 -3.41 0.65 -0.93
N CYS A 19 -4.26 -0.35 -1.10
CA CYS A 19 -3.98 -1.45 -2.01
C CYS A 19 -4.37 -1.10 -3.44
N CYS A 20 -3.51 -1.48 -4.39
CA CYS A 20 -3.76 -1.22 -5.80
C CYS A 20 -4.89 -2.09 -6.32
N ASP A 21 -5.66 -1.55 -7.26
CA ASP A 21 -6.77 -2.28 -7.85
C ASP A 21 -6.26 -3.25 -8.91
N GLY A 22 -5.46 -4.22 -8.46
CA GLY A 22 -4.90 -5.20 -9.37
C GLY A 22 -3.65 -5.84 -8.82
N CYS A 23 -2.93 -5.11 -7.95
CA CYS A 23 -1.71 -5.63 -7.35
C CYS A 23 -1.91 -5.93 -5.87
N PRO A 24 -1.10 -6.85 -5.32
CA PRO A 24 -1.17 -7.26 -3.93
C PRO A 24 -0.38 -6.35 -3.01
N ARG A 25 -0.17 -5.11 -3.43
CA ARG A 25 0.59 -4.15 -2.64
C ARG A 25 -0.28 -3.09 -2.02
N ALA A 26 0.27 -2.41 -1.03
CA ALA A 26 -0.42 -1.34 -0.31
C ALA A 26 0.58 -0.20 -0.06
N PHE A 27 0.10 1.05 -0.06
CA PHE A 27 1.01 2.20 0.14
C PHE A 27 0.56 3.14 1.27
N HIS A 28 1.52 3.79 1.91
CA HIS A 28 1.25 4.72 3.01
C HIS A 28 0.79 6.08 2.51
N LEU A 29 0.04 6.11 1.41
CA LEU A 29 -0.45 7.36 0.86
C LEU A 29 0.71 8.23 0.40
N ALA A 30 1.35 8.89 1.36
CA ALA A 30 2.48 9.76 1.08
C ALA A 30 3.71 8.95 0.71
N CYS A 31 3.65 7.66 0.96
CA CYS A 31 4.77 6.77 0.62
C CYS A 31 4.78 6.52 -0.88
N LEU A 32 3.82 7.12 -1.56
CA LEU A 32 3.68 6.99 -3.00
C LEU A 32 4.45 8.06 -3.73
N SER A 33 4.69 7.86 -5.04
CA SER A 33 5.38 8.87 -5.81
C SER A 33 4.57 10.15 -5.69
N PRO A 34 3.26 10.11 -6.03
CA PRO A 34 2.37 11.23 -5.85
C PRO A 34 1.44 10.97 -4.66
N PRO A 35 1.79 11.56 -3.52
CA PRO A 35 1.06 11.37 -2.27
C PRO A 35 -0.42 11.59 -2.38
N LEU A 36 -1.15 10.75 -1.67
CA LEU A 36 -2.60 10.81 -1.63
C LEU A 36 -3.08 11.69 -0.49
N ARG A 37 -3.05 13.00 -0.70
CA ARG A 37 -3.52 13.95 0.31
C ARG A 37 -4.91 13.54 0.78
N GLU A 38 -5.57 12.78 -0.08
CA GLU A 38 -6.90 12.28 0.18
C GLU A 38 -7.16 11.07 -0.72
N ILE A 39 -7.28 9.91 -0.08
CA ILE A 39 -7.50 8.66 -0.79
C ILE A 39 -8.41 8.81 -2.01
N PRO A 40 -7.99 8.20 -3.15
CA PRO A 40 -8.72 8.23 -4.41
C PRO A 40 -10.22 8.05 -4.25
N SER A 41 -10.98 8.66 -5.14
CA SER A 41 -12.44 8.57 -5.10
C SER A 41 -12.91 7.13 -5.26
N GLY A 42 -12.87 6.64 -6.50
CA GLY A 42 -13.29 5.27 -6.77
C GLY A 42 -12.13 4.29 -6.69
N THR A 43 -11.69 3.82 -7.86
CA THR A 43 -10.58 2.88 -7.92
C THR A 43 -9.25 3.61 -7.83
N TRP A 44 -8.15 2.85 -7.88
CA TRP A 44 -6.82 3.45 -7.80
C TRP A 44 -5.75 2.51 -8.36
N ARG A 45 -4.73 3.10 -8.95
CA ARG A 45 -3.63 2.34 -9.53
C ARG A 45 -2.31 2.69 -8.86
N CYS A 46 -1.43 1.70 -8.74
CA CYS A 46 -0.12 1.92 -8.13
C CYS A 46 0.81 2.57 -9.13
N SER A 47 1.88 3.21 -8.65
CA SER A 47 2.84 3.88 -9.53
C SER A 47 3.07 3.11 -10.83
N SER A 48 3.23 1.79 -10.72
CA SER A 48 3.46 0.96 -11.89
C SER A 48 2.26 0.99 -12.84
N CYS A 49 1.08 0.73 -12.30
CA CYS A 49 -0.14 0.74 -13.09
C CYS A 49 -0.46 2.14 -13.58
N LEU A 50 0.20 3.11 -12.96
CA LEU A 50 0.02 4.50 -13.28
C LEU A 50 0.82 4.90 -14.51
N GLN A 51 2.09 4.54 -14.51
CA GLN A 51 2.97 4.85 -15.64
C GLN A 51 2.45 4.16 -16.90
N ALA A 52 1.78 3.02 -16.71
CA ALA A 52 1.21 2.27 -17.81
C ALA A 52 -0.12 2.87 -18.23
N THR A 53 -0.94 3.21 -17.23
CA THR A 53 -2.26 3.79 -17.46
C THR A 53 -2.56 4.87 -16.42
N VAL A 54 -3.17 5.97 -16.86
CA VAL A 54 -3.49 7.07 -15.98
C VAL A 54 -4.23 6.61 -14.73
N GLN A 55 -4.23 7.46 -13.70
CA GLN A 55 -4.90 7.14 -12.44
C GLN A 55 -6.39 6.92 -12.62
N GLU A 56 -7.07 6.55 -11.54
CA GLU A 56 -8.50 6.28 -11.56
C GLU A 56 -8.85 5.25 -12.62
N ALA B 1 -10.33 4.61 -2.97
CA ALA B 1 -9.48 3.41 -3.15
C ALA B 1 -9.50 2.53 -1.90
N ARG B 2 -9.33 1.23 -2.11
CA ARG B 2 -9.34 0.26 -1.01
C ARG B 2 -8.08 0.40 -0.16
N THR B 3 -8.14 1.23 0.87
CA THR B 3 -6.99 1.44 1.75
C THR B 3 -7.24 0.78 3.11
N LYS B 4 -6.65 -0.40 3.30
CA LYS B 4 -6.80 -1.15 4.54
C LYS B 4 -5.73 -0.77 5.55
N GLN B 5 -6.12 -0.64 6.81
CA GLN B 5 -5.20 -0.27 7.88
C GLN B 5 -4.53 -1.50 8.49
N THR B 6 -3.27 -1.36 8.88
CA THR B 6 -2.52 -2.45 9.48
C THR B 6 -1.58 -1.94 10.57
N ALA B 7 -0.97 -2.87 11.30
CA ALA B 7 -0.04 -2.52 12.37
C ALA B 7 1.24 -3.35 12.27
N ARG B 8 2.04 -3.08 11.24
CA ARG B 8 3.29 -3.81 11.03
C ARG B 8 4.46 -3.05 11.63
N LYS B 9 4.85 -3.42 12.85
CA LYS B 9 5.96 -2.78 13.54
C LYS B 9 6.70 -3.78 14.43
N SER B 10 7.89 -4.19 13.99
CA SER B 10 8.69 -5.13 14.75
C SER B 10 10.03 -4.52 15.16
N THR B 11 10.17 -4.25 16.46
CA THR B 11 11.40 -3.65 16.98
C THR B 11 12.54 -4.66 16.96
N GLY B 12 13.62 -4.31 16.27
CA GLY B 12 14.76 -5.19 16.18
C GLY B 12 14.68 -6.15 15.01
N GLY B 13 14.33 -5.61 13.85
CA GLY B 13 14.21 -6.44 12.65
C GLY B 13 13.71 -5.66 11.46
N LYS B 14 14.48 -5.66 10.38
CA LYS B 14 14.10 -4.95 9.17
C LYS B 14 13.85 -3.47 9.46
N ALA B 15 14.80 -2.85 10.16
CA ALA B 15 14.69 -1.44 10.51
C ALA B 15 16.06 -0.84 10.82
N PRO B 16 16.55 0.07 9.95
CA PRO B 16 17.86 0.71 10.15
C PRO B 16 17.86 1.69 11.32
N ARG B 17 16.78 1.69 12.09
CA ARG B 17 16.65 2.58 13.25
C ARG B 17 16.70 4.04 12.82
N LYS B 18 17.91 4.59 12.71
CA LYS B 18 18.08 5.99 12.32
C LYS B 18 17.31 6.92 13.26
N GLN B 19 17.18 8.18 12.85
CA GLN B 19 16.47 9.17 13.66
C GLN B 19 14.97 8.90 13.64
N LEU B 20 14.33 9.11 14.78
CA LEU B 20 12.89 8.89 14.90
C LEU B 20 12.11 10.16 14.59
N CYS B 21 12.79 11.30 14.69
CA CYS B 21 12.18 12.60 14.42
C CYS B 21 10.98 12.83 15.32
ZN ZN C . 5.47 3.28 3.93
ZN ZN D . -0.81 -1.90 -9.60
N GLY A 1 -7.58 -12.02 4.47
CA GLY A 1 -8.98 -12.12 3.98
C GLY A 1 -9.11 -11.79 2.50
N SER A 2 -9.56 -10.58 2.20
CA SER A 2 -9.72 -10.14 0.83
C SER A 2 -8.96 -8.83 0.58
N LYS A 3 -7.94 -8.59 1.40
CA LYS A 3 -7.13 -7.38 1.30
C LYS A 3 -5.80 -7.68 0.63
N ASN A 4 -5.20 -6.66 0.02
CA ASN A 4 -3.91 -6.81 -0.64
C ASN A 4 -2.80 -6.93 0.39
N GLU A 5 -1.55 -6.91 -0.07
CA GLU A 5 -0.41 -7.01 0.83
C GLU A 5 -0.50 -5.96 1.93
N ASP A 6 -0.66 -6.42 3.18
CA ASP A 6 -0.75 -5.52 4.32
C ASP A 6 0.63 -4.99 4.70
N GLU A 7 1.49 -4.82 3.70
CA GLU A 7 2.83 -4.32 3.91
C GLU A 7 3.16 -3.26 2.86
N CYS A 8 3.32 -2.02 3.30
CA CYS A 8 3.61 -0.91 2.40
C CYS A 8 4.76 -1.27 1.46
N ALA A 9 4.43 -1.40 0.18
CA ALA A 9 5.39 -1.77 -0.85
C ALA A 9 6.48 -0.72 -1.08
N VAL A 10 6.56 0.29 -0.21
CA VAL A 10 7.58 1.32 -0.37
C VAL A 10 8.57 1.36 0.80
N CYS A 11 8.10 1.04 2.01
CA CYS A 11 8.97 1.08 3.18
C CYS A 11 8.74 -0.10 4.12
N ARG A 12 8.08 -1.13 3.59
CA ARG A 12 7.80 -2.35 4.35
C ARG A 12 7.37 -2.07 5.80
N ASP A 13 6.65 -0.98 6.00
CA ASP A 13 6.19 -0.62 7.33
C ASP A 13 4.67 -0.74 7.42
N GLY A 14 4.13 -0.69 8.64
CA GLY A 14 2.71 -0.82 8.84
C GLY A 14 2.02 0.51 9.10
N GLY A 15 0.69 0.48 9.13
CA GLY A 15 -0.09 1.68 9.36
C GLY A 15 -1.22 1.79 8.34
N GLU A 16 -1.70 3.01 8.11
CA GLU A 16 -2.77 3.20 7.14
C GLU A 16 -2.21 3.10 5.73
N LEU A 17 -2.61 2.06 5.00
CA LEU A 17 -2.12 1.86 3.65
C LEU A 17 -3.27 1.83 2.64
N ILE A 18 -2.93 2.09 1.39
CA ILE A 18 -3.91 2.09 0.30
C ILE A 18 -3.61 0.96 -0.67
N CYS A 19 -4.52 -0.01 -0.73
CA CYS A 19 -4.35 -1.16 -1.60
C CYS A 19 -4.51 -0.79 -3.07
N CYS A 20 -3.69 -1.41 -3.91
CA CYS A 20 -3.72 -1.19 -5.35
C CYS A 20 -4.70 -2.15 -6.02
N ASP A 21 -5.70 -1.59 -6.71
CA ASP A 21 -6.69 -2.40 -7.40
C ASP A 21 -6.08 -3.18 -8.55
N GLY A 22 -4.83 -2.88 -8.87
CA GLY A 22 -4.15 -3.57 -9.95
C GLY A 22 -3.32 -4.74 -9.48
N CYS A 23 -2.68 -4.58 -8.32
CA CYS A 23 -1.84 -5.64 -7.76
C CYS A 23 -1.95 -5.69 -6.23
N PRO A 24 -1.64 -6.85 -5.64
CA PRO A 24 -1.70 -7.08 -4.18
C PRO A 24 -0.67 -6.25 -3.40
N ARG A 25 -0.89 -4.94 -3.31
CA ARG A 25 0.03 -4.07 -2.58
C ARG A 25 -0.72 -3.02 -1.77
N ALA A 26 0.04 -2.14 -1.13
CA ALA A 26 -0.53 -1.07 -0.31
C ALA A 26 0.51 0.03 -0.11
N PHE A 27 0.06 1.29 -0.04
CA PHE A 27 0.99 2.43 0.13
C PHE A 27 0.59 3.32 1.31
N HIS A 28 1.59 3.97 1.92
CA HIS A 28 1.35 4.86 3.06
C HIS A 28 0.89 6.24 2.61
N LEU A 29 0.11 6.30 1.54
CA LEU A 29 -0.38 7.58 1.03
C LEU A 29 0.77 8.44 0.55
N ALA A 30 1.47 9.06 1.51
CA ALA A 30 2.60 9.91 1.21
C ALA A 30 3.80 9.07 0.76
N CYS A 31 3.74 7.77 1.03
CA CYS A 31 4.83 6.87 0.63
C CYS A 31 4.80 6.66 -0.88
N LEU A 32 3.80 7.27 -1.50
CA LEU A 32 3.62 7.19 -2.94
C LEU A 32 4.43 8.26 -3.66
N SER A 33 4.69 8.06 -4.96
CA SER A 33 5.41 9.09 -5.70
C SER A 33 4.61 10.37 -5.53
N PRO A 34 3.29 10.34 -5.82
CA PRO A 34 2.40 11.45 -5.59
C PRO A 34 1.58 11.14 -4.34
N PRO A 35 1.61 12.02 -3.33
CA PRO A 35 0.91 11.76 -2.08
C PRO A 35 -0.57 12.02 -2.13
N LEU A 36 -1.31 11.10 -1.51
CA LEU A 36 -2.75 11.16 -1.46
C LEU A 36 -3.24 12.05 -0.34
N ARG A 37 -3.25 13.36 -0.57
CA ARG A 37 -3.75 14.31 0.41
C ARG A 37 -5.11 13.85 0.89
N GLU A 38 -5.73 13.04 0.03
CA GLU A 38 -7.04 12.48 0.29
C GLU A 38 -7.24 11.25 -0.59
N ILE A 39 -7.47 10.12 0.05
CA ILE A 39 -7.65 8.84 -0.63
C ILE A 39 -8.52 8.94 -1.89
N PRO A 40 -8.09 8.23 -2.96
CA PRO A 40 -8.80 8.19 -4.25
C PRO A 40 -10.27 7.80 -4.09
N SER A 41 -11.09 8.22 -5.05
CA SER A 41 -12.52 7.95 -5.02
C SER A 41 -12.81 6.45 -4.85
N GLY A 42 -12.85 5.73 -5.97
CA GLY A 42 -13.13 4.30 -5.92
C GLY A 42 -11.88 3.46 -6.09
N THR A 43 -11.62 3.05 -7.33
CA THR A 43 -10.44 2.24 -7.62
C THR A 43 -9.18 3.08 -7.60
N TRP A 44 -8.02 2.42 -7.67
CA TRP A 44 -6.74 3.14 -7.64
C TRP A 44 -5.56 2.19 -7.86
N ARG A 45 -4.71 2.52 -8.84
CA ARG A 45 -3.53 1.72 -9.14
C ARG A 45 -2.29 2.27 -8.43
N CYS A 46 -1.15 1.64 -8.69
CA CYS A 46 0.11 2.07 -8.08
C CYS A 46 1.08 2.50 -9.18
N SER A 47 2.08 3.28 -8.80
CA SER A 47 3.07 3.78 -9.76
C SER A 47 3.38 2.77 -10.87
N SER A 48 3.50 1.50 -10.50
CA SER A 48 3.78 0.44 -11.47
C SER A 48 2.62 0.21 -12.43
N CYS A 49 1.48 -0.21 -11.87
CA CYS A 49 0.29 -0.48 -12.66
C CYS A 49 -0.15 0.78 -13.38
N LEU A 50 0.43 1.90 -12.96
CA LEU A 50 0.14 3.20 -13.53
C LEU A 50 0.85 3.40 -14.85
N GLN A 51 2.15 3.24 -14.85
CA GLN A 51 2.93 3.39 -16.07
C GLN A 51 2.52 2.30 -17.06
N ALA A 52 1.81 1.29 -16.54
CA ALA A 52 1.34 0.19 -17.37
C ALA A 52 -0.03 0.49 -18.00
N THR A 53 -1.00 0.91 -17.20
CA THR A 53 -2.34 1.20 -17.71
C THR A 53 -2.97 2.46 -17.11
N VAL A 54 -2.29 3.05 -16.13
CA VAL A 54 -2.76 4.27 -15.48
C VAL A 54 -4.06 4.02 -14.69
N GLN A 55 -4.30 4.84 -13.67
CA GLN A 55 -5.49 4.72 -12.82
C GLN A 55 -6.49 5.83 -13.10
N GLU A 56 -7.29 6.17 -12.08
CA GLU A 56 -8.31 7.20 -12.16
C GLU A 56 -9.45 6.77 -13.06
N ALA B 1 -10.13 3.77 -2.41
CA ALA B 1 -9.02 3.05 -3.09
C ALA B 1 -8.59 1.80 -2.33
N ARG B 2 -9.54 1.15 -1.68
CA ARG B 2 -9.28 -0.08 -0.92
C ARG B 2 -8.19 0.10 0.12
N THR B 3 -8.12 1.29 0.72
CA THR B 3 -7.11 1.55 1.73
C THR B 3 -7.47 0.91 3.06
N LYS B 4 -6.66 -0.06 3.48
CA LYS B 4 -6.90 -0.77 4.73
C LYS B 4 -5.78 -0.52 5.73
N GLN B 5 -6.15 -0.34 6.99
CA GLN B 5 -5.16 -0.09 8.05
C GLN B 5 -4.60 -1.42 8.57
N THR B 6 -3.32 -1.42 8.90
CA THR B 6 -2.66 -2.62 9.41
C THR B 6 -1.79 -2.31 10.62
N ALA B 7 -1.71 -3.28 11.54
CA ALA B 7 -0.92 -3.11 12.75
C ALA B 7 0.39 -3.89 12.64
N ARG B 8 1.08 -3.73 11.51
CA ARG B 8 2.34 -4.42 11.29
C ARG B 8 3.49 -3.70 11.97
N LYS B 9 4.17 -4.41 12.88
CA LYS B 9 5.29 -3.84 13.61
C LYS B 9 6.61 -4.39 13.09
N SER B 10 6.75 -5.72 13.14
CA SER B 10 7.96 -6.38 12.68
C SER B 10 7.68 -7.27 11.46
N THR B 11 8.44 -7.07 10.40
CA THR B 11 8.27 -7.85 9.18
C THR B 11 9.32 -8.95 9.08
N GLY B 12 10.41 -8.78 9.79
CA GLY B 12 11.48 -9.77 9.77
C GLY B 12 12.85 -9.15 9.92
N GLY B 13 13.40 -9.21 11.12
CA GLY B 13 14.71 -8.64 11.38
C GLY B 13 15.82 -9.39 10.68
N LYS B 14 16.22 -10.52 11.25
CA LYS B 14 17.29 -11.34 10.68
C LYS B 14 18.58 -10.55 10.55
N ALA B 15 18.73 -9.53 11.39
CA ALA B 15 19.92 -8.69 11.38
C ALA B 15 20.07 -7.90 12.69
N PRO B 16 19.03 -7.16 13.10
CA PRO B 16 19.09 -6.38 14.35
C PRO B 16 18.80 -7.24 15.58
N ARG B 17 18.29 -6.60 16.63
CA ARG B 17 17.97 -7.30 17.86
C ARG B 17 17.04 -8.49 17.61
N LYS B 18 17.55 -9.70 17.80
CA LYS B 18 16.78 -10.91 17.59
C LYS B 18 15.93 -11.23 18.82
N GLN B 19 16.43 -10.85 19.99
CA GLN B 19 15.72 -11.10 21.23
C GLN B 19 14.87 -9.90 21.64
N LEU B 20 13.58 -10.14 21.85
CA LEU B 20 12.65 -9.08 22.23
C LEU B 20 12.29 -9.18 23.71
N CYS B 21 12.92 -8.33 24.53
CA CYS B 21 12.66 -8.33 25.97
C CYS B 21 12.97 -9.69 26.59
ZN ZN C . 5.50 3.23 3.80
ZN ZN D . -0.23 -2.04 -8.56
N GLY A 1 -6.79 -12.06 4.31
CA GLY A 1 -8.24 -12.23 3.99
C GLY A 1 -8.57 -11.89 2.54
N SER A 2 -9.10 -10.70 2.31
CA SER A 2 -9.46 -10.25 0.97
C SER A 2 -8.63 -9.03 0.56
N LYS A 3 -7.80 -8.56 1.48
CA LYS A 3 -6.95 -7.40 1.22
C LYS A 3 -5.64 -7.80 0.56
N ASN A 4 -4.78 -6.82 0.30
CA ASN A 4 -3.49 -7.08 -0.32
C ASN A 4 -2.50 -7.68 0.68
N GLU A 5 -1.21 -7.54 0.42
CA GLU A 5 -0.19 -8.07 1.32
C GLU A 5 -0.21 -7.36 2.67
N ASP A 6 -1.01 -6.30 2.75
CA ASP A 6 -1.13 -5.51 3.98
C ASP A 6 0.23 -5.03 4.46
N GLU A 7 0.95 -4.35 3.57
CA GLU A 7 2.28 -3.82 3.89
C GLU A 7 2.70 -2.79 2.86
N CYS A 8 3.11 -1.62 3.35
CA CYS A 8 3.55 -0.55 2.47
C CYS A 8 4.67 -1.02 1.56
N ALA A 9 4.50 -0.83 0.26
CA ALA A 9 5.50 -1.25 -0.71
C ALA A 9 6.75 -0.39 -0.65
N VAL A 10 6.82 0.52 0.32
CA VAL A 10 7.97 1.40 0.46
C VAL A 10 8.62 1.29 1.85
N CYS A 11 7.90 0.72 2.82
CA CYS A 11 8.44 0.56 4.17
C CYS A 11 8.47 -0.90 4.61
N ARG A 12 7.64 -1.72 3.97
CA ARG A 12 7.53 -3.13 4.29
C ARG A 12 6.95 -3.30 5.69
N ASP A 13 6.41 -2.21 6.23
CA ASP A 13 5.81 -2.22 7.55
C ASP A 13 4.29 -2.10 7.46
N GLY A 14 3.66 -1.56 8.52
CA GLY A 14 2.22 -1.41 8.52
C GLY A 14 1.76 0.03 8.53
N GLY A 15 0.62 0.28 9.18
CA GLY A 15 0.07 1.63 9.23
C GLY A 15 -1.02 1.82 8.20
N GLU A 16 -1.50 3.05 8.04
CA GLU A 16 -2.54 3.32 7.06
C GLU A 16 -1.98 3.19 5.65
N LEU A 17 -2.44 2.20 4.91
CA LEU A 17 -1.98 1.99 3.55
C LEU A 17 -3.15 1.87 2.58
N ILE A 18 -2.87 2.17 1.32
CA ILE A 18 -3.86 2.10 0.26
C ILE A 18 -3.55 0.96 -0.70
N CYS A 19 -4.24 -0.14 -0.51
CA CYS A 19 -4.05 -1.32 -1.35
C CYS A 19 -4.29 -0.98 -2.82
N CYS A 20 -3.48 -1.58 -3.69
CA CYS A 20 -3.58 -1.36 -5.13
C CYS A 20 -4.54 -2.37 -5.78
N ASP A 21 -5.27 -1.90 -6.78
CA ASP A 21 -6.21 -2.75 -7.49
C ASP A 21 -5.51 -3.57 -8.57
N GLY A 22 -4.42 -3.02 -9.08
CA GLY A 22 -3.66 -3.70 -10.11
C GLY A 22 -2.75 -4.78 -9.54
N CYS A 23 -2.35 -4.60 -8.29
CA CYS A 23 -1.48 -5.57 -7.63
C CYS A 23 -1.65 -5.51 -6.11
N PRO A 24 -1.19 -6.57 -5.40
CA PRO A 24 -1.30 -6.68 -3.93
C PRO A 24 -0.33 -5.74 -3.18
N ARG A 25 -0.33 -4.46 -3.52
CA ARG A 25 0.56 -3.52 -2.85
C ARG A 25 -0.17 -2.29 -2.29
N ALA A 26 -0.04 -2.09 -0.99
CA ALA A 26 -0.65 -0.96 -0.32
C ALA A 26 0.42 0.13 -0.08
N PHE A 27 0.03 1.41 -0.09
CA PHE A 27 1.00 2.50 0.12
C PHE A 27 0.57 3.46 1.24
N HIS A 28 1.57 4.06 1.90
CA HIS A 28 1.34 5.01 2.99
C HIS A 28 0.87 6.36 2.49
N LEU A 29 0.09 6.39 1.41
CA LEU A 29 -0.40 7.64 0.87
C LEU A 29 0.74 8.50 0.35
N ALA A 30 1.43 9.16 1.28
CA ALA A 30 2.56 10.01 0.94
C ALA A 30 3.76 9.18 0.50
N CYS A 31 3.72 7.88 0.78
CA CYS A 31 4.82 6.98 0.39
C CYS A 31 4.77 6.71 -1.11
N LEU A 32 3.74 7.24 -1.74
CA LEU A 32 3.54 7.09 -3.17
C LEU A 32 4.33 8.12 -3.95
N SER A 33 4.60 7.86 -5.24
CA SER A 33 5.32 8.84 -6.04
C SER A 33 4.57 10.16 -5.86
N PRO A 34 3.24 10.18 -6.12
CA PRO A 34 2.41 11.32 -5.86
C PRO A 34 1.64 11.06 -4.57
N PRO A 35 1.72 11.95 -3.58
CA PRO A 35 1.09 11.72 -2.30
C PRO A 35 -0.40 12.00 -2.30
N LEU A 36 -1.14 11.06 -1.75
CA LEU A 36 -2.57 11.13 -1.66
C LEU A 36 -3.02 12.05 -0.54
N ARG A 37 -2.97 13.36 -0.79
CA ARG A 37 -3.42 14.34 0.19
C ARG A 37 -4.81 13.96 0.66
N GLU A 38 -5.47 13.16 -0.17
CA GLU A 38 -6.80 12.66 0.10
C GLU A 38 -7.04 11.44 -0.78
N ILE A 39 -7.24 10.31 -0.13
CA ILE A 39 -7.44 9.04 -0.80
C ILE A 39 -8.32 9.12 -2.05
N PRO A 40 -7.84 8.48 -3.15
CA PRO A 40 -8.53 8.44 -4.45
C PRO A 40 -9.99 8.01 -4.34
N SER A 41 -10.67 7.97 -5.48
CA SER A 41 -12.09 7.59 -5.51
C SER A 41 -12.27 6.19 -6.10
N GLY A 42 -13.20 5.42 -5.52
CA GLY A 42 -13.46 4.08 -5.99
C GLY A 42 -12.22 3.21 -5.96
N THR A 43 -11.84 2.68 -7.12
CA THR A 43 -10.65 1.85 -7.23
C THR A 43 -9.40 2.72 -7.29
N TRP A 44 -8.24 2.09 -7.47
CA TRP A 44 -6.99 2.82 -7.53
C TRP A 44 -5.81 1.92 -7.87
N ARG A 45 -4.84 2.45 -8.59
CA ARG A 45 -3.65 1.71 -8.98
C ARG A 45 -2.39 2.41 -8.46
N CYS A 46 -1.34 1.64 -8.25
CA CYS A 46 -0.07 2.17 -7.77
C CYS A 46 0.73 2.72 -8.94
N SER A 47 1.78 3.49 -8.64
CA SER A 47 2.62 4.10 -9.67
C SER A 47 2.86 3.19 -10.87
N SER A 48 3.25 1.93 -10.62
CA SER A 48 3.51 0.98 -11.70
C SER A 48 2.26 0.67 -12.52
N CYS A 49 1.25 0.12 -11.85
CA CYS A 49 0.01 -0.22 -12.52
C CYS A 49 -0.61 1.03 -13.13
N LEU A 50 -0.08 2.17 -12.73
CA LEU A 50 -0.55 3.46 -13.21
C LEU A 50 0.12 3.84 -14.53
N GLN A 51 1.45 3.79 -14.54
CA GLN A 51 2.19 4.12 -15.75
C GLN A 51 1.77 3.20 -16.89
N ALA A 52 1.10 2.11 -16.53
CA ALA A 52 0.60 1.16 -17.51
C ALA A 52 -0.53 1.77 -18.36
N THR A 53 -0.64 3.10 -18.33
CA THR A 53 -1.65 3.83 -19.09
C THR A 53 -3.00 3.87 -18.38
N VAL A 54 -3.23 2.91 -17.49
CA VAL A 54 -4.48 2.83 -16.75
C VAL A 54 -4.38 3.55 -15.41
N GLN A 55 -5.46 4.22 -15.02
CA GLN A 55 -5.50 4.95 -13.75
C GLN A 55 -6.87 4.80 -13.09
N GLU A 56 -7.13 3.61 -12.54
CA GLU A 56 -8.40 3.33 -11.88
C GLU A 56 -8.42 1.91 -11.34
N ALA B 1 -10.50 4.39 -2.50
CA ALA B 1 -9.32 3.77 -3.15
C ALA B 1 -8.87 2.53 -2.38
N ARG B 2 -9.69 2.11 -1.43
CA ARG B 2 -9.41 0.93 -0.62
C ARG B 2 -8.13 1.09 0.20
N THR B 3 -8.22 1.82 1.31
CA THR B 3 -7.08 2.03 2.18
C THR B 3 -7.42 1.59 3.60
N LYS B 4 -6.77 0.51 4.05
CA LYS B 4 -7.02 -0.03 5.38
C LYS B 4 -5.80 0.14 6.29
N GLN B 5 -6.05 0.13 7.59
CA GLN B 5 -4.98 0.29 8.58
C GLN B 5 -4.49 -1.08 9.06
N THR B 6 -3.30 -1.46 8.61
CA THR B 6 -2.73 -2.76 8.99
C THR B 6 -1.77 -2.61 10.16
N ALA B 7 -1.20 -3.73 10.59
CA ALA B 7 -0.24 -3.74 11.70
C ALA B 7 0.69 -4.94 11.61
N ARG B 8 1.70 -4.83 10.74
CA ARG B 8 2.66 -5.91 10.54
C ARG B 8 3.50 -6.11 11.80
N LYS B 9 3.74 -5.03 12.53
CA LYS B 9 4.54 -5.09 13.75
C LYS B 9 3.85 -5.94 14.82
N SER B 10 4.37 -7.14 15.02
CA SER B 10 3.81 -8.05 16.02
C SER B 10 4.91 -8.84 16.71
N THR B 11 4.99 -8.69 18.04
CA THR B 11 6.00 -9.38 18.83
C THR B 11 7.39 -9.24 18.23
N GLY B 12 7.93 -8.02 18.27
CA GLY B 12 9.25 -7.78 17.72
C GLY B 12 9.33 -6.48 16.96
N GLY B 13 9.90 -6.52 15.76
CA GLY B 13 10.02 -5.32 14.95
C GLY B 13 11.47 -4.93 14.70
N LYS B 14 11.92 -5.09 13.47
CA LYS B 14 13.29 -4.75 13.11
C LYS B 14 13.32 -3.85 11.87
N ALA B 15 12.94 -2.59 12.06
CA ALA B 15 12.92 -1.62 10.98
C ALA B 15 14.25 -0.87 10.88
N PRO B 16 14.91 -0.88 9.70
CA PRO B 16 16.19 -0.19 9.51
C PRO B 16 16.03 1.31 9.36
N ARG B 17 17.14 2.03 9.45
CA ARG B 17 17.12 3.48 9.32
C ARG B 17 18.12 3.94 8.27
N LYS B 18 17.86 3.57 7.01
CA LYS B 18 18.73 3.95 5.90
C LYS B 18 18.00 4.84 4.92
N GLN B 19 16.71 4.60 4.74
CA GLN B 19 15.88 5.38 3.83
C GLN B 19 14.64 5.90 4.52
N LEU B 20 14.73 7.09 5.09
CA LEU B 20 13.61 7.69 5.79
C LEU B 20 12.99 8.82 4.96
N CYS B 21 11.85 9.33 5.42
CA CYS B 21 11.15 10.41 4.72
C CYS B 21 11.42 11.75 5.38
ZN ZN C . 5.55 3.63 3.78
ZN ZN D . -0.10 -1.90 -8.41
N GLY A 1 -9.96 -9.09 6.40
CA GLY A 1 -10.17 -10.22 5.47
C GLY A 1 -10.05 -9.81 4.02
N SER A 2 -9.10 -10.41 3.31
CA SER A 2 -8.88 -10.11 1.90
C SER A 2 -8.59 -8.62 1.70
N LYS A 3 -7.32 -8.25 1.79
CA LYS A 3 -6.92 -6.86 1.61
C LYS A 3 -5.51 -6.77 1.04
N ASN A 4 -5.21 -7.60 0.06
CA ASN A 4 -3.89 -7.60 -0.56
C ASN A 4 -2.81 -7.72 0.51
N GLU A 5 -1.58 -7.39 0.14
CA GLU A 5 -0.48 -7.45 1.09
C GLU A 5 -0.48 -6.19 1.96
N ASP A 6 -0.79 -6.36 3.25
CA ASP A 6 -0.81 -5.24 4.18
C ASP A 6 0.60 -4.81 4.56
N GLU A 7 1.45 -4.63 3.54
CA GLU A 7 2.82 -4.22 3.75
C GLU A 7 3.21 -3.14 2.74
N CYS A 8 3.41 -1.92 3.23
CA CYS A 8 3.77 -0.79 2.38
C CYS A 8 4.93 -1.14 1.45
N ALA A 9 4.62 -1.20 0.15
CA ALA A 9 5.60 -1.56 -0.87
C ALA A 9 6.71 -0.52 -1.03
N VAL A 10 6.76 0.49 -0.16
CA VAL A 10 7.80 1.51 -0.26
C VAL A 10 8.72 1.53 0.95
N CYS A 11 8.20 1.16 2.12
CA CYS A 11 9.03 1.17 3.34
C CYS A 11 8.65 0.04 4.28
N ARG A 12 8.12 -1.04 3.70
CA ARG A 12 7.71 -2.24 4.44
C ARG A 12 7.32 -1.95 5.89
N ASP A 13 6.26 -1.19 6.07
CA ASP A 13 5.77 -0.86 7.41
C ASP A 13 4.26 -1.03 7.49
N GLY A 14 3.69 -0.81 8.67
CA GLY A 14 2.24 -0.96 8.82
C GLY A 14 1.49 0.35 8.74
N GLY A 15 0.51 0.54 9.61
CA GLY A 15 -0.29 1.75 9.59
C GLY A 15 -1.37 1.68 8.53
N GLU A 16 -1.89 2.84 8.12
CA GLU A 16 -2.94 2.86 7.10
C GLU A 16 -2.33 2.86 5.72
N LEU A 17 -2.56 1.78 4.97
CA LEU A 17 -2.03 1.67 3.62
C LEU A 17 -3.16 1.55 2.61
N ILE A 18 -2.86 1.93 1.39
CA ILE A 18 -3.82 1.88 0.30
C ILE A 18 -3.44 0.76 -0.66
N CYS A 19 -4.06 -0.40 -0.46
CA CYS A 19 -3.77 -1.55 -1.30
C CYS A 19 -4.27 -1.31 -2.71
N CYS A 20 -3.37 -1.49 -3.68
CA CYS A 20 -3.72 -1.29 -5.08
C CYS A 20 -4.87 -2.19 -5.51
N ASP A 21 -5.68 -1.69 -6.44
CA ASP A 21 -6.85 -2.42 -6.93
C ASP A 21 -6.45 -3.46 -7.98
N GLY A 22 -5.25 -3.32 -8.53
CA GLY A 22 -4.79 -4.26 -9.54
C GLY A 22 -3.67 -5.14 -9.05
N CYS A 23 -2.74 -4.57 -8.29
CA CYS A 23 -1.60 -5.31 -7.78
C CYS A 23 -1.76 -5.59 -6.28
N PRO A 24 -1.14 -6.67 -5.77
CA PRO A 24 -1.23 -7.07 -4.36
C PRO A 24 -0.35 -6.21 -3.45
N ARG A 25 -0.28 -4.92 -3.71
CA ARG A 25 0.54 -4.02 -2.90
C ARG A 25 -0.32 -3.07 -2.06
N ALA A 26 0.35 -2.19 -1.33
CA ALA A 26 -0.30 -1.20 -0.47
C ALA A 26 0.67 -0.05 -0.21
N PHE A 27 0.16 1.18 -0.07
CA PHE A 27 1.05 2.34 0.14
C PHE A 27 0.63 3.23 1.30
N HIS A 28 1.62 3.93 1.87
CA HIS A 28 1.39 4.83 3.00
C HIS A 28 0.91 6.20 2.52
N LEU A 29 0.13 6.22 1.45
CA LEU A 29 -0.38 7.49 0.92
C LEU A 29 0.77 8.36 0.44
N ALA A 30 1.45 9.00 1.38
CA ALA A 30 2.56 9.87 1.08
C ALA A 30 3.79 9.06 0.64
N CYS A 31 3.76 7.76 0.92
CA CYS A 31 4.88 6.88 0.52
C CYS A 31 4.85 6.66 -0.98
N LEU A 32 3.84 7.24 -1.61
CA LEU A 32 3.65 7.14 -3.05
C LEU A 32 4.43 8.21 -3.78
N SER A 33 4.68 8.01 -5.08
CA SER A 33 5.36 9.05 -5.84
C SER A 33 4.54 10.32 -5.68
N PRO A 34 3.21 10.25 -5.97
CA PRO A 34 2.30 11.35 -5.74
C PRO A 34 1.50 11.04 -4.49
N PRO A 35 1.52 11.92 -3.48
CA PRO A 35 0.85 11.65 -2.22
C PRO A 35 -0.64 11.90 -2.27
N LEU A 36 -1.35 10.98 -1.65
CA LEU A 36 -2.79 11.01 -1.58
C LEU A 36 -3.27 11.89 -0.42
N ARG A 37 -3.26 13.21 -0.64
CA ARG A 37 -3.73 14.14 0.38
C ARG A 37 -5.09 13.69 0.88
N GLU A 38 -5.74 12.90 0.04
CA GLU A 38 -7.04 12.34 0.34
C GLU A 38 -7.27 11.12 -0.56
N ILE A 39 -7.47 9.97 0.06
CA ILE A 39 -7.65 8.72 -0.65
C ILE A 39 -8.54 8.86 -1.89
N PRO A 40 -8.10 8.25 -3.01
CA PRO A 40 -8.82 8.27 -4.29
C PRO A 40 -10.33 8.07 -4.14
N SER A 41 -11.09 8.62 -5.07
CA SER A 41 -12.55 8.51 -5.04
C SER A 41 -12.99 7.04 -4.97
N GLY A 42 -12.83 6.33 -6.09
CA GLY A 42 -13.22 4.93 -6.14
C GLY A 42 -12.03 4.00 -6.23
N THR A 43 -11.72 3.56 -7.44
CA THR A 43 -10.60 2.65 -7.67
C THR A 43 -9.26 3.39 -7.57
N TRP A 44 -8.17 2.65 -7.71
CA TRP A 44 -6.84 3.24 -7.63
C TRP A 44 -5.75 2.25 -8.01
N ARG A 45 -4.80 2.71 -8.81
CA ARG A 45 -3.67 1.89 -9.21
C ARG A 45 -2.37 2.48 -8.70
N CYS A 46 -1.38 1.63 -8.43
CA CYS A 46 -0.09 2.12 -7.92
C CYS A 46 0.90 2.42 -9.04
N SER A 47 1.92 3.20 -8.73
CA SER A 47 2.94 3.61 -9.70
C SER A 47 3.21 2.56 -10.78
N SER A 48 3.56 1.34 -10.38
CA SER A 48 3.85 0.26 -11.31
C SER A 48 2.82 0.15 -12.44
N CYS A 49 1.60 -0.24 -12.08
CA CYS A 49 0.53 -0.40 -13.05
C CYS A 49 0.25 0.92 -13.75
N LEU A 50 0.35 1.99 -12.98
CA LEU A 50 0.12 3.34 -13.48
C LEU A 50 0.93 3.60 -14.74
N GLN A 51 2.20 3.24 -14.70
CA GLN A 51 3.07 3.44 -15.85
C GLN A 51 2.65 2.52 -17.00
N ALA A 52 2.25 1.31 -16.63
CA ALA A 52 1.81 0.33 -17.62
C ALA A 52 0.53 0.80 -18.32
N THR A 53 -0.25 1.63 -17.63
CA THR A 53 -1.49 2.15 -18.18
C THR A 53 -1.73 3.58 -17.69
N VAL A 54 -2.75 3.78 -16.86
CA VAL A 54 -3.06 5.10 -16.31
C VAL A 54 -3.64 4.99 -14.91
N GLN A 55 -4.15 6.10 -14.39
CA GLN A 55 -4.74 6.14 -13.05
C GLN A 55 -6.24 5.86 -13.10
N GLU A 56 -6.75 5.29 -12.01
CA GLU A 56 -8.17 4.97 -11.89
C GLU A 56 -8.61 4.06 -13.05
N ALA B 1 -10.27 4.44 -2.79
CA ALA B 1 -9.40 3.25 -2.95
C ALA B 1 -9.41 2.39 -1.69
N ARG B 2 -9.10 1.11 -1.86
CA ARG B 2 -9.07 0.17 -0.74
C ARG B 2 -7.91 0.48 0.19
N THR B 3 -8.15 1.29 1.20
CA THR B 3 -7.11 1.64 2.16
C THR B 3 -7.56 1.35 3.59
N LYS B 4 -6.78 0.53 4.29
CA LYS B 4 -7.09 0.17 5.66
C LYS B 4 -5.83 0.09 6.52
N GLN B 5 -6.00 0.18 7.83
CA GLN B 5 -4.87 0.12 8.76
C GLN B 5 -4.42 -1.32 8.99
N THR B 6 -3.14 -1.47 9.30
CA THR B 6 -2.57 -2.79 9.55
C THR B 6 -1.55 -2.74 10.69
N ALA B 7 -1.39 -3.87 11.38
CA ALA B 7 -0.45 -3.95 12.49
C ALA B 7 0.67 -4.94 12.17
N ARG B 8 1.64 -4.49 11.39
CA ARG B 8 2.77 -5.34 11.00
C ARG B 8 3.80 -5.44 12.13
N LYS B 9 4.58 -4.39 12.31
CA LYS B 9 5.61 -4.37 13.34
C LYS B 9 6.04 -2.95 13.68
N SER B 10 6.91 -2.83 14.68
CA SER B 10 7.41 -1.52 15.11
C SER B 10 8.87 -1.62 15.54
N THR B 11 9.42 -2.82 15.44
CA THR B 11 10.81 -3.07 15.82
C THR B 11 11.48 -4.04 14.85
N GLY B 12 12.18 -3.50 13.86
CA GLY B 12 12.86 -4.32 12.89
C GLY B 12 14.37 -4.14 12.91
N GLY B 13 14.96 -4.05 11.72
CA GLY B 13 16.40 -3.87 11.63
C GLY B 13 16.84 -3.41 10.25
N LYS B 14 17.83 -2.53 10.22
CA LYS B 14 18.36 -2.02 8.96
C LYS B 14 19.87 -1.78 9.05
N ALA B 15 20.63 -2.64 8.39
CA ALA B 15 22.09 -2.52 8.41
C ALA B 15 22.71 -3.08 7.13
N PRO B 16 22.47 -2.40 5.98
CA PRO B 16 23.02 -2.83 4.69
C PRO B 16 24.48 -2.44 4.53
N ARG B 17 24.98 -2.51 3.29
CA ARG B 17 26.37 -2.16 2.98
C ARG B 17 27.34 -3.12 3.67
N LYS B 18 28.10 -3.86 2.87
CA LYS B 18 29.07 -4.81 3.40
C LYS B 18 30.47 -4.21 3.38
N GLN B 19 30.57 -2.90 3.58
CA GLN B 19 31.83 -2.19 3.58
C GLN B 19 32.57 -2.39 2.26
N LEU B 20 31.82 -2.68 1.21
CA LEU B 20 32.40 -2.90 -0.12
C LEU B 20 32.65 -1.57 -0.82
N CYS B 21 33.21 -1.64 -2.02
CA CYS B 21 33.50 -0.44 -2.81
C CYS B 21 34.40 0.52 -2.04
ZN ZN C . 5.63 3.37 3.82
ZN ZN D . -0.81 -1.30 -8.92
N GLY A 1 -13.50 -11.49 3.41
CA GLY A 1 -12.82 -10.24 2.97
C GLY A 1 -11.31 -10.36 3.04
N SER A 2 -10.68 -10.46 1.87
CA SER A 2 -9.23 -10.58 1.79
C SER A 2 -8.61 -9.32 1.18
N LYS A 3 -7.75 -8.66 1.95
CA LYS A 3 -7.09 -7.44 1.50
C LYS A 3 -5.67 -7.73 1.02
N ASN A 4 -4.88 -6.67 0.87
CA ASN A 4 -3.50 -6.78 0.41
C ASN A 4 -2.64 -7.56 1.41
N GLU A 5 -1.33 -7.52 1.21
CA GLU A 5 -0.41 -8.20 2.12
C GLU A 5 -0.23 -7.40 3.41
N ASP A 6 -0.94 -6.28 3.48
CA ASP A 6 -0.88 -5.40 4.64
C ASP A 6 0.55 -4.97 4.94
N GLU A 7 1.23 -4.44 3.92
CA GLU A 7 2.61 -3.99 4.08
C GLU A 7 2.97 -2.97 2.99
N CYS A 8 3.33 -1.76 3.43
CA CYS A 8 3.70 -0.70 2.51
C CYS A 8 4.83 -1.14 1.58
N ALA A 9 4.65 -0.96 0.29
CA ALA A 9 5.64 -1.35 -0.69
C ALA A 9 6.87 -0.47 -0.64
N VAL A 10 6.92 0.45 0.32
CA VAL A 10 8.06 1.36 0.46
C VAL A 10 8.72 1.26 1.84
N CYS A 11 8.01 0.68 2.81
CA CYS A 11 8.55 0.54 4.17
C CYS A 11 8.62 -0.91 4.62
N ARG A 12 7.71 -1.72 4.08
CA ARG A 12 7.62 -3.14 4.43
C ARG A 12 7.04 -3.28 5.84
N ASP A 13 6.55 -2.16 6.38
CA ASP A 13 5.96 -2.13 7.72
C ASP A 13 4.44 -2.05 7.61
N GLY A 14 3.81 -1.53 8.67
CA GLY A 14 2.36 -1.41 8.67
C GLY A 14 1.87 0.03 8.68
N GLY A 15 0.65 0.22 9.17
CA GLY A 15 0.06 1.55 9.21
C GLY A 15 -1.05 1.69 8.18
N GLU A 16 -1.51 2.92 7.95
CA GLU A 16 -2.55 3.14 6.95
C GLU A 16 -1.98 3.00 5.56
N LEU A 17 -2.42 1.97 4.83
CA LEU A 17 -1.92 1.73 3.49
C LEU A 17 -3.06 1.57 2.48
N ILE A 18 -2.77 1.94 1.24
CA ILE A 18 -3.72 1.85 0.14
C ILE A 18 -3.28 0.79 -0.87
N CYS A 19 -4.13 -0.18 -1.12
CA CYS A 19 -3.81 -1.26 -2.04
C CYS A 19 -4.15 -0.89 -3.49
N CYS A 20 -3.33 -1.39 -4.41
CA CYS A 20 -3.54 -1.13 -5.84
C CYS A 20 -4.70 -1.93 -6.38
N ASP A 21 -5.33 -1.42 -7.43
CA ASP A 21 -6.47 -2.07 -8.05
C ASP A 21 -5.99 -3.19 -8.99
N GLY A 22 -5.24 -4.13 -8.44
CA GLY A 22 -4.72 -5.23 -9.24
C GLY A 22 -3.50 -5.88 -8.63
N CYS A 23 -2.74 -5.11 -7.85
CA CYS A 23 -1.53 -5.63 -7.21
C CYS A 23 -1.74 -5.87 -5.72
N PRO A 24 -0.97 -6.80 -5.14
CA PRO A 24 -1.05 -7.16 -3.72
C PRO A 24 -0.29 -6.17 -2.84
N ARG A 25 -0.01 -5.01 -3.40
CA ARG A 25 0.74 -3.98 -2.68
C ARG A 25 -0.17 -2.96 -2.02
N ALA A 26 0.43 -2.23 -1.08
CA ALA A 26 -0.25 -1.18 -0.34
C ALA A 26 0.72 -0.02 -0.11
N PHE A 27 0.22 1.22 -0.03
CA PHE A 27 1.11 2.37 0.16
C PHE A 27 0.65 3.30 1.27
N HIS A 28 1.63 3.94 1.92
CA HIS A 28 1.38 4.88 3.00
C HIS A 28 0.90 6.23 2.49
N LEU A 29 0.13 6.24 1.41
CA LEU A 29 -0.38 7.49 0.87
C LEU A 29 0.76 8.36 0.37
N ALA A 30 1.43 9.03 1.31
CA ALA A 30 2.55 9.90 0.99
C ALA A 30 3.75 9.10 0.54
N CYS A 31 3.73 7.79 0.80
CA CYS A 31 4.84 6.92 0.40
C CYS A 31 4.81 6.70 -1.11
N LEU A 32 3.78 7.24 -1.73
CA LEU A 32 3.58 7.15 -3.17
C LEU A 32 4.30 8.29 -3.88
N SER A 33 4.76 8.06 -5.11
CA SER A 33 5.41 9.15 -5.85
C SER A 33 4.51 10.38 -5.73
N PRO A 34 3.21 10.23 -6.09
CA PRO A 34 2.23 11.27 -5.91
C PRO A 34 1.41 10.95 -4.68
N PRO A 35 1.42 11.82 -3.67
CA PRO A 35 0.73 11.55 -2.41
C PRO A 35 -0.76 11.79 -2.48
N LEU A 36 -1.48 10.94 -1.77
CA LEU A 36 -2.92 10.98 -1.70
C LEU A 36 -3.39 11.87 -0.55
N ARG A 37 -3.41 13.18 -0.80
CA ARG A 37 -3.88 14.13 0.21
C ARG A 37 -5.22 13.66 0.75
N GLU A 38 -5.88 12.86 -0.06
CA GLU A 38 -7.16 12.28 0.26
C GLU A 38 -7.39 11.06 -0.62
N ILE A 39 -7.54 9.90 0.02
CA ILE A 39 -7.73 8.64 -0.68
C ILE A 39 -8.66 8.76 -1.88
N PRO A 40 -8.21 8.21 -3.04
CA PRO A 40 -8.97 8.22 -4.30
C PRO A 40 -10.46 7.98 -4.11
N SER A 41 -11.25 8.53 -5.02
CA SER A 41 -12.71 8.39 -4.96
C SER A 41 -13.15 6.97 -5.31
N GLY A 42 -13.01 6.61 -6.59
CA GLY A 42 -13.41 5.29 -7.03
C GLY A 42 -12.28 4.28 -6.93
N THR A 43 -11.55 4.10 -8.02
CA THR A 43 -10.44 3.15 -8.05
C THR A 43 -9.10 3.86 -7.88
N TRP A 44 -8.02 3.07 -7.93
CA TRP A 44 -6.68 3.61 -7.77
C TRP A 44 -5.63 2.56 -8.11
N ARG A 45 -4.59 2.97 -8.84
CA ARG A 45 -3.53 2.07 -9.24
C ARG A 45 -2.21 2.46 -8.60
N CYS A 46 -1.27 1.53 -8.62
CA CYS A 46 0.06 1.78 -8.09
C CYS A 46 0.90 2.44 -9.17
N SER A 47 1.80 3.35 -8.78
CA SER A 47 2.64 4.08 -9.73
C SER A 47 2.92 3.27 -11.01
N SER A 48 3.28 2.01 -10.87
CA SER A 48 3.56 1.15 -12.01
C SER A 48 2.36 1.07 -12.95
N CYS A 49 1.21 0.70 -12.39
CA CYS A 49 -0.03 0.60 -13.13
C CYS A 49 -0.48 1.97 -13.63
N LEU A 50 -0.54 2.90 -12.68
CA LEU A 50 -0.94 4.27 -12.92
C LEU A 50 -0.46 4.80 -14.26
N GLN A 51 0.82 4.60 -14.55
CA GLN A 51 1.40 5.06 -15.81
C GLN A 51 1.04 4.12 -16.96
N ALA A 52 1.04 2.83 -16.69
CA ALA A 52 0.72 1.84 -17.70
C ALA A 52 -0.71 2.01 -18.20
N THR A 53 -1.51 2.70 -17.40
CA THR A 53 -2.91 2.96 -17.74
C THR A 53 -3.29 4.41 -17.41
N VAL A 54 -4.57 4.66 -17.25
CA VAL A 54 -5.05 6.01 -16.92
C VAL A 54 -6.11 5.97 -15.83
N GLN A 55 -5.68 6.15 -14.58
CA GLN A 55 -6.60 6.14 -13.44
C GLN A 55 -6.25 7.25 -12.46
N GLU A 56 -7.03 7.37 -11.39
CA GLU A 56 -6.79 8.40 -10.38
C GLU A 56 -6.68 7.77 -8.99
N ALA B 1 -10.71 4.04 -3.38
CA ALA B 1 -9.41 3.37 -3.14
C ALA B 1 -9.42 2.62 -1.82
N ARG B 2 -9.25 1.30 -1.89
CA ARG B 2 -9.24 0.45 -0.71
C ARG B 2 -7.99 0.68 0.12
N THR B 3 -8.16 1.30 1.29
CA THR B 3 -7.03 1.58 2.18
C THR B 3 -7.37 1.20 3.62
N LYS B 4 -6.63 0.26 4.18
CA LYS B 4 -6.85 -0.19 5.54
C LYS B 4 -5.57 -0.15 6.36
N GLN B 5 -5.70 0.09 7.66
CA GLN B 5 -4.55 0.15 8.56
C GLN B 5 -4.21 -1.24 9.09
N THR B 6 -2.94 -1.61 9.02
CA THR B 6 -2.49 -2.91 9.50
C THR B 6 -1.56 -2.76 10.70
N ALA B 7 -1.34 -3.86 11.40
CA ALA B 7 -0.47 -3.87 12.57
C ALA B 7 0.72 -4.81 12.37
N ARG B 8 1.69 -4.37 11.59
CA ARG B 8 2.88 -5.17 11.32
C ARG B 8 3.88 -5.07 12.47
N LYS B 9 4.34 -6.23 12.93
CA LYS B 9 5.30 -6.28 14.03
C LYS B 9 6.73 -6.21 13.51
N SER B 10 7.57 -5.44 14.17
CA SER B 10 8.97 -5.29 13.76
C SER B 10 9.91 -5.64 14.91
N THR B 11 9.92 -6.91 15.30
CA THR B 11 10.78 -7.36 16.39
C THR B 11 12.13 -7.84 15.86
N GLY B 12 12.13 -8.32 14.62
CA GLY B 12 13.36 -8.80 14.01
C GLY B 12 13.82 -7.93 12.87
N GLY B 13 12.86 -7.40 12.10
CA GLY B 13 13.20 -6.54 10.98
C GLY B 13 13.78 -5.21 11.42
N LYS B 14 15.08 -5.03 11.18
CA LYS B 14 15.76 -3.79 11.56
C LYS B 14 16.65 -3.29 10.42
N ALA B 15 16.99 -4.20 9.50
CA ALA B 15 17.83 -3.85 8.37
C ALA B 15 17.27 -4.42 7.06
N PRO B 16 16.19 -3.81 6.54
CA PRO B 16 15.56 -4.27 5.29
C PRO B 16 16.51 -4.24 4.11
N ARG B 17 16.51 -5.33 3.33
CA ARG B 17 17.37 -5.45 2.16
C ARG B 17 18.84 -5.26 2.51
N LYS B 18 19.32 -4.03 2.39
CA LYS B 18 20.71 -3.72 2.70
C LYS B 18 20.81 -2.43 3.51
N GLN B 19 20.41 -1.32 2.90
CA GLN B 19 20.45 -0.02 3.58
C GLN B 19 19.17 0.77 3.30
N LEU B 20 19.01 1.21 2.06
CA LEU B 20 17.82 1.98 1.68
C LEU B 20 16.94 1.17 0.73
N CYS B 21 15.76 1.70 0.41
CA CYS B 21 14.82 1.04 -0.48
C CYS B 21 14.47 -0.36 0.03
ZN ZN C . 5.60 3.54 3.76
ZN ZN D . -0.55 -2.02 -9.58
N GLY A 1 -7.51 -12.80 0.11
CA GLY A 1 -7.06 -13.14 1.50
C GLY A 1 -7.05 -11.93 2.41
N SER A 2 -8.23 -11.35 2.66
CA SER A 2 -8.37 -10.19 3.52
C SER A 2 -7.47 -9.06 3.03
N LYS A 3 -7.95 -8.33 2.02
CA LYS A 3 -7.20 -7.21 1.46
C LYS A 3 -5.88 -7.67 0.86
N ASN A 4 -5.17 -6.75 0.22
CA ASN A 4 -3.87 -7.06 -0.37
C ASN A 4 -2.84 -7.32 0.71
N GLU A 5 -1.60 -7.56 0.32
CA GLU A 5 -0.54 -7.81 1.29
C GLU A 5 -0.35 -6.61 2.19
N ASP A 6 -0.58 -6.79 3.50
CA ASP A 6 -0.43 -5.70 4.46
C ASP A 6 1.04 -5.35 4.67
N GLU A 7 1.66 -4.83 3.62
CA GLU A 7 3.06 -4.44 3.66
C GLU A 7 3.32 -3.28 2.70
N CYS A 8 3.49 -2.08 3.24
CA CYS A 8 3.74 -0.90 2.40
C CYS A 8 4.89 -1.18 1.43
N ALA A 9 4.54 -1.24 0.15
CA ALA A 9 5.51 -1.53 -0.91
C ALA A 9 6.58 -0.45 -1.09
N VAL A 10 6.67 0.52 -0.18
CA VAL A 10 7.69 1.55 -0.31
C VAL A 10 8.64 1.61 0.90
N CYS A 11 8.17 1.22 2.08
CA CYS A 11 9.03 1.26 3.27
C CYS A 11 8.82 0.07 4.18
N ARG A 12 8.06 -0.92 3.70
CA ARG A 12 7.77 -2.14 4.45
C ARG A 12 7.34 -1.86 5.89
N ASP A 13 6.22 -1.14 6.04
CA ASP A 13 5.69 -0.84 7.36
C ASP A 13 4.17 -0.92 7.38
N GLY A 14 3.60 -1.13 8.55
CA GLY A 14 2.15 -1.23 8.68
C GLY A 14 1.47 0.12 8.72
N GLY A 15 0.48 0.27 9.60
CA GLY A 15 -0.25 1.52 9.70
C GLY A 15 -1.38 1.60 8.69
N GLU A 16 -1.65 2.78 8.15
CA GLU A 16 -2.71 2.93 7.17
C GLU A 16 -2.14 2.86 5.76
N LEU A 17 -2.50 1.83 5.02
CA LEU A 17 -2.01 1.66 3.65
C LEU A 17 -3.17 1.56 2.67
N ILE A 18 -2.91 1.94 1.43
CA ILE A 18 -3.92 1.91 0.37
C ILE A 18 -3.64 0.76 -0.60
N CYS A 19 -4.46 -0.27 -0.53
CA CYS A 19 -4.30 -1.43 -1.40
C CYS A 19 -4.47 -1.03 -2.86
N CYS A 20 -3.69 -1.67 -3.73
CA CYS A 20 -3.75 -1.39 -5.16
C CYS A 20 -4.77 -2.28 -5.86
N ASP A 21 -5.68 -1.65 -6.60
CA ASP A 21 -6.71 -2.38 -7.32
C ASP A 21 -6.10 -3.24 -8.42
N GLY A 22 -4.83 -2.97 -8.74
CA GLY A 22 -4.16 -3.72 -9.78
C GLY A 22 -3.35 -4.88 -9.22
N CYS A 23 -2.41 -4.58 -8.32
CA CYS A 23 -1.58 -5.61 -7.72
C CYS A 23 -1.82 -5.72 -6.21
N PRO A 24 -1.39 -6.84 -5.60
CA PRO A 24 -1.55 -7.10 -4.15
C PRO A 24 -0.61 -6.26 -3.27
N ARG A 25 -0.62 -4.95 -3.46
CA ARG A 25 0.25 -4.08 -2.67
C ARG A 25 -0.55 -3.05 -1.86
N ALA A 26 0.17 -2.22 -1.13
CA ALA A 26 -0.43 -1.18 -0.30
C ALA A 26 0.57 -0.03 -0.10
N PHE A 27 0.09 1.21 -0.03
CA PHE A 27 1.00 2.36 0.13
C PHE A 27 0.59 3.27 1.28
N HIS A 28 1.57 3.92 1.91
CA HIS A 28 1.31 4.83 3.03
C HIS A 28 0.84 6.19 2.57
N LEU A 29 0.07 6.25 1.49
CA LEU A 29 -0.43 7.52 0.98
C LEU A 29 0.72 8.40 0.51
N ALA A 30 1.40 9.01 1.48
CA ALA A 30 2.54 9.87 1.19
C ALA A 30 3.76 9.06 0.77
N CYS A 31 3.71 7.75 1.02
CA CYS A 31 4.82 6.87 0.63
C CYS A 31 4.81 6.66 -0.88
N LEU A 32 3.80 7.23 -1.52
CA LEU A 32 3.63 7.14 -2.96
C LEU A 32 4.44 8.23 -3.66
N SER A 33 4.75 8.02 -4.94
CA SER A 33 5.47 9.05 -5.68
C SER A 33 4.68 10.34 -5.50
N PRO A 34 3.36 10.32 -5.83
CA PRO A 34 2.47 11.42 -5.59
C PRO A 34 1.65 11.10 -4.34
N PRO A 35 1.67 11.97 -3.33
CA PRO A 35 0.97 11.70 -2.09
C PRO A 35 -0.52 11.96 -2.15
N LEU A 36 -1.25 11.02 -1.58
CA LEU A 36 -2.69 11.07 -1.54
C LEU A 36 -3.18 11.97 -0.42
N ARG A 37 -3.16 13.28 -0.65
CA ARG A 37 -3.65 14.23 0.33
C ARG A 37 -5.02 13.77 0.81
N GLU A 38 -5.66 12.99 -0.06
CA GLU A 38 -6.97 12.42 0.18
C GLU A 38 -7.14 11.19 -0.69
N ILE A 39 -7.40 10.07 -0.04
CA ILE A 39 -7.56 8.80 -0.73
C ILE A 39 -8.43 8.89 -1.98
N PRO A 40 -7.96 8.25 -3.07
CA PRO A 40 -8.65 8.22 -4.38
C PRO A 40 -10.15 7.98 -4.27
N SER A 41 -10.86 8.32 -5.34
CA SER A 41 -12.31 8.11 -5.39
C SER A 41 -12.65 6.85 -6.16
N GLY A 42 -12.96 5.78 -5.43
CA GLY A 42 -13.30 4.52 -6.05
C GLY A 42 -12.08 3.63 -6.19
N THR A 43 -11.78 3.21 -7.42
CA THR A 43 -10.63 2.36 -7.68
C THR A 43 -9.33 3.15 -7.53
N TRP A 44 -8.20 2.49 -7.76
CA TRP A 44 -6.90 3.15 -7.65
C TRP A 44 -5.78 2.29 -8.23
N ARG A 45 -4.81 2.97 -8.85
CA ARG A 45 -3.65 2.30 -9.43
C ARG A 45 -2.38 2.78 -8.76
N CYS A 46 -1.34 1.93 -8.77
CA CYS A 46 -0.07 2.30 -8.18
C CYS A 46 0.94 2.62 -9.28
N SER A 47 1.96 3.42 -8.95
CA SER A 47 2.97 3.82 -9.93
C SER A 47 3.29 2.71 -10.94
N SER A 48 3.57 1.52 -10.42
CA SER A 48 3.90 0.38 -11.28
C SER A 48 2.77 0.05 -12.26
N CYS A 49 1.59 -0.22 -11.71
CA CYS A 49 0.43 -0.55 -12.52
C CYS A 49 0.05 0.60 -13.44
N LEU A 50 0.49 1.79 -13.08
CA LEU A 50 0.22 2.98 -13.88
C LEU A 50 0.89 2.86 -15.24
N GLN A 51 2.16 2.55 -15.22
CA GLN A 51 2.92 2.40 -16.45
C GLN A 51 2.39 1.21 -17.25
N ALA A 52 1.91 0.20 -16.55
CA ALA A 52 1.37 -0.99 -17.17
C ALA A 52 0.09 -0.67 -17.93
N THR A 53 -0.70 0.26 -17.38
CA THR A 53 -1.95 0.66 -17.99
C THR A 53 -2.17 2.18 -17.82
N VAL A 54 -3.16 2.57 -17.01
CA VAL A 54 -3.43 3.98 -16.77
C VAL A 54 -4.01 4.19 -15.38
N GLN A 55 -4.47 5.42 -15.10
CA GLN A 55 -5.05 5.76 -13.82
C GLN A 55 -6.44 5.15 -13.66
N GLU A 56 -6.90 5.02 -12.43
CA GLU A 56 -8.22 4.45 -12.14
C GLU A 56 -8.33 3.03 -12.69
N ALA B 1 -10.31 4.56 -2.90
CA ALA B 1 -9.50 3.33 -2.89
C ALA B 1 -9.65 2.57 -1.56
N ARG B 2 -9.19 1.32 -1.55
CA ARG B 2 -9.29 0.49 -0.35
C ARG B 2 -8.08 0.67 0.55
N THR B 3 -8.15 1.62 1.46
CA THR B 3 -7.05 1.87 2.39
C THR B 3 -7.45 1.52 3.82
N LYS B 4 -6.87 0.44 4.34
CA LYS B 4 -7.18 -0.02 5.68
C LYS B 4 -6.04 0.28 6.65
N GLN B 5 -6.29 0.07 7.93
CA GLN B 5 -5.29 0.33 8.97
C GLN B 5 -4.71 -0.99 9.49
N THR B 6 -3.76 -1.54 8.76
CA THR B 6 -3.12 -2.80 9.15
C THR B 6 -2.32 -2.65 10.43
N ALA B 7 -2.19 -3.75 11.17
CA ALA B 7 -1.44 -3.75 12.42
C ALA B 7 -0.55 -4.98 12.52
N ARG B 8 0.36 -5.13 11.56
CA ARG B 8 1.28 -6.26 11.52
C ARG B 8 2.50 -6.02 12.40
N LYS B 9 3.32 -5.05 12.01
CA LYS B 9 4.53 -4.72 12.75
C LYS B 9 4.19 -3.94 14.02
N SER B 10 3.05 -3.26 14.00
CA SER B 10 2.60 -2.48 15.15
C SER B 10 2.33 -3.39 16.34
N THR B 11 1.41 -4.34 16.17
CA THR B 11 1.05 -5.27 17.22
C THR B 11 1.49 -6.69 16.88
N GLY B 12 2.20 -7.32 17.80
CA GLY B 12 2.68 -8.68 17.57
C GLY B 12 2.72 -9.50 18.85
N GLY B 13 1.87 -10.51 18.92
CA GLY B 13 1.83 -11.36 20.09
C GLY B 13 0.45 -11.90 20.38
N LYS B 14 -0.02 -11.73 21.62
CA LYS B 14 -1.33 -12.20 22.03
C LYS B 14 -2.43 -11.29 21.50
N ALA B 15 -2.20 -9.98 21.59
CA ALA B 15 -3.17 -9.00 21.11
C ALA B 15 -4.54 -9.23 21.73
N PRO B 16 -4.72 -8.85 23.02
CA PRO B 16 -5.98 -9.02 23.74
C PRO B 16 -7.13 -8.24 23.09
N ARG B 17 -8.03 -8.96 22.42
CA ARG B 17 -9.17 -8.33 21.77
C ARG B 17 -10.45 -8.54 22.59
N LYS B 18 -10.86 -9.80 22.71
CA LYS B 18 -12.06 -10.13 23.47
C LYS B 18 -11.88 -11.45 24.22
N GLN B 19 -10.78 -11.54 24.98
CA GLN B 19 -10.47 -12.73 25.76
C GLN B 19 -10.34 -13.96 24.87
N LEU B 20 -11.44 -14.67 24.64
CA LEU B 20 -11.43 -15.87 23.81
C LEU B 20 -12.50 -15.79 22.73
N CYS B 21 -12.09 -15.85 21.48
CA CYS B 21 -13.02 -15.79 20.36
C CYS B 21 -13.69 -17.14 20.12
ZN ZN C . 5.49 3.30 3.87
ZN ZN D . -0.27 -1.93 -8.43
N GLY A 1 -6.96 -13.09 5.69
CA GLY A 1 -5.54 -12.86 5.27
C GLY A 1 -5.41 -12.60 3.78
N SER A 2 -6.43 -11.95 3.21
CA SER A 2 -6.42 -11.64 1.78
C SER A 2 -6.73 -10.17 1.54
N LYS A 3 -6.55 -9.35 2.58
CA LYS A 3 -6.81 -7.92 2.48
C LYS A 3 -5.60 -7.20 1.92
N ASN A 4 -4.65 -7.95 1.37
CA ASN A 4 -3.44 -7.36 0.83
C ASN A 4 -2.82 -6.45 1.89
N GLU A 5 -2.07 -5.46 1.44
CA GLU A 5 -1.47 -4.50 2.37
C GLU A 5 -0.61 -5.20 3.42
N ASP A 6 -0.74 -4.75 4.67
CA ASP A 6 0.05 -5.31 5.77
C ASP A 6 1.53 -5.27 5.45
N GLU A 7 1.90 -4.43 4.49
CA GLU A 7 3.29 -4.27 4.09
C GLU A 7 3.39 -3.25 2.96
N CYS A 8 3.64 -2.01 3.35
CA CYS A 8 3.78 -0.92 2.39
C CYS A 8 4.92 -1.19 1.41
N ALA A 9 4.59 -1.22 0.12
CA ALA A 9 5.54 -1.50 -0.94
C ALA A 9 6.64 -0.44 -1.09
N VAL A 10 6.74 0.49 -0.15
CA VAL A 10 7.77 1.53 -0.23
C VAL A 10 8.68 1.54 1.00
N CYS A 11 8.16 1.11 2.14
CA CYS A 11 8.98 1.11 3.36
C CYS A 11 8.61 -0.03 4.30
N ARG A 12 8.09 -1.12 3.73
CA ARG A 12 7.70 -2.32 4.49
C ARG A 12 7.34 -2.00 5.93
N ASP A 13 6.38 -1.11 6.11
CA ASP A 13 5.94 -0.72 7.45
C ASP A 13 4.42 -0.79 7.55
N GLY A 14 3.91 -0.86 8.78
CA GLY A 14 2.48 -0.94 8.98
C GLY A 14 1.82 0.41 9.12
N GLY A 15 0.49 0.40 9.11
CA GLY A 15 -0.30 1.62 9.22
C GLY A 15 -1.34 1.70 8.13
N GLU A 16 -1.90 2.88 7.89
CA GLU A 16 -2.90 3.03 6.85
C GLU A 16 -2.25 2.84 5.48
N LEU A 17 -2.62 1.77 4.80
CA LEU A 17 -2.08 1.50 3.47
C LEU A 17 -3.19 1.41 2.43
N ILE A 18 -2.89 1.86 1.22
CA ILE A 18 -3.83 1.82 0.12
C ILE A 18 -3.43 0.75 -0.87
N CYS A 19 -4.15 -0.36 -0.85
CA CYS A 19 -3.86 -1.46 -1.75
C CYS A 19 -4.26 -1.15 -3.18
N CYS A 20 -3.47 -1.66 -4.13
CA CYS A 20 -3.74 -1.47 -5.53
C CYS A 20 -4.88 -2.35 -6.00
N ASP A 21 -5.76 -1.79 -6.82
CA ASP A 21 -6.92 -2.52 -7.33
C ASP A 21 -6.49 -3.70 -8.20
N GLY A 22 -5.18 -3.82 -8.45
CA GLY A 22 -4.68 -4.91 -9.27
C GLY A 22 -3.46 -5.58 -8.70
N CYS A 23 -3.06 -5.20 -7.48
CA CYS A 23 -1.89 -5.81 -6.86
C CYS A 23 -2.06 -5.97 -5.35
N PRO A 24 -1.39 -6.98 -4.76
CA PRO A 24 -1.45 -7.27 -3.32
C PRO A 24 -0.70 -6.23 -2.51
N ARG A 25 -0.19 -5.23 -3.21
CA ARG A 25 0.58 -4.17 -2.58
C ARG A 25 -0.32 -3.14 -1.91
N ALA A 26 0.32 -2.24 -1.18
CA ALA A 26 -0.36 -1.17 -0.47
C ALA A 26 0.62 -0.03 -0.22
N PHE A 27 0.13 1.19 -0.08
CA PHE A 27 1.03 2.33 0.12
C PHE A 27 0.59 3.23 1.28
N HIS A 28 1.56 3.86 1.91
CA HIS A 28 1.31 4.76 3.03
C HIS A 28 0.86 6.13 2.54
N LEU A 29 0.10 6.15 1.44
CA LEU A 29 -0.40 7.41 0.88
C LEU A 29 0.76 8.27 0.39
N ALA A 30 1.42 8.94 1.34
CA ALA A 30 2.54 9.80 1.02
C ALA A 30 3.76 8.98 0.64
N CYS A 31 3.72 7.68 0.94
CA CYS A 31 4.83 6.78 0.60
C CYS A 31 4.85 6.55 -0.91
N LEU A 32 3.82 7.07 -1.57
CA LEU A 32 3.68 6.96 -3.01
C LEU A 32 4.48 8.03 -3.73
N SER A 33 4.86 7.78 -4.99
CA SER A 33 5.57 8.80 -5.74
C SER A 33 4.71 10.06 -5.66
N PRO A 34 3.41 9.96 -6.05
CA PRO A 34 2.47 11.04 -5.91
C PRO A 34 1.61 10.76 -4.68
N PRO A 35 1.58 11.67 -3.71
CA PRO A 35 0.84 11.45 -2.48
C PRO A 35 -0.65 11.70 -2.58
N LEU A 36 -1.38 10.88 -1.85
CA LEU A 36 -2.82 10.93 -1.81
C LEU A 36 -3.31 11.82 -0.68
N ARG A 37 -3.32 13.13 -0.91
CA ARG A 37 -3.80 14.08 0.09
C ARG A 37 -5.15 13.61 0.61
N GLU A 38 -5.80 12.81 -0.22
CA GLU A 38 -7.10 12.24 0.09
C GLU A 38 -7.32 11.02 -0.79
N ILE A 39 -7.51 9.87 -0.14
CA ILE A 39 -7.70 8.62 -0.83
C ILE A 39 -8.59 8.75 -2.08
N PRO A 40 -8.14 8.14 -3.19
CA PRO A 40 -8.86 8.16 -4.48
C PRO A 40 -10.38 8.04 -4.33
N SER A 41 -11.11 8.66 -5.26
CA SER A 41 -12.57 8.62 -5.22
C SER A 41 -13.08 7.19 -5.14
N GLY A 42 -12.86 6.43 -6.22
CA GLY A 42 -13.30 5.05 -6.26
C GLY A 42 -12.14 4.08 -6.32
N THR A 43 -11.75 3.71 -7.54
CA THR A 43 -10.65 2.77 -7.74
C THR A 43 -9.30 3.48 -7.63
N TRP A 44 -8.22 2.73 -7.85
CA TRP A 44 -6.87 3.28 -7.77
C TRP A 44 -5.83 2.25 -8.21
N ARG A 45 -4.73 2.75 -8.77
CA ARG A 45 -3.66 1.88 -9.25
C ARG A 45 -2.33 2.26 -8.61
N CYS A 46 -1.40 1.29 -8.57
CA CYS A 46 -0.08 1.54 -7.99
C CYS A 46 0.87 2.12 -9.04
N SER A 47 1.85 2.91 -8.58
CA SER A 47 2.82 3.55 -9.48
C SER A 47 3.10 2.69 -10.72
N SER A 48 3.34 1.40 -10.51
CA SER A 48 3.61 0.49 -11.62
C SER A 48 2.44 0.44 -12.60
N CYS A 49 1.25 0.24 -12.06
CA CYS A 49 0.04 0.17 -12.87
C CYS A 49 -0.23 1.52 -13.51
N LEU A 50 0.32 2.58 -12.92
CA LEU A 50 0.15 3.92 -13.44
C LEU A 50 0.88 4.09 -14.76
N GLN A 51 2.15 3.74 -14.75
CA GLN A 51 2.99 3.83 -15.94
C GLN A 51 2.36 3.05 -17.09
N ALA A 52 1.85 1.86 -16.78
CA ALA A 52 1.22 1.02 -17.78
C ALA A 52 -0.12 1.60 -18.23
N THR A 53 -0.91 2.07 -17.26
CA THR A 53 -2.21 2.66 -17.54
C THR A 53 -2.68 3.52 -16.37
N VAL A 54 -2.67 4.83 -16.57
CA VAL A 54 -3.09 5.77 -15.53
C VAL A 54 -4.54 5.53 -15.10
N GLN A 55 -4.80 5.65 -13.81
CA GLN A 55 -6.14 5.44 -13.28
C GLN A 55 -6.68 6.72 -12.63
N GLU A 56 -6.48 6.85 -11.31
CA GLU A 56 -6.94 8.01 -10.58
C GLU A 56 -5.99 8.34 -9.43
N ALA B 1 -10.32 4.46 -2.94
CA ALA B 1 -9.47 3.25 -3.08
C ALA B 1 -9.51 2.41 -1.80
N ARG B 2 -9.21 1.12 -1.94
CA ARG B 2 -9.21 0.21 -0.81
C ARG B 2 -8.00 0.43 0.09
N THR B 3 -8.19 1.23 1.14
CA THR B 3 -7.12 1.54 2.09
C THR B 3 -7.56 1.19 3.52
N LYS B 4 -6.88 0.23 4.13
CA LYS B 4 -7.21 -0.18 5.49
C LYS B 4 -5.99 -0.09 6.40
N GLN B 5 -6.20 0.39 7.62
CA GLN B 5 -5.11 0.53 8.58
C GLN B 5 -4.71 -0.83 9.16
N THR B 6 -3.54 -1.32 8.73
CA THR B 6 -3.05 -2.60 9.21
C THR B 6 -2.05 -2.41 10.35
N ALA B 7 -2.30 -3.10 11.47
CA ALA B 7 -1.43 -3.01 12.63
C ALA B 7 -0.18 -3.86 12.43
N ARG B 8 0.79 -3.31 11.69
CA ARG B 8 2.03 -4.02 11.41
C ARG B 8 3.24 -3.16 11.76
N LYS B 9 3.24 -2.60 12.97
CA LYS B 9 4.33 -1.77 13.42
C LYS B 9 5.30 -2.56 14.30
N SER B 10 4.83 -2.97 15.46
CA SER B 10 5.65 -3.75 16.40
C SER B 10 6.95 -3.01 16.73
N THR B 11 6.81 -1.77 17.19
CA THR B 11 7.98 -0.97 17.55
C THR B 11 8.73 -1.58 18.72
N GLY B 12 8.00 -2.21 19.63
CA GLY B 12 8.61 -2.83 20.79
C GLY B 12 8.05 -4.21 21.07
N GLY B 13 7.17 -4.31 22.05
CA GLY B 13 6.56 -5.59 22.39
C GLY B 13 5.06 -5.49 22.58
N LYS B 14 4.49 -4.37 22.16
CA LYS B 14 3.04 -4.15 22.27
C LYS B 14 2.59 -4.27 23.73
N ALA B 15 2.63 -3.16 24.45
CA ALA B 15 2.23 -3.14 25.85
C ALA B 15 1.39 -1.90 26.17
N PRO B 16 0.11 -1.88 25.73
CA PRO B 16 -0.79 -0.74 25.97
C PRO B 16 -0.97 -0.46 27.45
N ARG B 17 -0.88 -1.50 28.27
CA ARG B 17 -1.04 -1.36 29.72
C ARG B 17 0.29 -1.55 30.43
N LYS B 18 0.73 -0.50 31.12
CA LYS B 18 2.00 -0.54 31.85
C LYS B 18 1.85 -1.37 33.12
N GLN B 19 2.93 -2.04 33.51
CA GLN B 19 2.92 -2.87 34.71
C GLN B 19 4.24 -2.74 35.47
N LEU B 20 4.21 -2.02 36.58
CA LEU B 20 5.40 -1.82 37.40
C LEU B 20 5.35 -2.74 38.63
N CYS B 21 4.20 -2.78 39.27
CA CYS B 21 4.02 -3.62 40.45
C CYS B 21 2.85 -4.59 40.27
ZN ZN C . 5.53 3.25 3.85
ZN ZN D . -0.82 -2.30 -9.31
N GLY A 1 -9.09 -13.89 1.58
CA GLY A 1 -8.37 -13.12 0.52
C GLY A 1 -7.89 -11.77 1.02
N SER A 2 -8.60 -11.21 1.98
CA SER A 2 -8.25 -9.91 2.56
C SER A 2 -8.04 -8.86 1.47
N LYS A 3 -7.43 -7.74 1.84
CA LYS A 3 -7.17 -6.66 0.90
C LYS A 3 -5.79 -6.84 0.25
N ASN A 4 -4.75 -6.57 1.03
CA ASN A 4 -3.38 -6.69 0.54
C ASN A 4 -2.55 -7.58 1.47
N GLU A 5 -1.24 -7.63 1.23
CA GLU A 5 -0.35 -8.45 2.04
C GLU A 5 0.06 -7.72 3.31
N ASP A 6 -0.70 -6.70 3.67
CA ASP A 6 -0.43 -5.88 4.86
C ASP A 6 1.05 -5.53 4.96
N GLU A 7 1.52 -4.75 4.00
CA GLU A 7 2.92 -4.31 3.97
C GLU A 7 3.13 -3.24 2.91
N CYS A 8 3.46 -2.04 3.35
CA CYS A 8 3.69 -0.93 2.44
C CYS A 8 4.86 -1.22 1.52
N ALA A 9 4.58 -1.30 0.22
CA ALA A 9 5.58 -1.61 -0.79
C ALA A 9 6.64 -0.53 -0.96
N VAL A 10 6.68 0.46 -0.07
CA VAL A 10 7.69 1.51 -0.18
C VAL A 10 8.59 1.58 1.05
N CYS A 11 8.09 1.19 2.22
CA CYS A 11 8.92 1.25 3.43
C CYS A 11 8.65 0.06 4.36
N ARG A 12 8.03 -0.99 3.81
CA ARG A 12 7.74 -2.22 4.55
C ARG A 12 7.25 -1.93 5.97
N ASP A 13 6.58 -0.80 6.17
CA ASP A 13 6.07 -0.45 7.49
C ASP A 13 4.55 -0.61 7.54
N GLY A 14 4.00 -0.47 8.75
CA GLY A 14 2.57 -0.62 8.93
C GLY A 14 1.85 0.71 9.09
N GLY A 15 0.52 0.66 9.04
CA GLY A 15 -0.29 1.85 9.17
C GLY A 15 -1.39 1.86 8.13
N GLU A 16 -1.97 3.04 7.87
CA GLU A 16 -3.02 3.12 6.87
C GLU A 16 -2.41 3.01 5.48
N LEU A 17 -2.72 1.91 4.78
CA LEU A 17 -2.18 1.69 3.44
C LEU A 17 -3.29 1.57 2.40
N ILE A 18 -2.94 1.90 1.17
CA ILE A 18 -3.86 1.83 0.04
C ILE A 18 -3.44 0.73 -0.91
N CYS A 19 -4.24 -0.32 -1.00
CA CYS A 19 -3.94 -1.43 -1.87
C CYS A 19 -4.33 -1.14 -3.32
N CYS A 20 -3.47 -1.54 -4.25
CA CYS A 20 -3.73 -1.32 -5.67
C CYS A 20 -4.87 -2.21 -6.14
N ASP A 21 -5.79 -1.62 -6.92
CA ASP A 21 -6.93 -2.35 -7.43
C ASP A 21 -6.49 -3.44 -8.41
N GLY A 22 -5.19 -3.49 -8.69
CA GLY A 22 -4.67 -4.49 -9.62
C GLY A 22 -3.46 -5.21 -9.08
N CYS A 23 -3.08 -4.92 -7.83
CA CYS A 23 -1.92 -5.57 -7.22
C CYS A 23 -2.13 -5.82 -5.73
N PRO A 24 -1.42 -6.82 -5.17
CA PRO A 24 -1.52 -7.19 -3.76
C PRO A 24 -0.69 -6.29 -2.85
N ARG A 25 -0.35 -5.11 -3.36
CA ARG A 25 0.46 -4.17 -2.60
C ARG A 25 -0.39 -3.12 -1.91
N ALA A 26 0.27 -2.32 -1.08
CA ALA A 26 -0.39 -1.24 -0.33
C ALA A 26 0.61 -0.09 -0.14
N PHE A 27 0.12 1.15 -0.08
CA PHE A 27 1.00 2.32 0.08
C PHE A 27 0.54 3.26 1.21
N HIS A 28 1.50 3.92 1.85
CA HIS A 28 1.22 4.85 2.94
C HIS A 28 0.79 6.23 2.43
N LEU A 29 0.03 6.27 1.35
CA LEU A 29 -0.43 7.53 0.79
C LEU A 29 0.75 8.37 0.30
N ALA A 30 1.42 9.02 1.25
CA ALA A 30 2.57 9.85 0.95
C ALA A 30 3.78 8.99 0.57
N CYS A 31 3.70 7.70 0.87
CA CYS A 31 4.79 6.78 0.56
C CYS A 31 4.82 6.51 -0.95
N LEU A 32 3.82 7.05 -1.63
CA LEU A 32 3.69 6.90 -3.07
C LEU A 32 4.53 7.91 -3.81
N SER A 33 4.83 7.63 -5.09
CA SER A 33 5.58 8.61 -5.86
C SER A 33 4.82 9.92 -5.76
N PRO A 34 3.51 9.91 -6.09
CA PRO A 34 2.64 11.05 -5.92
C PRO A 34 1.79 10.80 -4.68
N PRO A 35 1.79 11.72 -3.71
CA PRO A 35 1.07 11.52 -2.47
C PRO A 35 -0.41 11.78 -2.57
N LEU A 36 -1.15 10.87 -2.01
CA LEU A 36 -2.61 10.91 -2.01
C LEU A 36 -3.14 11.99 -1.08
N ARG A 37 -2.86 11.85 0.22
CA ARG A 37 -3.35 12.78 1.23
C ARG A 37 -4.85 12.59 1.41
N GLU A 38 -5.55 12.52 0.28
CA GLU A 38 -6.98 12.29 0.25
C GLU A 38 -7.25 11.13 -0.70
N ILE A 39 -7.40 9.98 -0.10
CA ILE A 39 -7.59 8.73 -0.80
C ILE A 39 -8.54 8.83 -2.01
N PRO A 40 -8.15 8.14 -3.12
CA PRO A 40 -8.92 8.10 -4.38
C PRO A 40 -10.35 7.62 -4.21
N SER A 41 -11.30 8.39 -4.72
CA SER A 41 -12.71 8.04 -4.64
C SER A 41 -13.12 7.16 -5.82
N GLY A 42 -13.09 5.84 -5.60
CA GLY A 42 -13.47 4.91 -6.65
C GLY A 42 -12.40 3.86 -6.90
N THR A 43 -11.72 3.96 -8.03
CA THR A 43 -10.66 3.02 -8.38
C THR A 43 -9.29 3.67 -8.26
N TRP A 44 -8.27 2.86 -8.00
CA TRP A 44 -6.91 3.37 -7.86
C TRP A 44 -5.87 2.35 -8.32
N ARG A 45 -4.78 2.84 -8.89
CA ARG A 45 -3.71 1.99 -9.36
C ARG A 45 -2.39 2.38 -8.69
N CYS A 46 -1.42 1.47 -8.72
CA CYS A 46 -0.12 1.75 -8.12
C CYS A 46 0.82 2.39 -9.13
N SER A 47 1.85 3.07 -8.64
CA SER A 47 2.83 3.74 -9.50
C SER A 47 3.10 2.96 -10.79
N SER A 48 3.38 1.68 -10.66
CA SER A 48 3.64 0.84 -11.83
C SER A 48 2.45 0.84 -12.78
N CYS A 49 1.26 0.60 -12.23
CA CYS A 49 0.04 0.57 -13.00
C CYS A 49 -0.23 1.94 -13.61
N LEU A 50 0.34 2.96 -12.99
CA LEU A 50 0.18 4.33 -13.45
C LEU A 50 0.98 4.57 -14.73
N GLN A 51 2.25 4.21 -14.69
CA GLN A 51 3.12 4.37 -15.84
C GLN A 51 2.50 3.71 -17.06
N ALA A 52 1.81 2.58 -16.82
CA ALA A 52 1.15 1.85 -17.89
C ALA A 52 -0.15 2.55 -18.29
N THR A 53 -0.91 3.00 -17.28
CA THR A 53 -2.17 3.69 -17.51
C THR A 53 -2.60 4.48 -16.28
N VAL A 54 -2.98 5.74 -16.48
CA VAL A 54 -3.40 6.60 -15.39
C VAL A 54 -4.68 6.09 -14.74
N GLN A 55 -4.81 6.30 -13.43
CA GLN A 55 -5.99 5.86 -12.70
C GLN A 55 -6.89 7.05 -12.35
N GLU A 56 -8.04 6.76 -11.75
CA GLU A 56 -8.99 7.80 -11.38
C GLU A 56 -10.05 7.25 -10.42
N ALA B 1 -10.40 3.17 -3.95
CA ALA B 1 -8.95 3.09 -3.68
C ALA B 1 -8.59 1.87 -2.84
N ARG B 2 -9.49 1.50 -1.93
CA ARG B 2 -9.29 0.34 -1.06
C ARG B 2 -8.09 0.55 -0.14
N THR B 3 -8.28 1.35 0.91
CA THR B 3 -7.22 1.61 1.88
C THR B 3 -7.69 1.24 3.30
N LYS B 4 -7.01 0.28 3.92
CA LYS B 4 -7.37 -0.15 5.26
C LYS B 4 -6.28 0.21 6.27
N GLN B 5 -6.67 0.31 7.53
CA GLN B 5 -5.72 0.65 8.60
C GLN B 5 -4.89 -0.57 9.00
N THR B 6 -3.91 -0.89 8.18
CA THR B 6 -3.03 -2.03 8.42
C THR B 6 -2.32 -1.90 9.77
N ALA B 7 -2.63 -2.82 10.68
CA ALA B 7 -2.03 -2.81 12.01
C ALA B 7 -0.98 -3.90 12.15
N ARG B 8 0.18 -3.68 11.52
CA ARG B 8 1.27 -4.65 11.57
C ARG B 8 2.50 -4.04 12.23
N LYS B 9 3.10 -4.80 13.15
CA LYS B 9 4.29 -4.34 13.86
C LYS B 9 5.48 -5.27 13.60
N SER B 10 6.52 -5.14 14.42
CA SER B 10 7.71 -5.97 14.27
C SER B 10 7.36 -7.44 14.37
N THR B 11 8.03 -8.25 13.56
CA THR B 11 7.81 -9.70 13.55
C THR B 11 9.12 -10.47 13.49
N GLY B 12 9.14 -11.64 14.11
CA GLY B 12 10.34 -12.46 14.12
C GLY B 12 10.39 -13.40 15.30
N GLY B 13 11.59 -13.90 15.60
CA GLY B 13 11.75 -14.82 16.71
C GLY B 13 11.10 -16.17 16.46
N LYS B 14 11.37 -16.74 15.28
CA LYS B 14 10.80 -18.03 14.91
C LYS B 14 11.90 -18.99 14.46
N ALA B 15 12.56 -19.62 15.43
CA ALA B 15 13.63 -20.56 15.14
C ALA B 15 13.95 -21.42 16.36
N PRO B 16 13.00 -22.29 16.78
CA PRO B 16 13.19 -23.17 17.94
C PRO B 16 14.33 -24.17 17.74
N ARG B 17 14.16 -25.05 16.76
CA ARG B 17 15.18 -26.06 16.47
C ARG B 17 15.66 -25.95 15.03
N LYS B 18 14.81 -25.40 14.16
CA LYS B 18 15.15 -25.25 12.76
C LYS B 18 15.34 -23.77 12.41
N GLN B 19 16.47 -23.47 11.76
CA GLN B 19 16.78 -22.09 11.36
C GLN B 19 16.02 -21.72 10.08
N LEU B 20 15.62 -20.46 10.00
CA LEU B 20 14.89 -19.96 8.83
C LEU B 20 15.72 -20.11 7.56
N CYS B 21 17.01 -20.41 7.72
CA CYS B 21 17.90 -20.58 6.58
C CYS B 21 17.95 -19.31 5.73
ZN ZN C . 5.37 3.29 3.88
ZN ZN D . -0.81 -2.01 -9.49
N GLY A 1 -12.10 -9.97 2.57
CA GLY A 1 -10.83 -9.39 3.09
C GLY A 1 -9.76 -9.26 2.02
N SER A 2 -10.14 -8.71 0.87
CA SER A 2 -9.21 -8.53 -0.23
C SER A 2 -8.55 -7.15 -0.18
N LYS A 3 -7.75 -6.93 0.85
CA LYS A 3 -7.06 -5.66 1.03
C LYS A 3 -5.59 -5.77 0.63
N ASN A 4 -5.30 -6.67 -0.31
CA ASN A 4 -3.93 -6.87 -0.78
C ASN A 4 -3.02 -7.27 0.39
N GLU A 5 -1.72 -7.35 0.13
CA GLU A 5 -0.76 -7.72 1.16
C GLU A 5 -0.59 -6.57 2.15
N ASP A 6 -1.06 -6.77 3.38
CA ASP A 6 -0.95 -5.75 4.42
C ASP A 6 0.50 -5.41 4.71
N GLU A 7 1.08 -4.56 3.87
CA GLU A 7 2.46 -4.13 4.02
C GLU A 7 2.80 -3.08 2.98
N CYS A 8 3.31 -1.95 3.43
CA CYS A 8 3.67 -0.85 2.55
C CYS A 8 4.82 -1.23 1.61
N ALA A 9 4.50 -1.31 0.32
CA ALA A 9 5.46 -1.70 -0.70
C ALA A 9 6.56 -0.66 -0.93
N VAL A 10 6.66 0.35 -0.05
CA VAL A 10 7.69 1.37 -0.21
C VAL A 10 8.65 1.42 0.97
N CYS A 11 8.18 1.06 2.17
CA CYS A 11 9.04 1.10 3.35
C CYS A 11 8.73 -0.03 4.33
N ARG A 12 8.25 -1.15 3.79
CA ARG A 12 7.91 -2.34 4.59
C ARG A 12 7.55 -1.99 6.03
N ASP A 13 6.46 -1.24 6.21
CA ASP A 13 6.02 -0.84 7.53
C ASP A 13 4.49 -0.88 7.61
N GLY A 14 3.97 -0.89 8.84
CA GLY A 14 2.53 -0.94 9.03
C GLY A 14 1.90 0.43 9.20
N GLY A 15 0.58 0.44 9.29
CA GLY A 15 -0.15 1.69 9.43
C GLY A 15 -1.26 1.78 8.39
N GLU A 16 -1.79 2.97 8.16
CA GLU A 16 -2.84 3.13 7.17
C GLU A 16 -2.24 3.04 5.77
N LEU A 17 -2.59 2.00 5.04
CA LEU A 17 -2.08 1.80 3.69
C LEU A 17 -3.23 1.73 2.69
N ILE A 18 -2.93 2.09 1.45
CA ILE A 18 -3.92 2.07 0.38
C ILE A 18 -3.63 0.93 -0.59
N CYS A 19 -4.55 -0.02 -0.65
CA CYS A 19 -4.40 -1.18 -1.51
C CYS A 19 -4.50 -0.80 -2.99
N CYS A 20 -3.65 -1.44 -3.79
CA CYS A 20 -3.62 -1.20 -5.23
C CYS A 20 -4.68 -2.05 -5.93
N ASP A 21 -5.13 -1.59 -7.09
CA ASP A 21 -6.15 -2.30 -7.87
C ASP A 21 -5.52 -3.16 -8.95
N GLY A 22 -4.26 -2.86 -9.28
CA GLY A 22 -3.56 -3.61 -10.30
C GLY A 22 -2.71 -4.72 -9.73
N CYS A 23 -2.38 -4.63 -8.44
CA CYS A 23 -1.56 -5.65 -7.80
C CYS A 23 -1.80 -5.69 -6.28
N PRO A 24 -1.44 -6.82 -5.64
CA PRO A 24 -1.61 -7.02 -4.19
C PRO A 24 -0.63 -6.20 -3.33
N ARG A 25 -0.75 -4.88 -3.37
CA ARG A 25 0.13 -4.01 -2.59
C ARG A 25 -0.65 -2.93 -1.85
N ALA A 26 0.07 -2.18 -1.01
CA ALA A 26 -0.52 -1.10 -0.22
C ALA A 26 0.51 0.02 -0.01
N PHE A 27 0.07 1.28 0.07
CA PHE A 27 1.01 2.40 0.24
C PHE A 27 0.60 3.33 1.39
N HIS A 28 1.62 3.93 2.01
CA HIS A 28 1.42 4.85 3.13
C HIS A 28 0.99 6.24 2.66
N LEU A 29 0.21 6.31 1.59
CA LEU A 29 -0.24 7.60 1.06
C LEU A 29 0.94 8.43 0.56
N ALA A 30 1.64 9.04 1.51
CA ALA A 30 2.79 9.86 1.19
C ALA A 30 3.96 9.00 0.74
N CYS A 31 3.90 7.70 1.02
CA CYS A 31 4.95 6.78 0.63
C CYS A 31 4.90 6.55 -0.87
N LEU A 32 3.90 7.15 -1.51
CA LEU A 32 3.71 7.05 -2.94
C LEU A 32 4.53 8.10 -3.67
N SER A 33 4.82 7.88 -4.96
CA SER A 33 5.54 8.89 -5.72
C SER A 33 4.77 10.20 -5.55
N PRO A 34 3.46 10.21 -5.85
CA PRO A 34 2.60 11.33 -5.62
C PRO A 34 1.76 11.05 -4.38
N PRO A 35 1.80 11.92 -3.38
CA PRO A 35 1.09 11.68 -2.13
C PRO A 35 -0.39 11.97 -2.21
N LEU A 36 -1.15 11.08 -1.59
CA LEU A 36 -2.60 11.15 -1.55
C LEU A 36 -3.09 12.14 -0.50
N ARG A 37 -3.09 13.41 -0.84
CA ARG A 37 -3.59 14.44 0.07
C ARG A 37 -4.94 14.00 0.60
N GLU A 38 -5.57 13.15 -0.18
CA GLU A 38 -6.87 12.58 0.15
C GLU A 38 -7.09 11.32 -0.67
N ILE A 39 -7.32 10.22 0.02
CA ILE A 39 -7.51 8.92 -0.60
C ILE A 39 -8.39 8.93 -1.85
N PRO A 40 -7.93 8.21 -2.89
CA PRO A 40 -8.61 8.08 -4.19
C PRO A 40 -10.02 7.47 -4.07
N SER A 41 -10.89 7.81 -5.01
CA SER A 41 -12.26 7.31 -5.00
C SER A 41 -12.42 6.14 -5.97
N GLY A 42 -13.33 5.23 -5.65
CA GLY A 42 -13.55 4.07 -6.50
C GLY A 42 -12.35 3.15 -6.53
N THR A 43 -11.64 3.14 -7.67
CA THR A 43 -10.47 2.31 -7.82
C THR A 43 -9.19 3.13 -7.73
N TRP A 44 -8.04 2.46 -7.73
CA TRP A 44 -6.76 3.13 -7.64
C TRP A 44 -5.61 2.14 -7.76
N ARG A 45 -4.67 2.44 -8.65
CA ARG A 45 -3.50 1.59 -8.84
C ARG A 45 -2.27 2.24 -8.26
N CYS A 46 -1.15 1.55 -8.38
CA CYS A 46 0.12 2.06 -7.89
C CYS A 46 0.96 2.54 -9.07
N SER A 47 1.89 3.45 -8.81
CA SER A 47 2.74 4.04 -9.85
C SER A 47 2.99 3.11 -11.04
N SER A 48 3.45 1.89 -10.79
CA SER A 48 3.71 0.94 -11.87
C SER A 48 2.44 0.60 -12.65
N CYS A 49 1.45 0.08 -11.93
CA CYS A 49 0.17 -0.28 -12.53
C CYS A 49 -0.46 0.92 -13.23
N LEU A 50 -0.04 2.11 -12.79
CA LEU A 50 -0.54 3.35 -13.37
C LEU A 50 -0.09 3.47 -14.81
N GLN A 51 1.22 3.31 -15.02
CA GLN A 51 1.78 3.39 -16.36
C GLN A 51 1.07 2.40 -17.28
N ALA A 52 0.68 1.26 -16.71
CA ALA A 52 -0.02 0.23 -17.48
C ALA A 52 -1.46 0.66 -17.75
N THR A 53 -2.11 1.21 -16.72
CA THR A 53 -3.49 1.67 -16.83
C THR A 53 -3.72 2.87 -15.93
N VAL A 54 -4.44 3.87 -16.44
CA VAL A 54 -4.72 5.08 -15.67
C VAL A 54 -6.22 5.29 -15.50
N GLN A 55 -6.62 5.77 -14.32
CA GLN A 55 -8.02 6.02 -14.03
C GLN A 55 -8.18 7.05 -12.91
N GLU A 56 -8.05 6.60 -11.67
CA GLU A 56 -8.18 7.48 -10.51
C GLU A 56 -9.54 8.15 -10.48
N ALA B 1 -10.35 3.28 -3.38
CA ALA B 1 -8.90 3.16 -3.08
C ALA B 1 -8.62 2.08 -2.05
N ARG B 2 -9.61 1.82 -1.19
CA ARG B 2 -9.50 0.80 -0.15
C ARG B 2 -8.22 0.99 0.67
N THR B 3 -8.32 1.78 1.74
CA THR B 3 -7.17 2.04 2.59
C THR B 3 -7.51 1.76 4.06
N LYS B 4 -6.85 0.76 4.63
CA LYS B 4 -7.09 0.37 6.02
C LYS B 4 -5.78 0.33 6.81
N GLN B 5 -5.89 0.54 8.12
CA GLN B 5 -4.72 0.52 9.00
C GLN B 5 -4.36 -0.90 9.42
N THR B 6 -3.08 -1.24 9.25
CA THR B 6 -2.59 -2.57 9.60
C THR B 6 -1.59 -2.49 10.76
N ALA B 7 -1.30 -3.65 11.36
CA ALA B 7 -0.36 -3.70 12.47
C ALA B 7 1.06 -3.95 11.98
N ARG B 8 1.37 -5.21 11.67
CA ARG B 8 2.69 -5.58 11.19
C ARG B 8 3.78 -5.18 12.19
N LYS B 9 4.26 -6.16 12.96
CA LYS B 9 5.30 -5.90 13.94
C LYS B 9 6.69 -5.97 13.30
N SER B 10 6.73 -6.46 12.06
CA SER B 10 7.98 -6.58 11.31
C SER B 10 8.93 -7.57 11.99
N THR B 11 9.92 -8.05 11.23
CA THR B 11 10.89 -8.99 11.75
C THR B 11 12.01 -9.24 10.73
N GLY B 12 13.05 -9.93 11.17
CA GLY B 12 14.17 -10.24 10.30
C GLY B 12 15.48 -10.38 11.05
N GLY B 13 16.44 -11.05 10.43
CA GLY B 13 17.74 -11.24 11.06
C GLY B 13 18.89 -10.74 10.21
N LYS B 14 19.21 -11.47 9.16
CA LYS B 14 20.30 -11.10 8.26
C LYS B 14 20.01 -11.55 6.83
N ALA B 15 20.41 -10.74 5.86
CA ALA B 15 20.19 -11.05 4.46
C ALA B 15 18.70 -11.26 4.17
N PRO B 16 17.91 -10.18 4.11
CA PRO B 16 16.47 -10.26 3.85
C PRO B 16 16.15 -10.75 2.45
N ARG B 17 16.55 -9.97 1.45
CA ARG B 17 16.30 -10.32 0.05
C ARG B 17 17.58 -10.16 -0.78
N LYS B 18 17.64 -10.90 -1.89
CA LYS B 18 18.79 -10.85 -2.78
C LYS B 18 18.62 -9.76 -3.82
N GLN B 19 18.08 -8.62 -3.40
CA GLN B 19 17.87 -7.49 -4.30
C GLN B 19 18.59 -6.25 -3.80
N LEU B 20 18.85 -6.20 -2.50
CA LEU B 20 19.53 -5.06 -1.88
C LEU B 20 18.73 -3.78 -2.06
N CYS B 21 18.95 -3.10 -3.19
CA CYS B 21 18.26 -1.85 -3.49
C CYS B 21 18.45 -0.84 -2.36
ZN ZN C . 5.62 3.27 3.93
ZN ZN D . -0.06 -1.99 -8.40
N GLY A 1 -9.15 -14.66 -2.03
CA GLY A 1 -9.45 -13.20 -2.03
C GLY A 1 -9.87 -12.69 -0.66
N SER A 2 -8.88 -12.33 0.15
CA SER A 2 -9.15 -11.83 1.50
C SER A 2 -8.23 -10.65 1.82
N LYS A 3 -8.48 -9.52 1.16
CA LYS A 3 -7.68 -8.31 1.36
C LYS A 3 -6.25 -8.52 0.88
N ASN A 4 -5.64 -7.45 0.37
CA ASN A 4 -4.27 -7.52 -0.13
C ASN A 4 -3.28 -7.80 1.00
N GLU A 5 -1.99 -7.71 0.69
CA GLU A 5 -0.95 -7.95 1.69
C GLU A 5 -0.77 -6.73 2.58
N ASP A 6 -0.99 -6.92 3.87
CA ASP A 6 -0.84 -5.83 4.83
C ASP A 6 0.63 -5.44 4.99
N GLU A 7 1.12 -4.62 4.07
CA GLU A 7 2.50 -4.16 4.09
C GLU A 7 2.74 -3.09 3.04
N CYS A 8 3.48 -2.05 3.43
CA CYS A 8 3.78 -0.95 2.53
C CYS A 8 4.99 -1.27 1.65
N ALA A 9 4.74 -1.42 0.35
CA ALA A 9 5.78 -1.78 -0.62
C ALA A 9 6.85 -0.69 -0.79
N VAL A 10 6.78 0.39 -0.02
CA VAL A 10 7.78 1.46 -0.17
C VAL A 10 8.72 1.56 1.04
N CYS A 11 8.24 1.18 2.23
CA CYS A 11 9.10 1.27 3.42
C CYS A 11 8.89 0.11 4.37
N ARG A 12 8.24 -0.94 3.88
CA ARG A 12 7.98 -2.14 4.67
C ARG A 12 7.57 -1.80 6.11
N ASP A 13 6.47 -1.09 6.26
CA ASP A 13 5.98 -0.71 7.57
C ASP A 13 4.46 -0.90 7.66
N GLY A 14 3.90 -0.63 8.83
CA GLY A 14 2.47 -0.79 9.03
C GLY A 14 1.75 0.53 9.22
N GLY A 15 0.41 0.46 9.28
CA GLY A 15 -0.40 1.65 9.44
C GLY A 15 -1.48 1.71 8.39
N GLU A 16 -1.87 2.92 7.99
CA GLU A 16 -2.90 3.07 6.97
C GLU A 16 -2.26 2.95 5.59
N LEU A 17 -2.60 1.89 4.86
CA LEU A 17 -2.05 1.69 3.52
C LEU A 17 -3.15 1.54 2.48
N ILE A 18 -2.85 1.97 1.26
CA ILE A 18 -3.77 1.89 0.14
C ILE A 18 -3.30 0.82 -0.84
N CYS A 19 -4.11 -0.19 -1.06
CA CYS A 19 -3.74 -1.28 -1.95
C CYS A 19 -4.12 -1.00 -3.41
N CYS A 20 -3.28 -1.47 -4.33
CA CYS A 20 -3.53 -1.28 -5.77
C CYS A 20 -4.68 -2.17 -6.24
N ASP A 21 -5.51 -1.60 -7.10
CA ASP A 21 -6.67 -2.32 -7.64
C ASP A 21 -6.22 -3.50 -8.51
N GLY A 22 -4.93 -3.55 -8.81
CA GLY A 22 -4.40 -4.62 -9.63
C GLY A 22 -3.23 -5.36 -9.00
N CYS A 23 -2.65 -4.80 -7.94
CA CYS A 23 -1.52 -5.44 -7.27
C CYS A 23 -1.80 -5.70 -5.79
N PRO A 24 -1.12 -6.70 -5.22
CA PRO A 24 -1.27 -7.08 -3.80
C PRO A 24 -0.50 -6.16 -2.88
N ARG A 25 -0.12 -5.00 -3.38
CA ARG A 25 0.65 -4.04 -2.60
C ARG A 25 -0.24 -3.03 -1.91
N ALA A 26 0.38 -2.25 -1.03
CA ALA A 26 -0.29 -1.21 -0.27
C ALA A 26 0.68 -0.04 -0.06
N PHE A 27 0.17 1.19 0.02
CA PHE A 27 1.05 2.36 0.18
C PHE A 27 0.62 3.30 1.30
N HIS A 28 1.60 3.92 1.95
CA HIS A 28 1.35 4.86 3.05
C HIS A 28 0.92 6.23 2.56
N LEU A 29 0.18 6.28 1.47
CA LEU A 29 -0.28 7.55 0.92
C LEU A 29 0.89 8.38 0.44
N ALA A 30 1.55 9.02 1.40
CA ALA A 30 2.72 9.85 1.10
C ALA A 30 3.91 8.99 0.70
N CYS A 31 3.81 7.69 0.97
CA CYS A 31 4.89 6.77 0.60
C CYS A 31 4.87 6.53 -0.90
N LEU A 32 3.91 7.17 -1.55
CA LEU A 32 3.75 7.05 -3.00
C LEU A 32 4.53 8.13 -3.72
N SER A 33 4.77 7.94 -5.03
CA SER A 33 5.47 8.97 -5.79
C SER A 33 4.66 10.26 -5.63
N PRO A 34 3.36 10.24 -5.97
CA PRO A 34 2.48 11.36 -5.78
C PRO A 34 1.55 11.09 -4.60
N PRO A 35 1.89 11.65 -3.44
CA PRO A 35 1.15 11.45 -2.21
C PRO A 35 -0.34 11.68 -2.33
N LEU A 36 -1.07 10.85 -1.62
CA LEU A 36 -2.52 10.92 -1.60
C LEU A 36 -3.01 11.85 -0.50
N ARG A 37 -2.96 13.15 -0.80
CA ARG A 37 -3.43 14.16 0.15
C ARG A 37 -4.80 13.75 0.67
N GLU A 38 -5.49 12.96 -0.15
CA GLU A 38 -6.81 12.46 0.16
C GLU A 38 -7.09 11.22 -0.67
N ILE A 39 -7.19 10.09 0.01
CA ILE A 39 -7.42 8.79 -0.63
C ILE A 39 -8.39 8.88 -1.81
N PRO A 40 -8.00 8.22 -2.93
CA PRO A 40 -8.79 8.17 -4.18
C PRO A 40 -10.23 7.71 -3.98
N SER A 41 -11.05 7.93 -5.00
CA SER A 41 -12.46 7.53 -4.95
C SER A 41 -12.76 6.44 -5.98
N GLY A 42 -13.33 5.34 -5.51
CA GLY A 42 -13.66 4.24 -6.40
C GLY A 42 -12.50 3.29 -6.61
N THR A 43 -11.66 3.58 -7.59
CA THR A 43 -10.50 2.75 -7.89
C THR A 43 -9.20 3.51 -7.63
N TRP A 44 -8.07 2.83 -7.85
CA TRP A 44 -6.76 3.44 -7.65
C TRP A 44 -5.65 2.49 -8.04
N ARG A 45 -4.84 2.89 -9.02
CA ARG A 45 -3.72 2.08 -9.46
C ARG A 45 -2.47 2.47 -8.69
N CYS A 46 -1.38 1.76 -8.98
CA CYS A 46 -0.11 2.02 -8.32
C CYS A 46 0.84 2.64 -9.33
N SER A 47 1.86 3.37 -8.86
CA SER A 47 2.81 4.02 -9.75
C SER A 47 3.14 3.16 -10.97
N SER A 48 3.23 1.84 -10.75
CA SER A 48 3.54 0.92 -11.84
C SER A 48 2.39 0.83 -12.84
N CYS A 49 1.19 0.55 -12.35
CA CYS A 49 0.01 0.45 -13.19
C CYS A 49 -0.36 1.81 -13.76
N LEU A 50 0.24 2.84 -13.19
CA LEU A 50 -0.01 4.21 -13.61
C LEU A 50 0.85 4.58 -14.81
N GLN A 51 2.13 4.29 -14.71
CA GLN A 51 3.07 4.59 -15.79
C GLN A 51 2.77 3.71 -17.00
N ALA A 52 2.14 2.56 -16.75
CA ALA A 52 1.78 1.64 -17.81
C ALA A 52 0.57 2.14 -18.58
N THR A 53 -0.35 2.77 -17.85
CA THR A 53 -1.57 3.31 -18.45
C THR A 53 -1.97 4.62 -17.76
N VAL A 54 -3.13 4.64 -17.11
CA VAL A 54 -3.60 5.83 -16.41
C VAL A 54 -4.92 5.59 -15.68
N GLN A 55 -5.07 6.22 -14.52
CA GLN A 55 -6.29 6.10 -13.72
C GLN A 55 -6.29 7.10 -12.57
N GLU A 56 -5.80 6.67 -11.41
CA GLU A 56 -5.73 7.53 -10.23
C GLU A 56 -7.12 8.03 -9.85
N ALA B 1 -10.58 4.10 -4.14
CA ALA B 1 -9.37 3.52 -3.48
C ALA B 1 -9.76 2.37 -2.55
N ARG B 2 -8.76 1.62 -2.11
CA ARG B 2 -8.98 0.50 -1.20
C ARG B 2 -7.90 0.45 -0.14
N THR B 3 -7.93 1.43 0.77
CA THR B 3 -6.94 1.51 1.83
C THR B 3 -7.47 0.90 3.13
N LYS B 4 -6.69 -0.03 3.69
CA LYS B 4 -7.06 -0.70 4.93
C LYS B 4 -6.25 -0.14 6.10
N GLN B 5 -6.46 -0.72 7.28
CA GLN B 5 -5.74 -0.28 8.48
C GLN B 5 -5.00 -1.44 9.13
N THR B 6 -3.71 -1.58 8.82
CA THR B 6 -2.89 -2.65 9.37
C THR B 6 -2.05 -2.16 10.54
N ALA B 7 -1.58 -3.10 11.36
CA ALA B 7 -0.76 -2.76 12.51
C ALA B 7 0.49 -3.64 12.56
N ARG B 8 1.45 -3.33 11.71
CA ARG B 8 2.71 -4.08 11.65
C ARG B 8 3.67 -3.62 12.73
N LYS B 9 4.63 -4.48 13.05
CA LYS B 9 5.64 -4.17 14.07
C LYS B 9 6.71 -5.24 14.13
N SER B 10 7.97 -4.83 14.02
CA SER B 10 9.09 -5.76 14.06
C SER B 10 9.22 -6.40 15.44
N THR B 11 9.11 -7.73 15.49
CA THR B 11 9.21 -8.47 16.73
C THR B 11 10.38 -9.45 16.70
N GLY B 12 10.69 -9.95 15.51
CA GLY B 12 11.78 -10.89 15.36
C GLY B 12 11.58 -11.83 14.19
N GLY B 13 10.85 -11.37 13.19
CA GLY B 13 10.59 -12.19 12.00
C GLY B 13 11.86 -12.44 11.20
N LYS B 14 12.11 -11.58 10.23
CA LYS B 14 13.29 -11.70 9.38
C LYS B 14 14.42 -10.81 9.90
N ALA B 15 14.15 -10.04 10.94
CA ALA B 15 15.14 -9.16 11.54
C ALA B 15 16.16 -9.96 12.36
N PRO B 16 17.42 -9.49 12.41
CA PRO B 16 18.48 -10.17 13.16
C PRO B 16 18.34 -9.97 14.67
N ARG B 17 18.20 -8.72 15.09
CA ARG B 17 18.07 -8.40 16.50
C ARG B 17 16.90 -7.45 16.74
N LYS B 18 16.24 -7.60 17.88
CA LYS B 18 15.10 -6.76 18.24
C LYS B 18 15.55 -5.31 18.44
N GLN B 19 14.94 -4.40 17.68
CA GLN B 19 15.29 -2.98 17.75
C GLN B 19 14.81 -2.38 19.07
N LEU B 20 15.76 -2.02 19.92
CA LEU B 20 15.43 -1.42 21.23
C LEU B 20 14.83 -0.03 21.05
N CYS B 21 14.27 0.51 22.13
CA CYS B 21 13.65 1.82 22.09
C CYS B 21 14.66 2.91 22.47
ZN ZN C . 5.52 3.27 3.92
ZN ZN D . -0.57 -1.97 -9.58
N GLY A 1 -6.84 -12.90 1.64
CA GLY A 1 -8.25 -12.78 2.11
C GLY A 1 -8.85 -11.41 1.84
N SER A 2 -8.66 -10.49 2.79
CA SER A 2 -9.18 -9.14 2.65
C SER A 2 -8.08 -8.17 2.24
N LYS A 3 -8.43 -7.23 1.37
CA LYS A 3 -7.46 -6.23 0.88
C LYS A 3 -6.25 -6.90 0.24
N ASN A 4 -5.21 -6.12 -0.01
CA ASN A 4 -3.98 -6.63 -0.62
C ASN A 4 -3.01 -7.11 0.44
N GLU A 5 -1.77 -7.36 0.03
CA GLU A 5 -0.74 -7.82 0.96
C GLU A 5 -0.49 -6.76 2.03
N ASP A 6 -0.97 -7.01 3.24
CA ASP A 6 -0.79 -6.07 4.34
C ASP A 6 0.68 -5.75 4.56
N GLU A 7 1.15 -4.72 3.86
CA GLU A 7 2.55 -4.28 3.95
C GLU A 7 2.82 -3.16 2.96
N CYS A 8 3.38 -2.05 3.44
CA CYS A 8 3.68 -0.93 2.57
C CYS A 8 4.83 -1.24 1.62
N ALA A 9 4.51 -1.33 0.33
CA ALA A 9 5.48 -1.67 -0.70
C ALA A 9 6.55 -0.59 -0.92
N VAL A 10 6.64 0.40 -0.04
CA VAL A 10 7.64 1.44 -0.21
C VAL A 10 8.61 1.52 0.99
N CYS A 11 8.14 1.16 2.19
CA CYS A 11 9.01 1.22 3.36
C CYS A 11 8.77 0.03 4.30
N ARG A 12 8.13 -1.00 3.75
CA ARG A 12 7.84 -2.24 4.49
C ARG A 12 7.42 -1.98 5.94
N ASP A 13 6.69 -0.90 6.17
CA ASP A 13 6.23 -0.59 7.52
C ASP A 13 4.71 -0.76 7.63
N GLY A 14 4.19 -0.52 8.82
CA GLY A 14 2.77 -0.66 9.05
C GLY A 14 2.07 0.66 9.25
N GLY A 15 0.74 0.62 9.27
CA GLY A 15 -0.07 1.82 9.42
C GLY A 15 -1.20 1.84 8.44
N GLU A 16 -1.74 3.00 8.12
CA GLU A 16 -2.83 3.08 7.15
C GLU A 16 -2.26 2.99 5.74
N LEU A 17 -2.57 1.90 5.05
CA LEU A 17 -2.08 1.72 3.69
C LEU A 17 -3.24 1.59 2.72
N ILE A 18 -2.96 1.92 1.46
CA ILE A 18 -3.96 1.85 0.40
C ILE A 18 -3.65 0.71 -0.57
N CYS A 19 -4.58 -0.22 -0.70
CA CYS A 19 -4.40 -1.37 -1.58
C CYS A 19 -4.57 -0.98 -3.05
N CYS A 20 -3.73 -1.55 -3.90
CA CYS A 20 -3.78 -1.31 -5.34
C CYS A 20 -4.71 -2.29 -6.03
N ASP A 21 -5.79 -1.79 -6.62
CA ASP A 21 -6.76 -2.62 -7.32
C ASP A 21 -6.06 -3.50 -8.35
N GLY A 22 -4.86 -3.10 -8.75
CA GLY A 22 -4.11 -3.86 -9.73
C GLY A 22 -3.29 -4.98 -9.10
N CYS A 23 -2.17 -4.60 -8.49
CA CYS A 23 -1.30 -5.57 -7.83
C CYS A 23 -1.58 -5.63 -6.33
N PRO A 24 -1.31 -6.79 -5.71
CA PRO A 24 -1.53 -7.02 -4.26
C PRO A 24 -0.56 -6.24 -3.37
N ARG A 25 -0.63 -4.91 -3.41
CA ARG A 25 0.25 -4.09 -2.60
C ARG A 25 -0.51 -2.99 -1.87
N ALA A 26 0.16 -2.36 -0.91
CA ALA A 26 -0.43 -1.28 -0.11
C ALA A 26 0.58 -0.13 0.04
N PHE A 27 0.10 1.11 0.11
CA PHE A 27 0.98 2.27 0.23
C PHE A 27 0.57 3.22 1.35
N HIS A 28 1.55 3.88 1.98
CA HIS A 28 1.30 4.82 3.08
C HIS A 28 0.86 6.18 2.57
N LEU A 29 0.10 6.21 1.48
CA LEU A 29 -0.37 7.47 0.91
C LEU A 29 0.80 8.32 0.44
N ALA A 30 1.46 8.98 1.39
CA ALA A 30 2.61 9.81 1.11
C ALA A 30 3.82 8.97 0.72
N CYS A 31 3.72 7.67 0.96
CA CYS A 31 4.81 6.75 0.61
C CYS A 31 4.80 6.50 -0.90
N LEU A 32 3.83 7.12 -1.56
CA LEU A 32 3.67 6.99 -3.00
C LEU A 32 4.47 8.05 -3.73
N SER A 33 4.77 7.84 -5.01
CA SER A 33 5.48 8.85 -5.77
C SER A 33 4.70 10.15 -5.63
N PRO A 34 3.40 10.16 -6.01
CA PRO A 34 2.54 11.30 -5.81
C PRO A 34 1.61 11.00 -4.62
N PRO A 35 1.78 11.73 -3.54
CA PRO A 35 1.03 11.52 -2.31
C PRO A 35 -0.45 11.77 -2.44
N LEU A 36 -1.18 10.90 -1.77
CA LEU A 36 -2.62 10.96 -1.75
C LEU A 36 -3.13 11.92 -0.67
N ARG A 37 -3.11 13.21 -0.97
CA ARG A 37 -3.60 14.22 -0.05
C ARG A 37 -4.95 13.79 0.49
N GLU A 38 -5.61 12.96 -0.31
CA GLU A 38 -6.92 12.42 0.02
C GLU A 38 -7.16 11.18 -0.83
N ILE A 39 -7.29 10.05 -0.15
CA ILE A 39 -7.49 8.77 -0.80
C ILE A 39 -8.38 8.84 -2.03
N PRO A 40 -7.92 8.18 -3.12
CA PRO A 40 -8.63 8.13 -4.41
C PRO A 40 -10.14 7.92 -4.27
N SER A 41 -10.88 8.30 -5.30
CA SER A 41 -12.33 8.16 -5.30
C SER A 41 -12.76 6.86 -5.95
N GLY A 42 -12.80 5.78 -5.17
CA GLY A 42 -13.19 4.49 -5.69
C GLY A 42 -12.01 3.62 -6.06
N THR A 43 -11.74 3.50 -7.35
CA THR A 43 -10.63 2.68 -7.84
C THR A 43 -9.29 3.38 -7.67
N TRP A 44 -8.21 2.62 -7.80
CA TRP A 44 -6.86 3.15 -7.67
C TRP A 44 -5.82 2.06 -7.90
N ARG A 45 -4.86 2.34 -8.76
CA ARG A 45 -3.80 1.39 -9.05
C ARG A 45 -2.57 1.67 -8.20
N CYS A 46 -1.50 2.15 -8.82
CA CYS A 46 -0.25 2.47 -8.14
C CYS A 46 0.78 2.85 -9.18
N SER A 47 1.71 3.74 -8.82
CA SER A 47 2.73 4.21 -9.74
C SER A 47 3.12 3.19 -10.82
N SER A 48 3.32 1.94 -10.44
CA SER A 48 3.70 0.90 -11.40
C SER A 48 2.55 0.54 -12.36
N CYS A 49 1.44 0.06 -11.80
CA CYS A 49 0.29 -0.32 -12.62
C CYS A 49 -0.24 0.91 -13.34
N LEU A 50 0.21 2.06 -12.90
CA LEU A 50 -0.19 3.34 -13.47
C LEU A 50 0.54 3.64 -14.76
N GLN A 51 1.87 3.62 -14.70
CA GLN A 51 2.68 3.87 -15.88
C GLN A 51 2.32 2.89 -16.99
N ALA A 52 1.88 1.71 -16.57
CA ALA A 52 1.48 0.66 -17.52
C ALA A 52 0.06 0.93 -18.03
N THR A 53 -0.76 1.50 -17.16
CA THR A 53 -2.15 1.82 -17.50
C THR A 53 -2.79 2.69 -16.42
N VAL A 54 -3.03 3.95 -16.75
CA VAL A 54 -3.62 4.89 -15.82
C VAL A 54 -5.04 4.46 -15.42
N GLN A 55 -5.43 4.78 -14.18
CA GLN A 55 -6.75 4.43 -13.67
C GLN A 55 -7.57 5.67 -13.37
N GLU A 56 -7.42 6.20 -12.16
CA GLU A 56 -8.15 7.39 -11.74
C GLU A 56 -9.67 7.17 -11.85
N ALA B 1 -10.36 4.52 -2.77
CA ALA B 1 -9.53 3.28 -2.76
C ALA B 1 -9.58 2.60 -1.39
N ARG B 2 -9.38 1.28 -1.40
CA ARG B 2 -9.40 0.48 -0.18
C ARG B 2 -8.16 0.72 0.68
N THR B 3 -8.28 1.61 1.65
CA THR B 3 -7.16 1.91 2.54
C THR B 3 -7.53 1.62 3.99
N LYS B 4 -6.92 0.58 4.56
CA LYS B 4 -7.21 0.19 5.94
C LYS B 4 -6.03 0.48 6.85
N GLN B 5 -6.30 0.59 8.15
CA GLN B 5 -5.26 0.86 9.13
C GLN B 5 -4.66 -0.44 9.66
N THR B 6 -3.57 -0.86 9.04
CA THR B 6 -2.87 -2.08 9.44
C THR B 6 -1.69 -1.75 10.35
N ALA B 7 -0.90 -2.76 10.68
CA ALA B 7 0.25 -2.59 11.53
C ALA B 7 1.25 -3.73 11.32
N ARG B 8 0.90 -4.90 11.82
CA ARG B 8 1.73 -6.11 11.71
C ARG B 8 3.20 -5.84 12.03
N LYS B 9 4.03 -6.86 11.87
CA LYS B 9 5.45 -6.75 12.14
C LYS B 9 6.25 -7.63 11.20
N SER B 10 7.18 -7.03 10.47
CA SER B 10 8.02 -7.76 9.52
C SER B 10 9.49 -7.62 9.86
N THR B 11 10.28 -8.61 9.46
CA THR B 11 11.72 -8.60 9.71
C THR B 11 12.45 -9.56 8.78
N GLY B 12 11.69 -10.46 8.16
CA GLY B 12 12.27 -11.43 7.25
C GLY B 12 11.29 -11.88 6.18
N GLY B 13 11.82 -12.17 4.99
CA GLY B 13 10.98 -12.61 3.89
C GLY B 13 11.41 -12.02 2.56
N LYS B 14 11.51 -12.88 1.55
CA LYS B 14 11.92 -12.44 0.21
C LYS B 14 10.71 -12.32 -0.71
N ALA B 15 10.89 -11.60 -1.81
CA ALA B 15 9.82 -11.41 -2.79
C ALA B 15 10.35 -10.81 -4.10
N PRO B 16 11.10 -9.69 -4.03
CA PRO B 16 11.65 -9.05 -5.23
C PRO B 16 12.90 -9.75 -5.74
N ARG B 17 12.74 -10.97 -6.25
CA ARG B 17 13.86 -11.74 -6.76
C ARG B 17 13.73 -11.96 -8.26
N LYS B 18 14.49 -11.19 -9.03
CA LYS B 18 14.47 -11.29 -10.49
C LYS B 18 13.09 -10.97 -11.04
N GLN B 19 12.23 -10.42 -10.18
CA GLN B 19 10.87 -10.07 -10.58
C GLN B 19 10.87 -8.79 -11.43
N LEU B 20 11.35 -7.70 -10.84
CA LEU B 20 11.41 -6.41 -11.54
C LEU B 20 10.03 -6.04 -12.07
N CYS B 21 9.18 -5.51 -11.19
CA CYS B 21 7.84 -5.11 -11.58
C CYS B 21 7.43 -3.82 -10.86
ZN ZN C . 5.48 3.27 3.93
ZN ZN D . -0.21 -1.85 -8.53
N GLY A 1 -6.53 -15.16 -1.14
CA GLY A 1 -6.46 -13.78 -0.60
C GLY A 1 -6.81 -12.73 -1.65
N SER A 2 -7.16 -11.54 -1.19
CA SER A 2 -7.50 -10.44 -2.09
C SER A 2 -7.52 -9.11 -1.36
N LYS A 3 -7.06 -9.12 -0.12
CA LYS A 3 -7.02 -7.91 0.70
C LYS A 3 -5.66 -7.22 0.55
N ASN A 4 -4.88 -7.66 -0.43
CA ASN A 4 -3.55 -7.10 -0.66
C ASN A 4 -2.64 -7.35 0.52
N GLU A 5 -1.34 -7.32 0.29
CA GLU A 5 -0.38 -7.52 1.37
C GLU A 5 -0.46 -6.33 2.32
N ASP A 6 -0.80 -6.60 3.59
CA ASP A 6 -0.89 -5.54 4.59
C ASP A 6 0.50 -5.04 5.00
N GLU A 7 1.36 -4.82 4.01
CA GLU A 7 2.70 -4.34 4.24
C GLU A 7 3.10 -3.35 3.15
N CYS A 8 3.16 -2.06 3.52
CA CYS A 8 3.52 -1.01 2.57
C CYS A 8 4.74 -1.42 1.74
N ALA A 9 4.50 -1.68 0.46
CA ALA A 9 5.56 -2.12 -0.46
C ALA A 9 6.62 -1.05 -0.71
N VAL A 10 6.60 0.05 0.04
CA VAL A 10 7.60 1.10 -0.16
C VAL A 10 8.56 1.21 1.03
N CYS A 11 8.08 0.95 2.25
CA CYS A 11 8.95 1.08 3.42
C CYS A 11 8.76 -0.08 4.40
N ARG A 12 8.09 -1.13 3.95
CA ARG A 12 7.86 -2.33 4.76
C ARG A 12 7.33 -2.01 6.16
N ASP A 13 6.52 -0.97 6.28
CA ASP A 13 5.96 -0.59 7.58
C ASP A 13 4.44 -0.78 7.59
N GLY A 14 3.83 -0.59 8.76
CA GLY A 14 2.40 -0.75 8.89
C GLY A 14 1.67 0.56 9.10
N GLY A 15 0.34 0.48 9.11
CA GLY A 15 -0.48 1.67 9.29
C GLY A 15 -1.56 1.74 8.24
N GLU A 16 -2.07 2.94 7.97
CA GLU A 16 -3.09 3.11 6.95
C GLU A 16 -2.45 3.06 5.57
N LEU A 17 -2.79 2.03 4.80
CA LEU A 17 -2.24 1.86 3.47
C LEU A 17 -3.34 1.79 2.41
N ILE A 18 -2.96 2.04 1.17
CA ILE A 18 -3.90 2.00 0.05
C ILE A 18 -3.54 0.88 -0.91
N CYS A 19 -4.32 -0.18 -0.87
CA CYS A 19 -4.09 -1.32 -1.74
C CYS A 19 -4.23 -0.92 -3.21
N CYS A 20 -3.52 -1.63 -4.07
CA CYS A 20 -3.55 -1.36 -5.50
C CYS A 20 -4.50 -2.32 -6.21
N ASP A 21 -5.49 -1.75 -6.89
CA ASP A 21 -6.48 -2.55 -7.61
C ASP A 21 -5.80 -3.38 -8.71
N GLY A 22 -4.57 -3.01 -9.04
CA GLY A 22 -3.84 -3.73 -10.07
C GLY A 22 -3.00 -4.86 -9.50
N CYS A 23 -2.31 -4.58 -8.38
CA CYS A 23 -1.47 -5.59 -7.75
C CYS A 23 -1.65 -5.57 -6.23
N PRO A 24 -1.23 -6.65 -5.53
CA PRO A 24 -1.35 -6.77 -4.07
C PRO A 24 -0.38 -5.87 -3.31
N ARG A 25 -0.42 -4.56 -3.56
CA ARG A 25 0.47 -3.64 -2.87
C ARG A 25 -0.28 -2.44 -2.31
N ALA A 26 -0.12 -2.22 -1.00
CA ALA A 26 -0.75 -1.11 -0.33
C ALA A 26 0.31 -0.03 -0.06
N PHE A 27 -0.06 1.26 -0.17
CA PHE A 27 0.90 2.35 0.04
C PHE A 27 0.49 3.29 1.18
N HIS A 28 1.48 3.87 1.85
CA HIS A 28 1.24 4.80 2.97
C HIS A 28 0.83 6.18 2.48
N LEU A 29 0.08 6.25 1.39
CA LEU A 29 -0.37 7.54 0.86
C LEU A 29 0.82 8.38 0.41
N ALA A 30 1.49 8.98 1.39
CA ALA A 30 2.66 9.81 1.12
C ALA A 30 3.85 8.95 0.71
N CYS A 31 3.75 7.65 0.96
CA CYS A 31 4.84 6.72 0.59
C CYS A 31 4.84 6.50 -0.92
N LEU A 32 3.86 7.11 -1.56
CA LEU A 32 3.71 7.01 -3.02
C LEU A 32 4.53 8.08 -3.72
N SER A 33 4.81 7.87 -5.01
CA SER A 33 5.55 8.89 -5.75
C SER A 33 4.77 10.18 -5.59
N PRO A 34 3.45 10.17 -5.90
CA PRO A 34 2.57 11.29 -5.67
C PRO A 34 1.75 10.99 -4.42
N PRO A 35 1.79 11.86 -3.41
CA PRO A 35 1.10 11.60 -2.16
C PRO A 35 -0.38 11.89 -2.21
N LEU A 36 -1.13 10.96 -1.64
CA LEU A 36 -2.59 11.04 -1.59
C LEU A 36 -3.04 11.88 -0.41
N ARG A 37 -2.93 13.20 -0.54
CA ARG A 37 -3.39 14.09 0.53
C ARG A 37 -4.79 13.68 0.94
N GLU A 38 -5.47 13.05 -0.01
CA GLU A 38 -6.83 12.57 0.17
C GLU A 38 -7.04 11.35 -0.72
N ILE A 39 -7.25 10.21 -0.08
CA ILE A 39 -7.44 8.95 -0.76
C ILE A 39 -8.37 9.04 -1.97
N PRO A 40 -7.98 8.37 -3.08
CA PRO A 40 -8.74 8.33 -4.34
C PRO A 40 -10.18 7.87 -4.14
N SER A 41 -11.07 8.32 -5.01
CA SER A 41 -12.48 7.96 -4.93
C SER A 41 -12.79 6.72 -5.75
N GLY A 42 -12.83 5.56 -5.08
CA GLY A 42 -13.10 4.32 -5.78
C GLY A 42 -11.96 3.93 -6.71
N THR A 43 -11.57 2.66 -6.66
CA THR A 43 -10.47 2.16 -7.50
C THR A 43 -9.19 2.98 -7.34
N TRP A 44 -8.08 2.41 -7.78
CA TRP A 44 -6.77 3.08 -7.70
C TRP A 44 -5.66 2.10 -8.03
N ARG A 45 -4.59 2.62 -8.63
CA ARG A 45 -3.45 1.80 -8.99
C ARG A 45 -2.14 2.44 -8.53
N CYS A 46 -1.10 1.62 -8.43
CA CYS A 46 0.19 2.10 -8.00
C CYS A 46 0.97 2.65 -9.19
N SER A 47 1.99 3.46 -8.93
CA SER A 47 2.79 4.05 -10.00
C SER A 47 3.05 3.05 -11.14
N SER A 48 3.31 1.80 -10.78
CA SER A 48 3.60 0.76 -11.77
C SER A 48 2.38 0.45 -12.64
N CYS A 49 1.32 -0.07 -12.04
CA CYS A 49 0.12 -0.43 -12.76
C CYS A 49 -0.52 0.81 -13.38
N LEU A 50 -0.07 1.97 -12.93
CA LEU A 50 -0.57 3.24 -13.40
C LEU A 50 -0.03 3.57 -14.78
N GLN A 51 1.29 3.69 -14.88
CA GLN A 51 1.93 3.99 -16.16
C GLN A 51 1.51 2.96 -17.21
N ALA A 52 1.21 1.75 -16.75
CA ALA A 52 0.78 0.69 -17.65
C ALA A 52 -0.70 0.87 -18.02
N THR A 53 -1.51 1.22 -17.04
CA THR A 53 -2.95 1.42 -17.25
C THR A 53 -3.56 2.21 -16.10
N VAL A 54 -4.08 3.40 -16.40
CA VAL A 54 -4.69 4.25 -15.39
C VAL A 54 -6.11 3.80 -15.09
N GLN A 55 -6.57 4.07 -13.87
CA GLN A 55 -7.92 3.69 -13.45
C GLN A 55 -8.77 4.93 -13.16
N GLU A 56 -8.22 5.84 -12.35
CA GLU A 56 -8.92 7.07 -11.98
C GLU A 56 -10.25 6.76 -11.31
N ALA B 1 -10.40 3.83 -4.25
CA ALA B 1 -8.99 3.59 -3.86
C ALA B 1 -8.80 2.24 -3.17
N ARG B 2 -9.69 1.93 -2.23
CA ARG B 2 -9.61 0.67 -1.48
C ARG B 2 -8.35 0.65 -0.62
N THR B 3 -8.33 1.49 0.41
CA THR B 3 -7.18 1.56 1.31
C THR B 3 -7.42 0.75 2.58
N LYS B 4 -6.58 -0.25 2.80
CA LYS B 4 -6.68 -1.12 3.96
C LYS B 4 -5.59 -0.81 4.99
N GLN B 5 -5.98 -0.60 6.23
CA GLN B 5 -5.05 -0.30 7.32
C GLN B 5 -4.38 -1.59 7.81
N THR B 6 -3.43 -1.45 8.73
CA THR B 6 -2.74 -2.61 9.28
C THR B 6 -1.93 -2.23 10.52
N ALA B 7 -1.74 -3.20 11.42
CA ALA B 7 -0.99 -2.96 12.64
C ALA B 7 0.35 -3.70 12.61
N ARG B 8 1.02 -3.64 11.47
CA ARG B 8 2.32 -4.29 11.30
C ARG B 8 3.39 -3.57 12.10
N LYS B 9 3.98 -4.28 13.07
CA LYS B 9 5.02 -3.71 13.90
C LYS B 9 6.18 -4.70 14.06
N SER B 10 6.19 -5.73 13.22
CA SER B 10 7.24 -6.74 13.26
C SER B 10 8.13 -6.66 12.02
N THR B 11 9.43 -6.65 12.24
CA THR B 11 10.39 -6.56 11.14
C THR B 11 11.04 -7.92 10.87
N GLY B 12 11.43 -8.15 9.62
CA GLY B 12 12.06 -9.41 9.26
C GLY B 12 13.34 -9.21 8.47
N GLY B 13 14.47 -9.26 9.16
CA GLY B 13 15.75 -9.08 8.51
C GLY B 13 16.12 -10.26 7.62
N LYS B 14 16.64 -9.97 6.44
CA LYS B 14 17.03 -11.01 5.50
C LYS B 14 17.96 -10.44 4.42
N ALA B 15 17.42 -9.57 3.59
CA ALA B 15 18.19 -8.96 2.51
C ALA B 15 17.64 -7.58 2.14
N PRO B 16 18.29 -6.49 2.62
CA PRO B 16 17.85 -5.13 2.33
C PRO B 16 17.77 -4.85 0.84
N ARG B 17 18.82 -5.20 0.11
CA ARG B 17 18.87 -4.98 -1.34
C ARG B 17 18.97 -6.32 -2.07
N LYS B 18 19.57 -7.30 -1.41
CA LYS B 18 19.74 -8.64 -1.97
C LYS B 18 20.58 -8.60 -3.25
N GLN B 19 19.93 -8.33 -4.38
CA GLN B 19 20.63 -8.25 -5.65
C GLN B 19 19.83 -7.43 -6.67
N LEU B 20 20.49 -6.43 -7.25
CA LEU B 20 19.84 -5.56 -8.22
C LEU B 20 19.98 -6.13 -9.63
N CYS B 21 18.91 -6.07 -10.41
CA CYS B 21 18.92 -6.58 -11.78
C CYS B 21 18.55 -5.49 -12.77
ZN ZN C . 5.37 3.17 3.87
ZN ZN D . 0.02 -1.99 -8.68
#